data_5WHV
#
_entry.id   5WHV
#
_cell.length_a   140.872
_cell.length_b   94.231
_cell.length_c   125.230
_cell.angle_alpha   90.00
_cell.angle_beta   103.62
_cell.angle_gamma   90.00
#
_symmetry.space_group_name_H-M   'C 1 2 1'
#
loop_
_entity.id
_entity.type
_entity.pdbx_description
1 polymer 'ArtB protein'
2 non-polymer DI(HYDROXYETHYL)ETHER
3 non-polymer '2-(N-MORPHOLINO)-ETHANESULFONIC ACID'
4 non-polymer 'CHLORIDE ION'
5 non-polymer 'CALCIUM ION'
6 water water
#
_entity_poly.entity_id   1
_entity_poly.type   'polypeptide(L)'
_entity_poly.pdbx_seq_one_letter_code
;MKNKLKVLALTLASLSSVCYANMADYNTYQSNVQINNLSYGVYRSGDKESQFFCVGLKRGSQVPNVHTICKIDVFGTHKQ
GFDNMLATARYYYATGEDVRIYYKENVWTDRNFTAAFSGNELIAITTCTSSDYCMGPTLPNLEHHHHHH
;
_entity_poly.pdbx_strand_id   A,B,C,D,E,F,G,H,I,J
#
loop_
_chem_comp.id
_chem_comp.type
_chem_comp.name
_chem_comp.formula
CA non-polymer 'CALCIUM ION' 'Ca 2'
CL non-polymer 'CHLORIDE ION' 'Cl -1'
MES non-polymer '2-(N-MORPHOLINO)-ETHANESULFONIC ACID' 'C6 H13 N O4 S'
PEG non-polymer DI(HYDROXYETHYL)ETHER 'C4 H10 O3'
#
# COMPACT_ATOMS: atom_id res chain seq x y z
N ASN A 22 -22.52 -30.30 21.50
CA ASN A 22 -22.32 -29.61 20.23
C ASN A 22 -23.42 -28.59 19.95
N MET A 23 -23.12 -27.59 19.13
CA MET A 23 -24.11 -26.59 18.72
C MET A 23 -25.07 -27.12 17.64
N ALA A 24 -26.37 -27.08 17.91
CA ALA A 24 -27.29 -27.49 16.86
C ALA A 24 -26.99 -26.74 15.56
N ASP A 25 -27.36 -27.36 14.44
CA ASP A 25 -27.06 -26.85 13.12
C ASP A 25 -25.60 -26.42 12.82
N TYR A 26 -24.64 -26.86 13.63
CA TYR A 26 -23.24 -26.49 13.34
C TYR A 26 -22.32 -27.66 12.97
N ASN A 27 -22.93 -28.78 12.61
CA ASN A 27 -22.19 -30.01 12.33
C ASN A 27 -21.82 -30.23 10.86
N THR A 28 -22.32 -29.38 9.98
CA THR A 28 -22.00 -29.44 8.56
C THR A 28 -21.33 -28.14 8.10
N TYR A 29 -20.11 -28.27 7.59
CA TYR A 29 -19.34 -27.08 7.20
C TYR A 29 -18.24 -27.43 6.21
N GLN A 30 -17.77 -26.42 5.51
CA GLN A 30 -16.61 -26.52 4.64
C GLN A 30 -15.56 -25.55 5.15
N SER A 31 -14.37 -26.05 5.42
CA SER A 31 -13.29 -25.25 5.99
C SER A 31 -12.32 -24.77 4.91
N ASN A 32 -11.75 -23.58 5.07
CA ASN A 32 -10.77 -23.10 4.08
C ASN A 32 -11.29 -23.12 2.65
N VAL A 33 -12.46 -22.53 2.47
CA VAL A 33 -13.00 -22.31 1.12
C VAL A 33 -12.97 -20.80 0.89
N GLN A 34 -13.25 -20.36 -0.34
CA GLN A 34 -13.38 -18.95 -0.63
C GLN A 34 -14.72 -18.69 -1.30
N ILE A 35 -15.31 -17.54 -1.02
CA ILE A 35 -16.53 -17.15 -1.70
C ILE A 35 -16.13 -16.50 -3.01
N ASN A 36 -16.41 -17.14 -4.14
N ASN A 36 -16.52 -17.12 -4.12
CA ASN A 36 -16.04 -16.56 -5.43
CA ASN A 36 -16.09 -16.69 -5.44
C ASN A 36 -17.22 -16.14 -6.32
C ASN A 36 -17.23 -16.24 -6.35
N ASN A 37 -18.45 -16.33 -5.85
CA ASN A 37 -19.63 -15.83 -6.58
C ASN A 37 -20.73 -15.46 -5.62
N LEU A 38 -21.55 -14.52 -6.05
CA LEU A 38 -22.59 -13.99 -5.21
C LEU A 38 -23.85 -13.72 -6.03
N SER A 39 -25.01 -14.08 -5.47
CA SER A 39 -26.30 -13.74 -6.07
C SER A 39 -27.13 -13.03 -5.00
N TYR A 40 -27.79 -11.93 -5.39
CA TYR A 40 -28.81 -11.33 -4.54
C TYR A 40 -30.05 -11.02 -5.35
N GLY A 41 -31.22 -11.35 -4.82
CA GLY A 41 -32.42 -11.13 -5.59
C GLY A 41 -33.68 -11.07 -4.77
N VAL A 42 -34.76 -10.63 -5.42
CA VAL A 42 -36.08 -10.67 -4.81
C VAL A 42 -36.91 -11.66 -5.62
N TYR A 43 -37.87 -12.31 -4.96
CA TYR A 43 -38.52 -13.47 -5.53
C TYR A 43 -39.76 -13.87 -4.74
N ARG A 44 -40.85 -14.18 -5.44
CA ARG A 44 -42.04 -14.68 -4.75
C ARG A 44 -41.95 -16.19 -4.72
N SER A 45 -42.00 -16.75 -3.53
CA SER A 45 -41.89 -18.18 -3.35
C SER A 45 -43.08 -18.65 -2.54
N GLY A 46 -43.87 -19.52 -3.14
CA GLY A 46 -45.13 -19.88 -2.53
C GLY A 46 -46.02 -18.66 -2.47
N ASP A 47 -46.41 -18.30 -1.26
CA ASP A 47 -47.28 -17.15 -1.05
C ASP A 47 -46.51 -15.97 -0.43
N LYS A 48 -45.19 -16.07 -0.41
CA LYS A 48 -44.37 -15.05 0.24
C LYS A 48 -43.44 -14.24 -0.68
N GLU A 49 -43.44 -12.92 -0.49
CA GLU A 49 -42.47 -12.08 -1.16
C GLU A 49 -41.16 -12.14 -0.39
N SER A 50 -40.10 -12.61 -1.02
CA SER A 50 -38.85 -12.80 -0.28
C SER A 50 -37.64 -12.10 -0.92
N GLN A 51 -36.59 -11.95 -0.11
CA GLN A 51 -35.24 -11.67 -0.58
C GLN A 51 -34.42 -12.92 -0.37
N PHE A 52 -33.43 -13.12 -1.23
CA PHE A 52 -32.45 -14.16 -0.99
C PHE A 52 -31.06 -13.75 -1.44
N PHE A 53 -30.05 -14.40 -0.87
CA PHE A 53 -28.74 -14.40 -1.51
C PHE A 53 -28.11 -15.78 -1.46
N CYS A 54 -27.18 -16.02 -2.38
CA CYS A 54 -26.43 -17.26 -2.39
C CYS A 54 -24.96 -16.94 -2.61
N VAL A 55 -24.10 -17.68 -1.89
CA VAL A 55 -22.67 -17.61 -2.13
C VAL A 55 -22.25 -18.82 -2.96
N GLY A 56 -21.31 -18.61 -3.88
CA GLY A 56 -20.71 -19.72 -4.59
C GLY A 56 -19.31 -19.93 -4.04
N LEU A 57 -18.94 -21.19 -3.82
CA LEU A 57 -17.71 -21.52 -3.11
C LEU A 57 -16.70 -22.18 -4.02
N LYS A 58 -15.44 -21.85 -3.80
CA LYS A 58 -14.34 -22.60 -4.39
C LYS A 58 -13.35 -22.95 -3.28
N ARG A 59 -12.48 -23.89 -3.60
CA ARG A 59 -11.38 -24.21 -2.72
C ARG A 59 -10.13 -24.17 -3.59
N GLY A 60 -9.52 -23.00 -3.64
CA GLY A 60 -8.44 -22.78 -4.59
C GLY A 60 -8.97 -22.85 -6.00
N SER A 61 -8.43 -23.77 -6.78
CA SER A 61 -8.84 -23.93 -8.17
C SER A 61 -9.96 -24.94 -8.28
N GLN A 62 -10.29 -25.56 -7.15
CA GLN A 62 -11.30 -26.61 -7.11
C GLN A 62 -12.66 -26.05 -6.71
N VAL A 63 -13.71 -26.74 -7.11
CA VAL A 63 -15.06 -26.38 -6.71
C VAL A 63 -15.60 -27.55 -5.90
N PRO A 64 -15.84 -27.33 -4.61
CA PRO A 64 -16.29 -28.46 -3.79
C PRO A 64 -17.65 -28.98 -4.26
N ASN A 65 -17.94 -30.25 -3.96
CA ASN A 65 -19.20 -30.89 -4.36
C ASN A 65 -20.42 -30.08 -3.96
N VAL A 66 -20.48 -29.68 -2.68
CA VAL A 66 -21.48 -28.72 -2.25
C VAL A 66 -20.86 -27.34 -2.33
N HIS A 67 -21.38 -26.53 -3.25
CA HIS A 67 -20.75 -25.25 -3.60
C HIS A 67 -21.67 -24.05 -3.62
N THR A 68 -22.96 -24.28 -3.40
CA THR A 68 -23.93 -23.19 -3.42
C THR A 68 -24.77 -23.19 -2.16
N ILE A 69 -24.71 -22.07 -1.45
CA ILE A 69 -25.38 -21.91 -0.15
C ILE A 69 -26.17 -20.61 -0.12
N CYS A 70 -27.39 -20.68 0.40
CA CYS A 70 -28.32 -19.55 0.32
C CYS A 70 -28.95 -19.21 1.66
N LYS A 71 -29.40 -17.95 1.76
CA LYS A 71 -30.15 -17.49 2.92
C LYS A 71 -31.34 -16.69 2.40
N ILE A 72 -32.49 -16.86 3.03
CA ILE A 72 -33.72 -16.24 2.55
C ILE A 72 -34.37 -15.53 3.73
N ASP A 73 -34.83 -14.30 3.53
CA ASP A 73 -35.25 -13.48 4.66
C ASP A 73 -36.49 -14.01 5.39
N VAL A 74 -37.45 -14.53 4.63
CA VAL A 74 -38.72 -14.97 5.21
C VAL A 74 -38.91 -16.50 5.23
N PHE A 75 -37.89 -17.27 4.88
CA PHE A 75 -37.98 -18.74 4.95
C PHE A 75 -36.77 -19.32 5.66
N GLY A 76 -36.89 -20.56 6.14
CA GLY A 76 -35.72 -21.28 6.63
C GLY A 76 -35.74 -21.69 8.08
N THR A 77 -34.74 -22.47 8.47
CA THR A 77 -34.61 -22.87 9.87
C THR A 77 -34.24 -21.66 10.74
N HIS A 78 -33.55 -20.66 10.18
CA HIS A 78 -33.23 -19.43 10.92
C HIS A 78 -33.40 -18.17 10.07
N LYS A 79 -34.51 -17.47 10.26
CA LYS A 79 -34.85 -16.28 9.47
C LYS A 79 -34.08 -15.00 9.89
N GLN A 80 -33.60 -14.98 11.13
CA GLN A 80 -32.85 -13.83 11.64
C GLN A 80 -31.49 -13.66 10.95
N GLY A 81 -30.95 -12.45 11.03
CA GLY A 81 -29.59 -12.19 10.57
C GLY A 81 -29.43 -12.11 9.05
N PHE A 82 -30.51 -11.82 8.33
CA PHE A 82 -30.40 -11.74 6.88
C PHE A 82 -29.44 -10.64 6.43
N ASP A 83 -29.65 -9.43 6.91
CA ASP A 83 -28.83 -8.29 6.50
C ASP A 83 -27.37 -8.46 6.93
N ASN A 84 -27.17 -8.92 8.17
CA ASN A 84 -25.82 -9.08 8.69
C ASN A 84 -25.07 -10.20 7.97
N MET A 85 -25.78 -11.26 7.65
CA MET A 85 -25.16 -12.39 6.94
C MET A 85 -24.82 -11.97 5.52
N LEU A 86 -25.69 -11.19 4.90
CA LEU A 86 -25.43 -10.67 3.58
C LEU A 86 -24.18 -9.78 3.57
N ALA A 87 -24.12 -8.83 4.49
CA ALA A 87 -22.97 -7.92 4.57
C ALA A 87 -21.71 -8.72 4.82
N THR A 88 -21.80 -9.70 5.72
CA THR A 88 -20.66 -10.57 6.03
C THR A 88 -20.20 -11.33 4.78
N ALA A 89 -21.16 -11.93 4.08
CA ALA A 89 -20.82 -12.67 2.85
C ALA A 89 -20.18 -11.71 1.84
N ARG A 90 -20.73 -10.52 1.68
CA ARG A 90 -20.17 -9.56 0.72
C ARG A 90 -18.73 -9.15 1.06
N TYR A 91 -18.43 -8.93 2.33
CA TYR A 91 -17.07 -8.58 2.70
C TYR A 91 -16.06 -9.66 2.29
N TYR A 92 -16.38 -10.91 2.58
CA TYR A 92 -15.45 -12.00 2.28
C TYR A 92 -15.38 -12.29 0.77
N TYR A 93 -16.47 -12.02 0.06
CA TYR A 93 -16.39 -12.07 -1.37
C TYR A 93 -15.38 -11.04 -1.84
N ALA A 94 -15.40 -9.85 -1.24
CA ALA A 94 -14.47 -8.78 -1.64
C ALA A 94 -13.01 -9.10 -1.34
N THR A 95 -12.72 -9.67 -0.17
CA THR A 95 -11.33 -9.98 0.19
C THR A 95 -10.89 -11.29 -0.47
N GLY A 96 -11.85 -12.18 -0.71
CA GLY A 96 -11.56 -13.49 -1.25
C GLY A 96 -10.79 -14.37 -0.28
N GLU A 97 -10.84 -14.01 1.00
CA GLU A 97 -10.02 -14.70 1.99
C GLU A 97 -10.56 -16.08 2.38
N ASP A 98 -9.72 -16.86 3.05
CA ASP A 98 -10.10 -18.19 3.52
C ASP A 98 -11.13 -18.15 4.64
N VAL A 99 -12.25 -18.83 4.43
CA VAL A 99 -13.30 -18.91 5.43
C VAL A 99 -13.79 -20.34 5.65
N ARG A 100 -14.53 -20.54 6.74
CA ARG A 100 -15.31 -21.76 6.96
C ARG A 100 -16.77 -21.37 6.85
N ILE A 101 -17.52 -22.15 6.07
CA ILE A 101 -18.94 -21.92 5.88
C ILE A 101 -19.73 -23.03 6.58
N TYR A 102 -20.56 -22.65 7.56
CA TYR A 102 -21.45 -23.62 8.18
C TYR A 102 -22.82 -23.55 7.51
N TYR A 103 -23.38 -24.71 7.18
CA TYR A 103 -24.65 -24.73 6.45
C TYR A 103 -25.52 -25.94 6.78
N LYS A 104 -26.78 -25.84 6.38
CA LYS A 104 -27.73 -26.92 6.60
C LYS A 104 -28.29 -27.37 5.26
N GLU A 105 -28.22 -28.68 5.01
CA GLU A 105 -28.63 -29.26 3.74
C GLU A 105 -30.11 -29.54 3.66
N ASN A 106 -30.60 -29.60 2.42
CA ASN A 106 -31.98 -30.02 2.15
C ASN A 106 -33.02 -29.24 2.93
N VAL A 107 -32.91 -27.92 2.89
CA VAL A 107 -33.86 -27.04 3.57
C VAL A 107 -34.95 -26.51 2.60
N TRP A 108 -34.53 -25.87 1.51
CA TRP A 108 -35.48 -25.23 0.62
C TRP A 108 -36.36 -26.23 -0.13
N THR A 109 -37.66 -25.98 -0.13
CA THR A 109 -38.60 -26.90 -0.76
C THR A 109 -39.14 -26.39 -2.10
N ASP A 110 -38.79 -25.16 -2.44
CA ASP A 110 -39.17 -24.62 -3.75
C ASP A 110 -38.23 -25.18 -4.81
N ARG A 111 -38.74 -26.14 -5.58
CA ARG A 111 -37.89 -26.85 -6.54
C ARG A 111 -37.41 -25.93 -7.67
N ASN A 112 -38.13 -24.83 -7.92
CA ASN A 112 -37.63 -23.85 -8.86
C ASN A 112 -36.38 -23.17 -8.31
N PHE A 113 -36.40 -22.83 -7.03
CA PHE A 113 -35.24 -22.20 -6.43
C PHE A 113 -34.08 -23.19 -6.31
N THR A 114 -34.33 -24.38 -5.81
CA THR A 114 -33.23 -25.32 -5.56
C THR A 114 -32.57 -25.75 -6.86
N ALA A 115 -33.35 -25.83 -7.95
CA ALA A 115 -32.80 -26.17 -9.26
C ALA A 115 -31.90 -25.06 -9.83
N ALA A 116 -32.27 -23.81 -9.58
CA ALA A 116 -31.48 -22.67 -10.03
C ALA A 116 -30.30 -22.43 -9.08
N PHE A 117 -30.51 -22.70 -7.80
CA PHE A 117 -29.47 -22.47 -6.81
C PHE A 117 -29.14 -23.74 -6.02
N SER A 118 -29.75 -23.92 -4.85
CA SER A 118 -29.56 -25.17 -4.10
C SER A 118 -30.60 -25.31 -2.97
N GLY A 119 -30.52 -26.40 -2.21
CA GLY A 119 -31.34 -26.56 -1.02
C GLY A 119 -30.63 -26.20 0.27
N ASN A 120 -29.40 -25.71 0.17
CA ASN A 120 -28.57 -25.44 1.34
C ASN A 120 -28.85 -24.08 2.00
N GLU A 121 -29.01 -24.09 3.33
CA GLU A 121 -29.18 -22.87 4.10
C GLU A 121 -27.90 -22.42 4.78
N LEU A 122 -27.58 -21.15 4.61
CA LEU A 122 -26.39 -20.58 5.22
C LEU A 122 -26.60 -20.32 6.71
N ILE A 123 -25.69 -20.85 7.55
CA ILE A 123 -25.84 -20.80 9.01
C ILE A 123 -24.82 -19.86 9.68
N ALA A 124 -23.57 -19.92 9.23
CA ALA A 124 -22.47 -19.10 9.77
C ALA A 124 -21.26 -19.03 8.84
N ILE A 125 -20.48 -17.96 9.01
CA ILE A 125 -19.21 -17.80 8.32
C ILE A 125 -18.14 -17.39 9.34
N THR A 126 -17.02 -18.07 9.29
CA THR A 126 -15.95 -17.71 10.22
C THR A 126 -14.67 -17.62 9.42
N THR A 127 -13.68 -16.93 9.97
CA THR A 127 -12.42 -16.74 9.25
C THR A 127 -11.43 -17.83 9.61
N CYS A 128 -10.37 -17.93 8.82
CA CYS A 128 -9.36 -18.98 8.98
C CYS A 128 -8.00 -18.34 9.15
N THR A 129 -7.23 -18.89 10.08
CA THR A 129 -5.89 -18.43 10.38
C THR A 129 -4.80 -19.22 9.68
N SER A 130 -5.10 -20.46 9.35
CA SER A 130 -4.13 -21.32 8.67
C SER A 130 -4.87 -22.43 7.97
N SER A 131 -4.11 -23.33 7.35
CA SER A 131 -4.69 -24.46 6.67
C SER A 131 -5.38 -25.41 7.66
N ASP A 132 -4.98 -25.37 8.93
CA ASP A 132 -5.54 -26.28 9.92
C ASP A 132 -6.52 -25.64 10.87
N TYR A 133 -6.62 -24.32 10.83
CA TYR A 133 -7.45 -23.61 11.79
C TYR A 133 -8.39 -22.59 11.22
N CYS A 134 -9.68 -22.80 11.42
CA CYS A 134 -10.66 -21.75 11.21
C CYS A 134 -11.40 -21.60 12.52
N MET A 135 -11.89 -20.40 12.80
CA MET A 135 -12.64 -20.16 14.01
C MET A 135 -13.94 -20.95 14.00
N GLY A 136 -14.42 -21.34 15.18
CA GLY A 136 -15.69 -22.03 15.31
C GLY A 136 -15.50 -23.50 15.60
N PRO A 137 -16.59 -24.19 15.99
CA PRO A 137 -16.63 -25.60 16.41
C PRO A 137 -16.35 -26.59 15.27
N THR A 138 -15.58 -27.64 15.56
CA THR A 138 -15.31 -28.67 14.56
C THR A 138 -15.73 -30.05 15.02
N LEU A 139 -16.02 -30.94 14.08
CA LEU A 139 -16.22 -32.35 14.41
C LEU A 139 -14.89 -33.09 14.47
N ASN B 22 -42.04 16.12 -17.60
CA ASN B 22 -40.83 16.12 -16.78
C ASN B 22 -41.14 15.55 -15.41
N MET B 23 -40.13 15.01 -14.76
CA MET B 23 -40.23 14.53 -13.40
C MET B 23 -40.24 15.74 -12.49
N ALA B 24 -41.33 15.94 -11.75
CA ALA B 24 -41.37 17.06 -10.83
C ALA B 24 -40.10 17.09 -9.95
N ASP B 25 -39.77 18.29 -9.46
CA ASP B 25 -38.53 18.49 -8.70
C ASP B 25 -37.20 17.97 -9.31
N TYR B 26 -37.15 17.70 -10.62
CA TYR B 26 -35.88 17.29 -11.25
C TYR B 26 -35.40 18.29 -12.31
N ASN B 27 -35.95 19.48 -12.30
N ASN B 27 -35.99 19.47 -12.31
CA ASN B 27 -35.65 20.45 -13.34
CA ASN B 27 -35.69 20.48 -13.33
C ASN B 27 -34.48 21.37 -12.99
C ASN B 27 -34.50 21.38 -12.99
N THR B 28 -33.99 21.26 -11.76
CA THR B 28 -32.87 22.07 -11.30
C THR B 28 -31.71 21.19 -10.87
N TYR B 29 -30.58 21.33 -11.55
CA TYR B 29 -29.43 20.45 -11.29
C TYR B 29 -28.14 21.07 -11.77
N GLN B 30 -27.02 20.58 -11.24
CA GLN B 30 -25.70 20.95 -11.72
C GLN B 30 -24.94 19.69 -12.13
N SER B 31 -24.43 19.70 -13.35
CA SER B 31 -23.78 18.54 -13.93
C SER B 31 -22.26 18.56 -13.81
N ASN B 32 -21.66 17.39 -13.68
CA ASN B 32 -20.20 17.32 -13.64
C ASN B 32 -19.59 18.19 -12.57
N VAL B 33 -20.11 18.06 -11.36
CA VAL B 33 -19.53 18.69 -10.19
C VAL B 33 -18.92 17.60 -9.33
N GLN B 34 -18.18 18.02 -8.32
CA GLN B 34 -17.63 17.10 -7.34
C GLN B 34 -18.11 17.53 -5.97
N ILE B 35 -18.39 16.56 -5.11
CA ILE B 35 -18.73 16.86 -3.73
C ILE B 35 -17.42 17.03 -2.96
N ASN B 36 -17.09 18.28 -2.59
CA ASN B 36 -15.81 18.53 -1.96
C ASN B 36 -15.90 18.90 -0.47
N ASN B 37 -17.13 18.94 0.05
CA ASN B 37 -17.33 19.11 1.48
C ASN B 37 -18.61 18.42 1.95
N LEU B 38 -18.62 18.05 3.23
CA LEU B 38 -19.74 17.32 3.77
C LEU B 38 -20.01 17.79 5.19
N SER B 39 -21.28 17.98 5.52
CA SER B 39 -21.68 18.31 6.89
C SER B 39 -22.74 17.29 7.32
N TYR B 40 -22.62 16.76 8.53
CA TYR B 40 -23.69 16.00 9.18
C TYR B 40 -23.85 16.51 10.60
N GLY B 41 -25.09 16.68 11.04
CA GLY B 41 -25.32 17.18 12.38
C GLY B 41 -26.72 16.90 12.88
N VAL B 42 -26.91 17.09 14.18
CA VAL B 42 -28.24 17.04 14.75
C VAL B 42 -28.62 18.46 15.15
N TYR B 43 -29.91 18.75 15.13
CA TYR B 43 -30.36 20.10 15.25
C TYR B 43 -31.86 20.17 15.50
N ARG B 44 -32.21 21.02 16.46
CA ARG B 44 -33.58 21.34 16.78
C ARG B 44 -33.97 22.59 16.00
N SER B 45 -35.05 22.49 15.24
CA SER B 45 -35.53 23.59 14.43
C SER B 45 -36.99 23.78 14.77
N GLY B 46 -37.31 24.97 15.27
CA GLY B 46 -38.62 25.20 15.86
C GLY B 46 -38.64 24.28 17.06
N ASP B 47 -39.65 23.41 17.14
CA ASP B 47 -39.74 22.45 18.23
C ASP B 47 -39.47 21.00 17.79
N LYS B 48 -38.89 20.81 16.62
CA LYS B 48 -38.67 19.45 16.14
C LYS B 48 -37.20 19.07 16.17
N GLU B 49 -36.92 17.90 16.73
CA GLU B 49 -35.56 17.36 16.72
C GLU B 49 -35.26 16.72 15.36
N SER B 50 -34.22 17.21 14.69
CA SER B 50 -33.94 16.75 13.33
C SER B 50 -32.51 16.25 13.17
N GLN B 51 -32.29 15.51 12.09
CA GLN B 51 -30.95 15.30 11.57
C GLN B 51 -30.86 16.05 10.25
N PHE B 52 -29.65 16.49 9.93
CA PHE B 52 -29.40 17.03 8.60
C PHE B 52 -28.01 16.65 8.10
N PHE B 53 -27.86 16.62 6.77
CA PHE B 53 -26.53 16.69 6.18
C PHE B 53 -26.53 17.65 4.99
N CYS B 54 -25.37 18.17 4.63
CA CYS B 54 -25.24 19.05 3.47
C CYS B 54 -24.02 18.65 2.66
N VAL B 55 -24.13 18.70 1.33
CA VAL B 55 -22.95 18.53 0.49
C VAL B 55 -22.48 19.92 0.02
N GLY B 56 -21.16 20.10 -0.02
CA GLY B 56 -20.55 21.29 -0.60
C GLY B 56 -20.00 20.90 -1.96
N LEU B 57 -20.16 21.78 -2.94
CA LEU B 57 -19.82 21.44 -4.33
C LEU B 57 -18.67 22.29 -4.89
N LYS B 58 -17.86 21.67 -5.73
CA LYS B 58 -16.92 22.38 -6.58
C LYS B 58 -17.11 21.88 -8.00
N ARG B 59 -16.62 22.63 -8.97
CA ARG B 59 -16.54 22.16 -10.34
C ARG B 59 -15.15 22.46 -10.82
N GLY B 60 -14.24 21.51 -10.65
CA GLY B 60 -12.84 21.80 -10.88
C GLY B 60 -12.38 22.84 -9.86
N SER B 61 -11.88 23.97 -10.37
CA SER B 61 -11.43 25.05 -9.51
C SER B 61 -12.58 26.04 -9.31
N GLN B 62 -13.69 25.75 -9.97
CA GLN B 62 -14.85 26.64 -9.99
C GLN B 62 -15.83 26.31 -8.88
N VAL B 63 -16.63 27.30 -8.53
CA VAL B 63 -17.73 27.13 -7.58
C VAL B 63 -19.02 27.38 -8.35
N PRO B 64 -19.82 26.32 -8.48
CA PRO B 64 -21.09 26.33 -9.23
C PRO B 64 -22.09 27.31 -8.62
N ASN B 65 -23.09 27.72 -9.40
CA ASN B 65 -24.06 28.73 -8.94
C ASN B 65 -24.61 28.41 -7.54
N VAL B 66 -25.14 27.20 -7.39
CA VAL B 66 -25.53 26.63 -6.10
C VAL B 66 -24.40 25.71 -5.64
N HIS B 67 -23.85 25.91 -4.43
CA HIS B 67 -22.70 25.10 -4.01
C HIS B 67 -22.94 24.37 -2.68
N THR B 68 -24.07 24.64 -2.05
CA THR B 68 -24.44 23.98 -0.79
C THR B 68 -25.87 23.41 -0.85
N ILE B 69 -25.99 22.09 -0.68
CA ILE B 69 -27.29 21.42 -0.74
C ILE B 69 -27.47 20.50 0.44
N CYS B 70 -28.66 20.52 1.03
CA CYS B 70 -28.91 19.84 2.29
C CYS B 70 -30.16 18.96 2.23
N LYS B 71 -30.17 17.98 3.12
CA LYS B 71 -31.31 17.09 3.32
C LYS B 71 -31.58 16.94 4.81
N ILE B 72 -32.85 16.95 5.19
CA ILE B 72 -33.25 16.92 6.59
C ILE B 72 -34.27 15.83 6.84
N ASP B 73 -34.10 15.07 7.92
CA ASP B 73 -34.89 13.85 8.10
C ASP B 73 -36.39 14.11 8.32
N VAL B 74 -36.72 15.13 9.11
CA VAL B 74 -38.13 15.42 9.44
C VAL B 74 -38.68 16.68 8.77
N PHE B 75 -37.92 17.29 7.86
CA PHE B 75 -38.41 18.49 7.17
C PHE B 75 -38.17 18.34 5.68
N GLY B 76 -38.89 19.12 4.88
CA GLY B 76 -38.59 19.23 3.47
C GLY B 76 -39.71 18.74 2.59
N THR B 77 -39.53 18.92 1.27
CA THR B 77 -40.49 18.41 0.31
C THR B 77 -40.46 16.86 0.24
N HIS B 78 -39.32 16.24 0.55
CA HIS B 78 -39.21 14.77 0.59
C HIS B 78 -38.41 14.26 1.78
N LYS B 79 -39.12 13.77 2.79
CA LYS B 79 -38.48 13.35 4.04
C LYS B 79 -37.85 11.97 3.93
N GLN B 80 -38.35 11.18 2.98
CA GLN B 80 -37.86 9.82 2.82
C GLN B 80 -36.41 9.79 2.34
N GLY B 81 -35.74 8.67 2.59
CA GLY B 81 -34.41 8.46 2.05
C GLY B 81 -33.26 9.20 2.69
N PHE B 82 -33.41 9.65 3.94
CA PHE B 82 -32.31 10.37 4.59
C PHE B 82 -31.05 9.51 4.65
N ASP B 83 -31.18 8.28 5.16
CA ASP B 83 -30.02 7.42 5.33
C ASP B 83 -29.34 7.02 3.99
N ASN B 84 -30.13 6.65 3.00
CA ASN B 84 -29.57 6.28 1.69
C ASN B 84 -28.91 7.47 1.00
N MET B 85 -29.53 8.64 1.12
CA MET B 85 -28.98 9.82 0.48
C MET B 85 -27.66 10.21 1.13
N LEU B 86 -27.61 10.09 2.45
CA LEU B 86 -26.38 10.35 3.20
C LEU B 86 -25.24 9.38 2.81
N ALA B 87 -25.53 8.08 2.80
CA ALA B 87 -24.52 7.11 2.41
C ALA B 87 -24.10 7.36 0.97
N THR B 88 -25.07 7.65 0.10
CA THR B 88 -24.75 7.93 -1.31
C THR B 88 -23.82 9.16 -1.42
N ALA B 89 -24.18 10.25 -0.74
CA ALA B 89 -23.33 11.45 -0.76
C ALA B 89 -21.95 11.15 -0.19
N ARG B 90 -21.92 10.40 0.91
CA ARG B 90 -20.64 10.10 1.52
C ARG B 90 -19.77 9.33 0.56
N TYR B 91 -20.37 8.39 -0.18
CA TYR B 91 -19.58 7.63 -1.16
C TYR B 91 -18.93 8.52 -2.22
N TYR B 92 -19.70 9.45 -2.79
CA TYR B 92 -19.17 10.34 -3.83
C TYR B 92 -18.18 11.35 -3.28
N TYR B 93 -18.34 11.72 -2.01
CA TYR B 93 -17.32 12.54 -1.36
C TYR B 93 -16.02 11.78 -1.28
N ALA B 94 -16.12 10.49 -0.96
CA ALA B 94 -14.93 9.66 -0.83
C ALA B 94 -14.16 9.50 -2.14
N THR B 95 -14.88 9.28 -3.24
CA THR B 95 -14.23 9.08 -4.53
C THR B 95 -13.85 10.39 -5.21
N GLY B 96 -14.64 11.44 -4.91
CA GLY B 96 -14.49 12.75 -5.54
C GLY B 96 -14.84 12.76 -7.03
N GLU B 97 -15.61 11.79 -7.47
CA GLU B 97 -15.92 11.64 -8.90
C GLU B 97 -16.94 12.66 -9.42
N ASP B 98 -17.05 12.79 -10.74
CA ASP B 98 -18.05 13.69 -11.34
C ASP B 98 -19.44 13.14 -11.11
N VAL B 99 -20.31 13.97 -10.55
CA VAL B 99 -21.70 13.60 -10.35
C VAL B 99 -22.63 14.69 -10.87
N ARG B 100 -23.91 14.36 -11.02
CA ARG B 100 -24.91 15.39 -11.22
C ARG B 100 -25.75 15.46 -9.96
N ILE B 101 -25.95 16.68 -9.49
CA ILE B 101 -26.77 16.95 -8.32
C ILE B 101 -28.07 17.63 -8.72
N TYR B 102 -29.18 16.96 -8.42
CA TYR B 102 -30.51 17.52 -8.57
C TYR B 102 -30.93 18.11 -7.23
N TYR B 103 -31.50 19.30 -7.24
CA TYR B 103 -31.86 19.98 -6.01
C TYR B 103 -33.08 20.87 -6.18
N LYS B 104 -33.64 21.30 -5.05
CA LYS B 104 -34.79 22.19 -5.05
C LYS B 104 -34.43 23.45 -4.24
N GLU B 105 -34.63 24.60 -4.84
CA GLU B 105 -34.24 25.88 -4.25
C GLU B 105 -35.32 26.44 -3.32
N ASN B 106 -34.90 27.31 -2.41
CA ASN B 106 -35.83 28.02 -1.54
C ASN B 106 -36.76 27.08 -0.80
N VAL B 107 -36.21 26.05 -0.17
CA VAL B 107 -37.03 25.12 0.59
C VAL B 107 -37.03 25.45 2.09
N TRP B 108 -35.85 25.53 2.69
CA TRP B 108 -35.76 25.72 4.14
C TRP B 108 -36.20 27.11 4.57
N THR B 109 -37.01 27.15 5.63
CA THR B 109 -37.57 28.39 6.14
C THR B 109 -36.88 28.86 7.43
N ASP B 110 -35.99 28.02 7.97
CA ASP B 110 -35.21 28.38 9.14
C ASP B 110 -34.03 29.27 8.73
N ARG B 111 -34.12 30.58 8.97
CA ARG B 111 -33.11 31.52 8.49
C ARG B 111 -31.75 31.32 9.17
N ASN B 112 -31.76 30.75 10.36
CA ASN B 112 -30.50 30.39 10.99
C ASN B 112 -29.81 29.27 10.19
N PHE B 113 -30.59 28.29 9.75
CA PHE B 113 -30.04 27.18 8.95
C PHE B 113 -29.60 27.66 7.56
N THR B 114 -30.42 28.48 6.90
CA THR B 114 -30.07 28.90 5.53
C THR B 114 -28.83 29.81 5.48
N ALA B 115 -28.67 30.64 6.50
CA ALA B 115 -27.49 31.50 6.57
C ALA B 115 -26.25 30.66 6.82
N ALA B 116 -26.40 29.60 7.62
CA ALA B 116 -25.27 28.73 7.95
C ALA B 116 -24.98 27.78 6.80
N PHE B 117 -26.03 27.35 6.09
CA PHE B 117 -25.86 26.42 4.97
C PHE B 117 -26.49 26.96 3.68
N SER B 118 -27.73 26.56 3.39
CA SER B 118 -28.47 27.13 2.25
C SER B 118 -29.97 26.81 2.36
N GLY B 119 -30.75 27.27 1.39
CA GLY B 119 -32.17 26.93 1.35
C GLY B 119 -32.43 25.74 0.43
N ASN B 120 -31.35 25.13 -0.04
CA ASN B 120 -31.44 24.06 -1.04
C ASN B 120 -31.67 22.66 -0.46
N GLU B 121 -32.64 21.97 -1.04
CA GLU B 121 -32.92 20.59 -0.67
C GLU B 121 -32.36 19.63 -1.70
N LEU B 122 -31.61 18.63 -1.24
CA LEU B 122 -31.04 17.62 -2.12
C LEU B 122 -32.11 16.62 -2.61
N ILE B 123 -32.21 16.43 -3.92
CA ILE B 123 -33.26 15.60 -4.50
C ILE B 123 -32.71 14.27 -5.06
N ALA B 124 -31.56 14.37 -5.72
CA ALA B 124 -30.95 13.20 -6.33
C ALA B 124 -29.48 13.42 -6.67
N ILE B 125 -28.76 12.31 -6.75
CA ILE B 125 -27.36 12.32 -7.19
C ILE B 125 -27.17 11.23 -8.23
N THR B 126 -26.56 11.58 -9.36
CA THR B 126 -26.30 10.61 -10.40
C THR B 126 -24.86 10.74 -10.83
N THR B 127 -24.35 9.70 -11.48
CA THR B 127 -22.96 9.62 -11.89
C THR B 127 -22.79 10.14 -13.31
N CYS B 128 -21.55 10.43 -13.69
CA CYS B 128 -21.24 10.99 -15.01
C CYS B 128 -20.22 10.12 -15.72
N THR B 129 -20.43 9.86 -17.00
CA THR B 129 -19.49 9.04 -17.75
C THR B 129 -18.48 9.90 -18.48
N SER B 130 -18.89 11.12 -18.80
CA SER B 130 -18.00 12.07 -19.44
C SER B 130 -18.52 13.47 -19.22
N SER B 131 -17.80 14.45 -19.75
CA SER B 131 -18.24 15.84 -19.65
C SER B 131 -19.46 16.15 -20.51
N ASP B 132 -20.08 15.13 -21.08
CA ASP B 132 -21.27 15.35 -21.92
C ASP B 132 -22.41 14.44 -21.50
N TYR B 133 -22.12 13.51 -20.59
CA TYR B 133 -23.14 12.61 -20.10
C TYR B 133 -23.17 12.41 -18.58
N CYS B 134 -24.27 12.81 -17.94
CA CYS B 134 -24.55 12.35 -16.61
C CYS B 134 -25.91 11.65 -16.69
N MET B 135 -26.09 10.62 -15.87
CA MET B 135 -27.37 9.89 -15.86
C MET B 135 -28.50 10.78 -15.39
N GLY B 136 -29.68 10.54 -15.93
CA GLY B 136 -30.88 11.25 -15.50
C GLY B 136 -31.35 12.28 -16.50
N PRO B 137 -32.58 12.77 -16.29
CA PRO B 137 -33.26 13.69 -17.20
C PRO B 137 -32.57 15.05 -17.27
N THR B 138 -32.49 15.62 -18.48
CA THR B 138 -31.93 16.94 -18.68
C THR B 138 -32.97 17.86 -19.31
N LEU B 139 -32.79 19.16 -19.13
CA LEU B 139 -33.60 20.16 -19.80
C LEU B 139 -33.06 20.45 -21.21
N ASN C 22 -39.30 -23.16 -13.70
CA ASN C 22 -38.43 -21.99 -13.64
C ASN C 22 -38.87 -21.00 -12.55
N MET C 23 -37.93 -20.17 -12.10
CA MET C 23 -38.21 -19.13 -11.12
C MET C 23 -38.97 -17.95 -11.73
N ALA C 24 -40.23 -17.78 -11.33
CA ALA C 24 -40.99 -16.67 -11.88
C ALA C 24 -40.19 -15.37 -11.85
N ASP C 25 -40.49 -14.48 -12.79
CA ASP C 25 -39.75 -13.24 -13.00
C ASP C 25 -38.23 -13.35 -13.15
N TYR C 26 -37.69 -14.52 -13.48
CA TYR C 26 -36.24 -14.67 -13.71
C TYR C 26 -35.86 -15.06 -15.15
N ASN C 27 -36.80 -14.89 -16.07
CA ASN C 27 -36.59 -15.29 -17.48
C ASN C 27 -36.03 -14.17 -18.38
N THR C 28 -35.92 -12.95 -17.83
CA THR C 28 -35.37 -11.83 -18.56
C THR C 28 -34.13 -11.30 -17.86
N TYR C 29 -33.01 -11.32 -18.56
CA TYR C 29 -31.75 -10.91 -17.93
C TYR C 29 -30.71 -10.52 -18.98
N GLN C 30 -29.70 -9.78 -18.54
CA GLN C 30 -28.55 -9.52 -19.38
C GLN C 30 -27.27 -9.97 -18.69
N SER C 31 -26.50 -10.81 -19.37
CA SER C 31 -25.30 -11.39 -18.82
C SER C 31 -24.02 -10.66 -19.23
N ASN C 32 -23.03 -10.71 -18.33
CA ASN C 32 -21.73 -10.10 -18.56
C ASN C 32 -21.79 -8.62 -18.92
N VAL C 33 -22.53 -7.86 -18.11
CA VAL C 33 -22.57 -6.43 -18.25
C VAL C 33 -21.89 -5.79 -17.08
N GLN C 34 -21.63 -4.49 -17.20
CA GLN C 34 -21.07 -3.75 -16.09
C GLN C 34 -22.02 -2.63 -15.73
N ILE C 35 -22.11 -2.32 -14.43
CA ILE C 35 -22.89 -1.17 -14.00
C ILE C 35 -21.96 0.05 -14.08
N ASN C 36 -22.14 0.90 -15.08
CA ASN C 36 -21.19 2.00 -15.25
C ASN C 36 -21.77 3.37 -14.95
N ASN C 37 -23.05 3.38 -14.54
CA ASN C 37 -23.71 4.58 -14.03
C ASN C 37 -24.76 4.23 -12.99
N LEU C 38 -24.99 5.16 -12.08
CA LEU C 38 -25.91 4.94 -10.98
C LEU C 38 -26.66 6.23 -10.72
N SER C 39 -27.96 6.10 -10.50
CA SER C 39 -28.79 7.23 -10.09
C SER C 39 -29.50 6.85 -8.81
N TYR C 40 -29.46 7.74 -7.82
CA TYR C 40 -30.27 7.58 -6.61
C TYR C 40 -31.02 8.88 -6.37
N GLY C 41 -32.32 8.79 -6.07
CA GLY C 41 -33.10 9.99 -5.85
C GLY C 41 -34.39 9.76 -5.09
N VAL C 42 -34.97 10.85 -4.62
CA VAL C 42 -36.28 10.82 -4.01
C VAL C 42 -37.25 11.55 -4.94
N TYR C 43 -38.51 11.14 -4.90
CA TYR C 43 -39.46 11.53 -5.94
C TYR C 43 -40.89 11.21 -5.54
N ARG C 44 -41.79 12.14 -5.79
CA ARG C 44 -43.21 11.90 -5.57
C ARG C 44 -43.85 11.38 -6.84
N SER C 45 -44.52 10.24 -6.74
CA SER C 45 -45.23 9.65 -7.88
C SER C 45 -46.63 9.24 -7.42
N GLY C 46 -47.66 9.79 -8.05
CA GLY C 46 -49.02 9.58 -7.58
C GLY C 46 -49.21 10.21 -6.21
N ASP C 47 -49.65 9.40 -5.24
CA ASP C 47 -49.83 9.89 -3.88
C ASP C 47 -48.75 9.34 -2.95
N LYS C 48 -47.69 8.78 -3.53
CA LYS C 48 -46.65 8.18 -2.73
C LYS C 48 -45.32 8.90 -2.80
N GLU C 49 -44.74 9.15 -1.64
CA GLU C 49 -43.38 9.65 -1.57
C GLU C 49 -42.44 8.47 -1.71
N SER C 50 -41.58 8.49 -2.72
CA SER C 50 -40.77 7.32 -3.00
C SER C 50 -39.27 7.58 -2.95
N GLN C 51 -38.52 6.48 -2.85
CA GLN C 51 -37.11 6.49 -3.17
C GLN C 51 -36.93 5.67 -4.43
N PHE C 52 -35.95 6.02 -5.26
CA PHE C 52 -35.58 5.12 -6.35
C PHE C 52 -34.09 5.10 -6.64
N PHE C 53 -33.64 4.01 -7.25
CA PHE C 53 -32.36 4.04 -7.95
C PHE C 53 -32.45 3.32 -9.27
N CYS C 54 -31.52 3.65 -10.16
CA CYS C 54 -31.42 3.03 -11.46
C CYS C 54 -29.96 2.74 -11.73
N VAL C 55 -29.71 1.59 -12.37
CA VAL C 55 -28.38 1.29 -12.87
C VAL C 55 -28.35 1.55 -14.38
N GLY C 56 -27.22 2.08 -14.85
CA GLY C 56 -26.97 2.20 -16.28
C GLY C 56 -25.98 1.10 -16.66
N LEU C 57 -26.21 0.46 -17.80
CA LEU C 57 -25.43 -0.74 -18.15
C LEU C 57 -24.56 -0.53 -19.38
N LYS C 58 -23.37 -1.11 -19.35
CA LYS C 58 -22.63 -1.25 -20.58
C LYS C 58 -22.21 -2.72 -20.70
N ARG C 59 -21.82 -3.12 -21.90
CA ARG C 59 -21.24 -4.43 -22.11
C ARG C 59 -19.96 -4.22 -22.88
N GLY C 60 -18.87 -4.07 -22.13
CA GLY C 60 -17.62 -3.65 -22.72
C GLY C 60 -17.79 -2.22 -23.25
N SER C 61 -17.55 -2.05 -24.55
CA SER C 61 -17.66 -0.75 -25.17
C SER C 61 -19.05 -0.51 -25.77
N GLN C 62 -19.91 -1.53 -25.69
CA GLN C 62 -21.26 -1.46 -26.25
C GLN C 62 -22.29 -1.05 -25.22
N VAL C 63 -23.43 -0.57 -25.71
CA VAL C 63 -24.54 -0.23 -24.83
C VAL C 63 -25.63 -1.24 -25.14
N PRO C 64 -25.93 -2.13 -24.19
CA PRO C 64 -26.92 -3.19 -24.40
C PRO C 64 -28.33 -2.65 -24.66
N ASN C 65 -29.14 -3.49 -25.30
CA ASN C 65 -30.49 -3.12 -25.69
C ASN C 65 -31.32 -2.52 -24.55
N VAL C 66 -31.41 -3.27 -23.46
CA VAL C 66 -31.98 -2.73 -22.24
C VAL C 66 -30.80 -2.26 -21.40
N HIS C 67 -30.72 -0.96 -21.12
CA HIS C 67 -29.53 -0.42 -20.45
C HIS C 67 -29.81 0.38 -19.18
N THR C 68 -31.08 0.56 -18.87
CA THR C 68 -31.47 1.28 -17.66
C THR C 68 -32.49 0.45 -16.88
N ILE C 69 -32.14 0.10 -15.64
CA ILE C 69 -33.00 -0.74 -14.79
C ILE C 69 -33.14 -0.10 -13.43
N CYS C 70 -34.37 -0.06 -12.91
CA CYS C 70 -34.65 0.70 -11.69
C CYS C 70 -35.38 -0.10 -10.61
N LYS C 71 -35.25 0.34 -9.36
CA LYS C 71 -36.01 -0.25 -8.27
C LYS C 71 -36.56 0.91 -7.45
N ILE C 72 -37.79 0.77 -7.00
CA ILE C 72 -38.46 1.86 -6.33
C ILE C 72 -39.02 1.32 -5.03
N ASP C 73 -38.84 2.04 -3.93
CA ASP C 73 -39.13 1.46 -2.62
C ASP C 73 -40.62 1.16 -2.39
N VAL C 74 -41.50 2.05 -2.85
CA VAL C 74 -42.92 1.88 -2.56
C VAL C 74 -43.75 1.47 -3.78
N PHE C 75 -43.09 1.14 -4.88
CA PHE C 75 -43.77 0.64 -6.06
C PHE C 75 -43.07 -0.59 -6.62
N GLY C 76 -43.77 -1.38 -7.45
CA GLY C 76 -43.15 -2.45 -8.20
C GLY C 76 -43.73 -3.85 -8.00
N THR C 77 -43.22 -4.80 -8.78
CA THR C 77 -43.61 -6.18 -8.69
C THR C 77 -43.15 -6.83 -7.39
N HIS C 78 -42.01 -6.36 -6.90
CA HIS C 78 -41.44 -6.85 -5.66
C HIS C 78 -40.86 -5.67 -4.90
N LYS C 79 -41.61 -5.18 -3.91
CA LYS C 79 -41.22 -3.98 -3.20
C LYS C 79 -40.14 -4.21 -2.15
N GLN C 80 -40.01 -5.45 -1.69
CA GLN C 80 -39.03 -5.78 -0.67
C GLN C 80 -37.60 -5.61 -1.19
N GLY C 81 -36.65 -5.44 -0.28
CA GLY C 81 -35.24 -5.45 -0.60
C GLY C 81 -34.68 -4.18 -1.24
N PHE C 82 -35.31 -3.03 -1.00
CA PHE C 82 -34.80 -1.80 -1.59
C PHE C 82 -33.36 -1.47 -1.14
N ASP C 83 -33.13 -1.44 0.17
CA ASP C 83 -31.83 -1.07 0.70
C ASP C 83 -30.73 -2.07 0.31
N ASN C 84 -31.05 -3.35 0.38
CA ASN C 84 -30.09 -4.38 0.03
C ASN C 84 -29.75 -4.36 -1.45
N MET C 85 -30.76 -4.13 -2.28
CA MET C 85 -30.52 -4.06 -3.72
C MET C 85 -29.67 -2.82 -4.09
N LEU C 86 -29.92 -1.70 -3.42
CA LEU C 86 -29.11 -0.50 -3.62
C LEU C 86 -27.64 -0.73 -3.25
N ALA C 87 -27.44 -1.30 -2.06
CA ALA C 87 -26.08 -1.56 -1.59
C ALA C 87 -25.37 -2.49 -2.56
N THR C 88 -26.08 -3.51 -3.03
CA THR C 88 -25.51 -4.48 -3.98
C THR C 88 -25.10 -3.78 -5.28
N ALA C 89 -26.00 -2.98 -5.84
CA ALA C 89 -25.71 -2.24 -7.05
C ALA C 89 -24.55 -1.26 -6.86
N ARG C 90 -24.54 -0.53 -5.73
CA ARG C 90 -23.45 0.40 -5.54
C ARG C 90 -22.12 -0.36 -5.45
N TYR C 91 -22.14 -1.50 -4.79
CA TYR C 91 -20.93 -2.30 -4.70
C TYR C 91 -20.42 -2.69 -6.09
N TYR C 92 -21.30 -3.16 -6.97
CA TYR C 92 -20.85 -3.55 -8.32
C TYR C 92 -20.51 -2.33 -9.18
N TYR C 93 -21.15 -1.19 -8.89
CA TYR C 93 -20.75 0.03 -9.55
C TYR C 93 -19.33 0.38 -9.20
N ALA C 94 -19.01 0.24 -7.92
CA ALA C 94 -17.67 0.57 -7.43
C ALA C 94 -16.61 -0.37 -7.99
N THR C 95 -16.90 -1.67 -8.11
CA THR C 95 -15.88 -2.61 -8.62
C THR C 95 -15.82 -2.62 -10.13
N GLY C 96 -16.94 -2.30 -10.78
CA GLY C 96 -17.01 -2.38 -12.24
C GLY C 96 -16.91 -3.80 -12.78
N GLU C 97 -17.20 -4.79 -11.92
CA GLU C 97 -17.04 -6.19 -12.33
C GLU C 97 -18.18 -6.69 -13.23
N ASP C 98 -17.95 -7.82 -13.89
CA ASP C 98 -18.98 -8.43 -14.75
C ASP C 98 -20.13 -9.06 -13.97
N VAL C 99 -21.35 -8.65 -14.30
CA VAL C 99 -22.52 -9.21 -13.63
C VAL C 99 -23.63 -9.64 -14.60
N ARG C 100 -24.58 -10.41 -14.07
CA ARG C 100 -25.84 -10.66 -14.74
C ARG C 100 -26.94 -9.89 -14.01
N ILE C 101 -27.76 -9.14 -14.75
CA ILE C 101 -28.89 -8.39 -14.21
C ILE C 101 -30.22 -9.03 -14.65
N TYR C 102 -31.02 -9.46 -13.69
CA TYR C 102 -32.36 -9.97 -13.98
C TYR C 102 -33.36 -8.81 -13.79
N TYR C 103 -34.30 -8.68 -14.72
CA TYR C 103 -35.24 -7.58 -14.64
C TYR C 103 -36.57 -7.91 -15.28
N LYS C 104 -37.55 -7.05 -15.01
CA LYS C 104 -38.88 -7.24 -15.55
C LYS C 104 -39.24 -5.99 -16.35
N GLU C 105 -39.69 -6.20 -17.59
CA GLU C 105 -39.96 -5.09 -18.47
C GLU C 105 -41.35 -4.49 -18.29
N ASN C 106 -41.49 -3.22 -18.66
CA ASN C 106 -42.79 -2.55 -18.67
C ASN C 106 -43.55 -2.61 -17.36
N VAL C 107 -42.87 -2.21 -16.30
CA VAL C 107 -43.48 -2.20 -14.97
C VAL C 107 -43.99 -0.80 -14.58
N TRP C 108 -43.12 0.20 -14.67
CA TRP C 108 -43.47 1.54 -14.20
C TRP C 108 -44.50 2.22 -15.09
N THR C 109 -45.52 2.82 -14.46
CA THR C 109 -46.60 3.47 -15.20
C THR C 109 -46.52 5.00 -15.21
N ASP C 110 -45.60 5.56 -14.42
CA ASP C 110 -45.39 7.02 -14.42
C ASP C 110 -44.60 7.43 -15.67
N ARG C 111 -45.29 8.03 -16.63
CA ARG C 111 -44.68 8.29 -17.94
C ARG C 111 -43.54 9.32 -17.87
N ASN C 112 -43.58 10.19 -16.86
CA ASN C 112 -42.46 11.06 -16.60
C ASN C 112 -41.23 10.29 -16.12
N PHE C 113 -41.46 9.31 -15.25
CA PHE C 113 -40.33 8.52 -14.77
C PHE C 113 -39.72 7.68 -15.88
N THR C 114 -40.56 7.02 -16.67
CA THR C 114 -40.07 6.13 -17.71
C THR C 114 -39.32 6.88 -18.82
N ALA C 115 -39.77 8.09 -19.14
CA ALA C 115 -39.11 8.90 -20.16
C ALA C 115 -37.71 9.34 -19.72
N ALA C 116 -37.57 9.64 -18.43
CA ALA C 116 -36.29 10.04 -17.88
C ALA C 116 -35.41 8.83 -17.63
N PHE C 117 -36.02 7.71 -17.24
CA PHE C 117 -35.24 6.49 -16.96
C PHE C 117 -35.69 5.31 -17.81
N SER C 118 -36.56 4.46 -17.28
CA SER C 118 -37.16 3.37 -18.07
C SER C 118 -38.35 2.75 -17.35
N GLY C 119 -38.96 1.75 -17.96
CA GLY C 119 -40.03 0.99 -17.33
C GLY C 119 -39.54 -0.30 -16.69
N ASN C 120 -38.23 -0.50 -16.65
CA ASN C 120 -37.68 -1.76 -16.19
C ASN C 120 -37.48 -1.84 -14.67
N GLU C 121 -37.95 -2.95 -14.07
CA GLU C 121 -37.74 -3.19 -12.65
C GLU C 121 -36.61 -4.16 -12.37
N LEU C 122 -35.72 -3.76 -11.47
CA LEU C 122 -34.57 -4.59 -11.11
C LEU C 122 -35.00 -5.75 -10.21
N ILE C 123 -34.65 -6.96 -10.62
CA ILE C 123 -35.11 -8.16 -9.94
C ILE C 123 -33.97 -8.83 -9.17
N ALA C 124 -32.80 -8.93 -9.80
CA ALA C 124 -31.67 -9.57 -9.14
C ALA C 124 -30.35 -9.24 -9.83
N ILE C 125 -29.25 -9.37 -9.09
CA ILE C 125 -27.92 -9.20 -9.65
C ILE C 125 -27.00 -10.34 -9.20
N THR C 126 -26.31 -10.98 -10.14
CA THR C 126 -25.40 -12.07 -9.80
C THR C 126 -24.04 -11.86 -10.47
N THR C 127 -23.02 -12.55 -9.96
CA THR C 127 -21.67 -12.35 -10.45
C THR C 127 -21.34 -13.30 -11.62
N CYS C 128 -20.34 -12.93 -12.42
CA CYS C 128 -19.96 -13.70 -13.60
C CYS C 128 -18.48 -13.98 -13.55
N THR C 129 -18.07 -15.22 -13.85
CA THR C 129 -16.65 -15.57 -13.92
C THR C 129 -16.11 -15.72 -15.37
N SER C 130 -17.01 -15.94 -16.31
CA SER C 130 -16.63 -16.00 -17.73
C SER C 130 -17.86 -15.68 -18.59
N SER C 131 -17.68 -15.73 -19.91
CA SER C 131 -18.76 -15.44 -20.85
C SER C 131 -19.88 -16.48 -20.73
N ASP C 132 -21.08 -15.96 -20.51
CA ASP C 132 -22.28 -16.76 -20.28
C ASP C 132 -22.44 -17.83 -19.15
N TYR C 133 -21.52 -17.98 -18.18
CA TYR C 133 -21.89 -18.80 -16.99
C TYR C 133 -23.02 -18.12 -16.10
N CYS C 134 -22.59 -17.05 -15.43
CA CYS C 134 -22.91 -16.19 -14.30
C CYS C 134 -23.74 -17.02 -13.32
N MET C 135 -23.72 -16.68 -12.04
CA MET C 135 -24.55 -17.39 -11.09
C MET C 135 -26.03 -17.16 -11.42
N GLY C 136 -26.87 -18.15 -11.10
CA GLY C 136 -28.30 -17.98 -11.27
C GLY C 136 -28.86 -18.75 -12.45
N PRO C 137 -30.20 -18.81 -12.53
CA PRO C 137 -30.93 -19.58 -13.54
C PRO C 137 -30.77 -19.02 -14.95
N THR C 138 -30.63 -19.92 -15.92
CA THR C 138 -30.55 -19.53 -17.32
C THR C 138 -31.64 -20.23 -18.12
N LEU C 139 -32.02 -19.66 -19.26
CA LEU C 139 -32.88 -20.35 -20.22
C LEU C 139 -32.04 -21.14 -21.23
N ASN D 22 -16.26 3.87 39.36
CA ASN D 22 -15.91 3.28 38.07
C ASN D 22 -17.13 2.84 37.27
N MET D 23 -16.95 2.73 35.97
CA MET D 23 -18.00 2.27 35.07
C MET D 23 -18.20 0.77 35.22
N ALA D 24 -19.36 0.39 35.75
CA ALA D 24 -19.69 -1.02 35.87
C ALA D 24 -19.47 -1.78 34.55
N ASP D 25 -18.78 -2.91 34.66
CA ASP D 25 -18.43 -3.76 33.53
C ASP D 25 -17.29 -3.23 32.66
N TYR D 26 -16.49 -2.30 33.17
CA TYR D 26 -15.33 -1.81 32.41
C TYR D 26 -14.00 -2.12 33.10
N ASN D 27 -14.04 -3.05 34.05
CA ASN D 27 -12.85 -3.40 34.83
C ASN D 27 -12.03 -4.55 34.23
N THR D 28 -12.57 -5.19 33.20
CA THR D 28 -11.85 -6.30 32.58
C THR D 28 -11.60 -6.00 31.10
N TYR D 29 -10.33 -5.96 30.73
CA TYR D 29 -9.97 -5.63 29.35
C TYR D 29 -8.58 -6.12 28.96
N GLN D 30 -8.36 -6.20 27.65
CA GLN D 30 -7.07 -6.49 27.05
C GLN D 30 -6.68 -5.31 26.17
N SER D 31 -5.50 -4.76 26.43
CA SER D 31 -4.99 -3.61 25.69
C SER D 31 -4.01 -4.01 24.59
N ASN D 32 -4.00 -3.26 23.50
CA ASN D 32 -3.04 -3.51 22.42
C ASN D 32 -3.07 -4.95 21.90
N VAL D 33 -4.27 -5.43 21.59
CA VAL D 33 -4.43 -6.72 20.95
C VAL D 33 -4.89 -6.46 19.53
N GLN D 34 -4.91 -7.49 18.70
CA GLN D 34 -5.47 -7.37 17.37
C GLN D 34 -6.58 -8.39 17.18
N ILE D 35 -7.61 -8.01 16.44
CA ILE D 35 -8.66 -8.95 16.09
C ILE D 35 -8.17 -9.69 14.87
N ASN D 36 -7.82 -10.95 15.01
CA ASN D 36 -7.28 -11.67 13.86
C ASN D 36 -8.24 -12.73 13.31
N ASN D 37 -9.41 -12.86 13.94
CA ASN D 37 -10.44 -13.73 13.38
C ASN D 37 -11.84 -13.24 13.72
N LEU D 38 -12.81 -13.64 12.90
CA LEU D 38 -14.16 -13.20 13.10
C LEU D 38 -15.10 -14.37 12.83
N SER D 39 -16.11 -14.51 13.69
CA SER D 39 -17.19 -15.47 13.48
C SER D 39 -18.51 -14.72 13.50
N TYR D 40 -19.36 -14.99 12.51
CA TYR D 40 -20.75 -14.51 12.58
C TYR D 40 -21.70 -15.66 12.25
N GLY D 41 -22.77 -15.78 13.02
CA GLY D 41 -23.73 -16.85 12.77
C GLY D 41 -25.12 -16.68 13.36
N VAL D 42 -26.03 -17.54 12.90
CA VAL D 42 -27.36 -17.62 13.48
C VAL D 42 -27.47 -18.95 14.21
N TYR D 43 -28.30 -18.98 15.24
CA TYR D 43 -28.27 -20.10 16.16
C TYR D 43 -29.46 -20.05 17.10
N ARG D 44 -30.11 -21.19 17.32
CA ARG D 44 -31.21 -21.26 18.28
C ARG D 44 -30.71 -21.66 19.66
N SER D 45 -31.05 -20.87 20.67
CA SER D 45 -30.70 -21.17 22.05
C SER D 45 -31.92 -21.02 22.97
N GLY D 46 -32.31 -22.13 23.60
CA GLY D 46 -33.55 -22.16 24.34
C GLY D 46 -34.70 -21.98 23.37
N ASP D 47 -35.55 -20.99 23.64
CA ASP D 47 -36.67 -20.71 22.74
C ASP D 47 -36.35 -19.49 21.90
N LYS D 48 -35.08 -19.09 21.92
CA LYS D 48 -34.69 -17.89 21.21
C LYS D 48 -33.85 -18.15 19.97
N GLU D 49 -34.30 -17.56 18.86
CA GLU D 49 -33.53 -17.53 17.64
C GLU D 49 -32.57 -16.36 17.73
N SER D 50 -31.27 -16.62 17.67
CA SER D 50 -30.34 -15.53 17.94
C SER D 50 -29.35 -15.32 16.80
N GLN D 51 -28.74 -14.15 16.80
CA GLN D 51 -27.53 -13.91 16.04
C GLN D 51 -26.44 -13.78 17.05
N PHE D 52 -25.24 -14.21 16.68
CA PHE D 52 -24.06 -13.93 17.49
C PHE D 52 -22.86 -13.62 16.58
N PHE D 53 -21.89 -12.91 17.13
CA PHE D 53 -20.55 -12.89 16.54
C PHE D 53 -19.48 -12.99 17.62
N CYS D 54 -18.29 -13.41 17.21
CA CYS D 54 -17.15 -13.49 18.11
C CYS D 54 -15.94 -12.92 17.42
N VAL D 55 -15.13 -12.23 18.20
CA VAL D 55 -13.82 -11.83 17.72
C VAL D 55 -12.77 -12.78 18.29
N GLY D 56 -11.78 -13.12 17.48
CA GLY D 56 -10.64 -13.87 17.98
C GLY D 56 -9.47 -12.93 18.12
N LEU D 57 -8.71 -13.07 19.20
CA LEU D 57 -7.67 -12.10 19.51
C LEU D 57 -6.26 -12.67 19.45
N LYS D 58 -5.34 -11.86 18.96
CA LYS D 58 -3.92 -12.14 19.11
C LYS D 58 -3.25 -10.92 19.69
N ARG D 59 -2.04 -11.10 20.20
CA ARG D 59 -1.20 -9.98 20.60
C ARG D 59 0.16 -10.18 19.98
N GLY D 60 0.33 -9.60 18.80
CA GLY D 60 1.49 -9.89 17.99
C GLY D 60 1.44 -11.36 17.61
N SER D 61 2.48 -12.10 17.97
CA SER D 61 2.56 -13.50 17.65
C SER D 61 2.02 -14.36 18.79
N GLN D 62 1.68 -13.73 19.91
CA GLN D 62 1.21 -14.48 21.06
C GLN D 62 -0.30 -14.54 21.05
N VAL D 63 -0.82 -15.52 21.78
CA VAL D 63 -2.25 -15.67 21.94
C VAL D 63 -2.55 -15.37 23.39
N PRO D 64 -3.28 -14.29 23.64
CA PRO D 64 -3.59 -13.86 25.01
C PRO D 64 -4.46 -14.87 25.75
N ASN D 65 -4.42 -14.84 27.08
CA ASN D 65 -5.16 -15.77 27.91
C ASN D 65 -6.64 -15.87 27.53
N VAL D 66 -7.31 -14.73 27.46
CA VAL D 66 -8.66 -14.64 26.93
C VAL D 66 -8.56 -14.19 25.48
N HIS D 67 -9.00 -15.04 24.55
CA HIS D 67 -8.79 -14.75 23.14
C HIS D 67 -10.06 -14.84 22.28
N THR D 68 -11.18 -15.22 22.89
CA THR D 68 -12.45 -15.30 22.18
C THR D 68 -13.53 -14.58 22.97
N ILE D 69 -14.10 -13.54 22.37
CA ILE D 69 -15.12 -12.69 23.01
C ILE D 69 -16.29 -12.57 22.07
N CYS D 70 -17.51 -12.69 22.60
CA CYS D 70 -18.69 -12.77 21.76
C CYS D 70 -19.80 -11.81 22.20
N LYS D 71 -20.66 -11.47 21.26
CA LYS D 71 -21.85 -10.69 21.57
C LYS D 71 -23.04 -11.37 20.90
N ILE D 72 -24.16 -11.40 21.60
CA ILE D 72 -25.34 -12.10 21.12
C ILE D 72 -26.53 -11.16 21.18
N ASP D 73 -27.33 -11.13 20.11
CA ASP D 73 -28.34 -10.10 19.98
C ASP D 73 -29.44 -10.18 21.04
N VAL D 74 -29.87 -11.38 21.37
CA VAL D 74 -31.01 -11.58 22.27
C VAL D 74 -30.66 -12.15 23.65
N PHE D 75 -29.37 -12.24 23.98
CA PHE D 75 -28.91 -12.68 25.30
C PHE D 75 -27.80 -11.76 25.79
N GLY D 76 -27.54 -11.76 27.10
CA GLY D 76 -26.39 -11.07 27.64
C GLY D 76 -26.71 -10.00 28.67
N THR D 77 -25.66 -9.46 29.28
CA THR D 77 -25.81 -8.40 30.26
C THR D 77 -26.25 -7.11 29.57
N HIS D 78 -25.87 -6.96 28.30
CA HIS D 78 -26.28 -5.81 27.51
C HIS D 78 -26.67 -6.21 26.08
N LYS D 79 -27.97 -6.30 25.83
CA LYS D 79 -28.47 -6.76 24.54
C LYS D 79 -28.39 -5.70 23.45
N GLN D 80 -28.34 -4.44 23.86
CA GLN D 80 -28.31 -3.34 22.91
C GLN D 80 -26.99 -3.34 22.16
N GLY D 81 -26.98 -2.69 21.00
CA GLY D 81 -25.78 -2.43 20.22
C GLY D 81 -25.17 -3.56 19.40
N PHE D 82 -25.99 -4.56 19.04
CA PHE D 82 -25.48 -5.69 18.26
C PHE D 82 -24.93 -5.33 16.87
N ASP D 83 -25.72 -4.62 16.07
CA ASP D 83 -25.29 -4.27 14.72
C ASP D 83 -24.07 -3.34 14.78
N ASN D 84 -24.13 -2.36 15.68
CA ASN D 84 -23.04 -1.40 15.81
C ASN D 84 -21.75 -2.05 16.32
N MET D 85 -21.88 -2.97 17.27
CA MET D 85 -20.70 -3.64 17.79
C MET D 85 -20.11 -4.55 16.70
N LEU D 86 -20.99 -5.21 15.93
CA LEU D 86 -20.52 -6.04 14.81
C LEU D 86 -19.76 -5.17 13.80
N ALA D 87 -20.36 -4.04 13.43
CA ALA D 87 -19.72 -3.16 12.46
C ALA D 87 -18.35 -2.72 12.96
N THR D 88 -18.28 -2.38 14.24
CA THR D 88 -17.03 -1.96 14.84
C THR D 88 -15.99 -3.07 14.78
N ALA D 89 -16.37 -4.27 15.22
CA ALA D 89 -15.46 -5.40 15.20
C ALA D 89 -14.97 -5.70 13.77
N ARG D 90 -15.90 -5.70 12.81
CA ARG D 90 -15.51 -5.95 11.42
C ARG D 90 -14.52 -4.89 10.96
N TYR D 91 -14.74 -3.65 11.36
CA TYR D 91 -13.83 -2.59 10.96
C TYR D 91 -12.40 -2.86 11.44
N TYR D 92 -12.25 -3.21 12.72
CA TYR D 92 -10.91 -3.42 13.29
C TYR D 92 -10.28 -4.72 12.79
N TYR D 93 -11.12 -5.69 12.46
CA TYR D 93 -10.64 -6.89 11.79
C TYR D 93 -10.05 -6.50 10.44
N ALA D 94 -10.72 -5.60 9.73
CA ALA D 94 -10.23 -5.18 8.42
C ALA D 94 -8.91 -4.44 8.50
N THR D 95 -8.74 -3.58 9.50
CA THR D 95 -7.52 -2.80 9.59
C THR D 95 -6.39 -3.55 10.27
N GLY D 96 -6.76 -4.50 11.14
CA GLY D 96 -5.79 -5.22 11.93
C GLY D 96 -5.08 -4.35 12.96
N GLU D 97 -5.69 -3.23 13.31
CA GLU D 97 -5.06 -2.27 14.22
C GLU D 97 -5.10 -2.69 15.70
N ASP D 98 -4.27 -2.03 16.48
CA ASP D 98 -4.20 -2.25 17.91
C ASP D 98 -5.47 -1.71 18.58
N VAL D 99 -6.19 -2.56 19.30
CA VAL D 99 -7.37 -2.11 20.03
C VAL D 99 -7.33 -2.57 21.48
N ARG D 100 -8.20 -1.98 22.29
CA ARG D 100 -8.49 -2.47 23.62
C ARG D 100 -9.90 -3.07 23.63
N ILE D 101 -10.02 -4.29 24.17
CA ILE D 101 -11.32 -4.92 24.27
C ILE D 101 -11.78 -5.00 25.71
N TYR D 102 -12.94 -4.39 26.00
CA TYR D 102 -13.56 -4.54 27.31
C TYR D 102 -14.54 -5.69 27.19
N TYR D 103 -14.54 -6.56 28.20
CA TYR D 103 -15.40 -7.73 28.14
C TYR D 103 -15.81 -8.19 29.53
N LYS D 104 -16.80 -9.07 29.56
CA LYS D 104 -17.27 -9.64 30.82
C LYS D 104 -17.15 -11.15 30.76
N GLU D 105 -16.55 -11.72 31.80
CA GLU D 105 -16.30 -13.16 31.86
C GLU D 105 -17.49 -13.96 32.36
N ASN D 106 -17.51 -15.24 31.99
CA ASN D 106 -18.48 -16.16 32.53
C ASN D 106 -19.93 -15.66 32.41
N VAL D 107 -20.31 -15.20 31.22
CA VAL D 107 -21.67 -14.74 31.00
C VAL D 107 -22.55 -15.83 30.37
N TRP D 108 -22.13 -16.39 29.23
CA TRP D 108 -22.95 -17.35 28.50
C TRP D 108 -23.08 -18.63 29.29
N THR D 109 -24.32 -19.14 29.39
CA THR D 109 -24.61 -20.32 30.17
C THR D 109 -24.85 -21.54 29.28
N ASP D 110 -24.89 -21.30 27.97
CA ASP D 110 -25.03 -22.37 26.99
C ASP D 110 -23.68 -23.09 26.81
N ARG D 111 -23.53 -24.25 27.44
CA ARG D 111 -22.23 -24.93 27.44
C ARG D 111 -21.77 -25.45 26.07
N ASN D 112 -22.71 -25.69 25.18
CA ASN D 112 -22.34 -26.00 23.81
C ASN D 112 -21.71 -24.76 23.13
N PHE D 113 -22.25 -23.56 23.41
CA PHE D 113 -21.71 -22.32 22.86
C PHE D 113 -20.32 -22.01 23.42
N THR D 114 -20.18 -22.13 24.73
CA THR D 114 -18.91 -21.79 25.35
C THR D 114 -17.81 -22.74 24.91
N ALA D 115 -18.17 -24.00 24.69
CA ALA D 115 -17.20 -24.98 24.22
C ALA D 115 -16.74 -24.68 22.80
N ALA D 116 -17.65 -24.17 21.97
CA ALA D 116 -17.31 -23.80 20.59
C ALA D 116 -16.59 -22.46 20.53
N PHE D 117 -16.99 -21.54 21.40
CA PHE D 117 -16.42 -20.21 21.41
C PHE D 117 -15.85 -19.82 22.79
N SER D 118 -16.64 -19.12 23.60
CA SER D 118 -16.23 -18.82 24.97
C SER D 118 -17.43 -18.39 25.78
N GLY D 119 -17.22 -18.08 27.06
CA GLY D 119 -18.26 -17.53 27.91
C GLY D 119 -18.18 -16.01 28.01
N ASN D 120 -17.30 -15.41 27.21
CA ASN D 120 -17.05 -13.97 27.30
C ASN D 120 -17.99 -13.07 26.48
N GLU D 121 -18.52 -12.03 27.14
CA GLU D 121 -19.33 -11.03 26.48
C GLU D 121 -18.53 -9.78 26.17
N LEU D 122 -18.63 -9.35 24.94
CA LEU D 122 -17.96 -8.16 24.44
C LEU D 122 -18.67 -6.92 24.95
N ILE D 123 -17.93 -6.02 25.59
CA ILE D 123 -18.55 -4.85 26.21
C ILE D 123 -18.25 -3.58 25.43
N ALA D 124 -17.01 -3.42 24.97
CA ALA D 124 -16.62 -2.22 24.25
C ALA D 124 -15.31 -2.42 23.48
N ILE D 125 -15.11 -1.64 22.44
CA ILE D 125 -13.84 -1.68 21.73
C ILE D 125 -13.35 -0.26 21.53
N THR D 126 -12.09 -0.01 21.83
CA THR D 126 -11.50 1.32 21.68
C THR D 126 -10.18 1.19 20.94
N THR D 127 -9.72 2.31 20.38
CA THR D 127 -8.49 2.35 19.56
C THR D 127 -7.24 2.68 20.39
N CYS D 128 -6.08 2.40 19.82
CA CYS D 128 -4.81 2.66 20.50
C CYS D 128 -3.91 3.48 19.59
N THR D 129 -3.35 4.57 20.12
CA THR D 129 -2.48 5.44 19.35
C THR D 129 -1.01 5.06 19.56
N SER D 130 -0.74 4.39 20.67
CA SER D 130 0.61 3.91 20.95
C SER D 130 0.56 2.67 21.86
N SER D 131 1.72 2.12 22.18
CA SER D 131 1.81 0.94 23.03
C SER D 131 1.55 1.20 24.51
N ASP D 132 1.13 2.41 24.86
CA ASP D 132 0.90 2.76 26.26
C ASP D 132 -0.41 3.49 26.41
N TYR D 133 -1.04 3.78 25.28
CA TYR D 133 -2.31 4.47 25.30
C TYR D 133 -3.37 3.80 24.44
N CYS D 134 -4.45 3.36 25.07
CA CYS D 134 -5.66 3.07 24.35
C CYS D 134 -6.71 3.97 25.01
N MET D 135 -7.72 4.37 24.24
CA MET D 135 -8.81 5.18 24.77
C MET D 135 -9.64 4.39 25.80
N GLY D 136 -10.21 5.11 26.76
CA GLY D 136 -11.10 4.50 27.74
C GLY D 136 -10.41 4.35 29.08
N PRO D 137 -11.20 4.03 30.12
CA PRO D 137 -10.77 3.94 31.53
C PRO D 137 -9.80 2.77 31.78
N THR D 138 -8.81 3.02 32.63
CA THR D 138 -7.84 1.99 33.02
C THR D 138 -7.83 1.78 34.53
N LEU D 139 -7.39 0.61 34.96
CA LEU D 139 -7.21 0.31 36.39
C LEU D 139 -5.88 0.81 36.94
N ASN E 22 -28.41 32.79 15.07
CA ASN E 22 -27.51 31.64 14.92
C ASN E 22 -28.22 30.31 15.24
N MET E 23 -27.66 29.22 14.74
CA MET E 23 -28.19 27.89 14.99
C MET E 23 -27.94 27.42 16.42
N ALA E 24 -29.00 27.27 17.20
CA ALA E 24 -28.83 26.81 18.57
C ALA E 24 -27.90 25.60 18.62
N ASP E 25 -27.23 25.44 19.75
CA ASP E 25 -26.19 24.43 19.95
C ASP E 25 -25.08 24.36 18.89
N TYR E 26 -24.90 25.41 18.09
CA TYR E 26 -23.81 25.38 17.11
C TYR E 26 -22.75 26.45 17.37
N ASN E 27 -22.77 26.98 18.58
CA ASN E 27 -21.86 28.05 18.95
C ASN E 27 -20.51 27.58 19.55
N THR E 28 -20.40 26.28 19.82
CA THR E 28 -19.17 25.70 20.37
C THR E 28 -18.57 24.64 19.44
N TYR E 29 -17.36 24.89 18.97
CA TYR E 29 -16.72 23.97 18.01
C TYR E 29 -15.22 24.14 17.99
N GLN E 30 -14.55 23.14 17.43
CA GLN E 30 -13.12 23.20 17.12
C GLN E 30 -12.91 22.94 15.63
N SER E 31 -12.19 23.84 14.99
CA SER E 31 -11.94 23.77 13.55
C SER E 31 -10.58 23.13 13.29
N ASN E 32 -10.48 22.42 12.17
CA ASN E 32 -9.22 21.81 11.77
C ASN E 32 -8.57 20.92 12.84
N VAL E 33 -9.36 20.01 13.38
CA VAL E 33 -8.85 18.95 14.24
C VAL E 33 -8.97 17.64 13.47
N GLN E 34 -8.36 16.59 13.99
CA GLN E 34 -8.49 15.26 13.41
C GLN E 34 -9.00 14.29 14.45
N ILE E 35 -9.83 13.34 14.03
CA ILE E 35 -10.25 12.29 14.94
C ILE E 35 -9.21 11.17 14.91
N ASN E 36 -8.42 11.06 16.00
CA ASN E 36 -7.35 10.07 16.03
C ASN E 36 -7.59 8.91 16.99
N ASN E 37 -8.75 8.93 17.65
CA ASN E 37 -9.16 7.79 18.48
C ASN E 37 -10.67 7.66 18.48
N LEU E 38 -11.13 6.44 18.70
CA LEU E 38 -12.54 6.09 18.68
C LEU E 38 -12.89 5.08 19.75
N SER E 39 -14.00 5.30 20.43
CA SER E 39 -14.51 4.33 21.39
C SER E 39 -15.96 4.00 21.08
N TYR E 40 -16.29 2.72 21.07
CA TYR E 40 -17.69 2.32 21.03
C TYR E 40 -17.97 1.25 22.09
N GLY E 41 -19.08 1.44 22.81
CA GLY E 41 -19.41 0.49 23.86
C GLY E 41 -20.86 0.49 24.31
N VAL E 42 -21.19 -0.53 25.10
CA VAL E 42 -22.48 -0.61 25.76
C VAL E 42 -22.27 -0.43 27.26
N TYR E 43 -23.28 0.09 27.96
CA TYR E 43 -23.11 0.55 29.32
C TYR E 43 -24.46 0.82 29.98
N ARG E 44 -24.63 0.39 31.22
CA ARG E 44 -25.85 0.73 31.95
C ARG E 44 -25.58 1.97 32.80
N SER E 45 -26.41 3.00 32.62
CA SER E 45 -26.22 4.24 33.34
C SER E 45 -27.51 4.55 34.05
N GLY E 46 -27.42 4.61 35.37
CA GLY E 46 -28.62 4.69 36.17
C GLY E 46 -29.38 3.40 35.93
N ASP E 47 -30.61 3.56 35.46
CA ASP E 47 -31.47 2.42 35.18
C ASP E 47 -31.66 2.21 33.68
N LYS E 48 -30.82 2.85 32.87
CA LYS E 48 -30.97 2.75 31.41
C LYS E 48 -29.83 2.03 30.68
N GLU E 49 -30.20 1.09 29.82
CA GLU E 49 -29.26 0.43 28.96
C GLU E 49 -28.97 1.31 27.75
N SER E 50 -27.70 1.67 27.56
CA SER E 50 -27.33 2.62 26.53
C SER E 50 -26.23 2.10 25.60
N GLN E 51 -26.09 2.74 24.45
CA GLN E 51 -24.89 2.64 23.62
C GLN E 51 -24.22 3.99 23.66
N PHE E 52 -22.91 4.00 23.57
CA PHE E 52 -22.19 5.26 23.38
C PHE E 52 -20.99 5.08 22.46
N PHE E 53 -20.56 6.18 21.84
CA PHE E 53 -19.22 6.26 21.27
C PHE E 53 -18.59 7.59 21.57
N CYS E 54 -17.27 7.64 21.53
CA CYS E 54 -16.53 8.88 21.76
C CYS E 54 -15.46 9.00 20.70
N VAL E 55 -15.23 10.23 20.24
CA VAL E 55 -14.08 10.51 19.42
C VAL E 55 -13.03 11.18 20.28
N GLY E 56 -11.76 10.82 20.04
CA GLY E 56 -10.64 11.51 20.65
C GLY E 56 -10.01 12.39 19.58
N LEU E 57 -9.59 13.59 19.97
CA LEU E 57 -9.14 14.58 19.00
C LEU E 57 -7.65 14.90 19.10
N LYS E 58 -7.05 15.18 17.94
CA LYS E 58 -5.75 15.82 17.89
C LYS E 58 -5.85 17.04 17.00
N ARG E 59 -4.88 17.93 17.10
CA ARG E 59 -4.76 19.05 16.17
C ARG E 59 -3.32 19.08 15.70
N GLY E 60 -3.04 18.36 14.62
CA GLY E 60 -1.68 18.14 14.17
C GLY E 60 -0.95 17.32 15.21
N SER E 61 0.12 17.88 15.76
CA SER E 61 0.91 17.20 16.79
C SER E 61 0.43 17.53 18.20
N GLN E 62 -0.54 18.44 18.29
CA GLN E 62 -1.08 18.91 19.57
C GLN E 62 -2.38 18.20 19.97
N VAL E 63 -2.70 18.27 21.25
CA VAL E 63 -3.97 17.77 21.78
C VAL E 63 -4.79 18.95 22.31
N PRO E 64 -5.94 19.23 21.68
CA PRO E 64 -6.74 20.41 22.09
C PRO E 64 -7.30 20.28 23.52
N ASN E 65 -7.59 21.41 24.17
CA ASN E 65 -8.08 21.41 25.55
C ASN E 65 -9.26 20.47 25.76
N VAL E 66 -10.32 20.63 24.96
CA VAL E 66 -11.37 19.63 24.94
C VAL E 66 -11.05 18.69 23.77
N HIS E 67 -10.79 17.42 24.10
CA HIS E 67 -10.31 16.45 23.12
C HIS E 67 -11.11 15.15 23.11
N THR E 68 -12.12 15.06 23.96
CA THR E 68 -12.98 13.88 23.98
C THR E 68 -14.46 14.27 23.90
N ILE E 69 -15.14 13.80 22.86
CA ILE E 69 -16.54 14.15 22.64
C ILE E 69 -17.36 12.89 22.40
N CYS E 70 -18.53 12.82 23.02
CA CYS E 70 -19.31 11.60 23.04
C CYS E 70 -20.75 11.81 22.61
N LYS E 71 -21.37 10.72 22.16
CA LYS E 71 -22.78 10.69 21.84
C LYS E 71 -23.37 9.39 22.42
N ILE E 72 -24.57 9.48 22.98
CA ILE E 72 -25.20 8.35 23.64
C ILE E 72 -26.62 8.16 23.13
N ASP E 73 -27.01 6.91 22.88
CA ASP E 73 -28.27 6.66 22.16
C ASP E 73 -29.52 7.08 22.94
N VAL E 74 -29.54 6.83 24.24
CA VAL E 74 -30.75 7.10 25.03
C VAL E 74 -30.62 8.28 25.99
N PHE E 75 -29.55 9.05 25.86
CA PHE E 75 -29.36 10.24 26.68
C PHE E 75 -28.92 11.39 25.80
N GLY E 76 -29.06 12.61 26.32
CA GLY E 76 -28.46 13.76 25.68
C GLY E 76 -29.44 14.84 25.27
N THR E 77 -28.88 15.95 24.79
CA THR E 77 -29.63 17.08 24.27
C THR E 77 -30.34 16.70 22.98
N HIS E 78 -29.72 15.82 22.22
CA HIS E 78 -30.29 15.32 20.97
C HIS E 78 -30.02 13.83 20.84
N LYS E 79 -31.03 13.01 21.12
CA LYS E 79 -30.89 11.57 21.11
C LYS E 79 -30.88 11.01 19.68
N GLN E 80 -31.44 11.77 18.73
CA GLN E 80 -31.55 11.32 17.35
C GLN E 80 -30.18 11.21 16.69
N GLY E 81 -30.10 10.38 15.65
CA GLY E 81 -28.92 10.31 14.81
C GLY E 81 -27.71 9.55 15.37
N PHE E 82 -27.94 8.62 16.29
CA PHE E 82 -26.82 7.89 16.86
C PHE E 82 -26.05 7.11 15.79
N ASP E 83 -26.76 6.30 15.02
CA ASP E 83 -26.11 5.46 14.03
C ASP E 83 -25.43 6.29 12.95
N ASN E 84 -26.09 7.36 12.52
CA ASN E 84 -25.53 8.23 11.48
C ASN E 84 -24.30 8.99 11.95
N MET E 85 -24.34 9.44 13.20
CA MET E 85 -23.17 10.13 13.75
C MET E 85 -22.00 9.17 13.95
N LEU E 86 -22.29 7.95 14.39
CA LEU E 86 -21.24 6.97 14.56
C LEU E 86 -20.57 6.70 13.24
N ALA E 87 -21.38 6.41 12.21
CA ALA E 87 -20.85 6.12 10.89
C ALA E 87 -20.02 7.30 10.39
N THR E 88 -20.53 8.50 10.65
CA THR E 88 -19.86 9.71 10.23
C THR E 88 -18.49 9.82 10.87
N ALA E 89 -18.47 9.65 12.20
CA ALA E 89 -17.21 9.70 12.94
C ALA E 89 -16.25 8.60 12.49
N ARG E 90 -16.76 7.38 12.34
CA ARG E 90 -15.87 6.29 11.93
C ARG E 90 -15.21 6.60 10.58
N TYR E 91 -15.96 7.17 9.66
CA TYR E 91 -15.38 7.57 8.37
C TYR E 91 -14.21 8.55 8.55
N TYR E 92 -14.38 9.58 9.39
CA TYR E 92 -13.31 10.57 9.58
C TYR E 92 -12.16 10.02 10.41
N TYR E 93 -12.46 9.06 11.27
CA TYR E 93 -11.40 8.34 11.96
C TYR E 93 -10.55 7.66 10.88
N ALA E 94 -11.21 7.06 9.91
CA ALA E 94 -10.47 6.35 8.87
C ALA E 94 -9.63 7.28 7.99
N THR E 95 -10.18 8.42 7.57
CA THR E 95 -9.45 9.29 6.66
C THR E 95 -8.44 10.15 7.43
N GLY E 96 -8.72 10.42 8.71
CA GLY E 96 -7.86 11.28 9.50
C GLY E 96 -7.82 12.72 9.01
N GLU E 97 -8.84 13.12 8.24
CA GLU E 97 -8.84 14.43 7.60
C GLU E 97 -9.23 15.59 8.55
N ASP E 98 -8.93 16.82 8.15
CA ASP E 98 -9.33 17.97 8.97
C ASP E 98 -10.83 18.16 9.01
N VAL E 99 -11.36 18.21 10.22
CA VAL E 99 -12.77 18.42 10.35
C VAL E 99 -13.02 19.53 11.36
N ARG E 100 -14.25 20.01 11.40
CA ARG E 100 -14.72 20.83 12.47
C ARG E 100 -15.72 20.01 13.29
N ILE E 101 -15.53 20.00 14.61
CA ILE E 101 -16.45 19.29 15.49
C ILE E 101 -17.28 20.31 16.29
N TYR E 102 -18.61 20.24 16.15
CA TYR E 102 -19.51 21.02 16.99
C TYR E 102 -19.95 20.14 18.16
N TYR E 103 -19.93 20.71 19.37
CA TYR E 103 -20.29 19.96 20.56
C TYR E 103 -20.88 20.82 21.66
N LYS E 104 -21.46 20.16 22.67
CA LYS E 104 -22.05 20.85 23.80
C LYS E 104 -21.36 20.36 25.07
N GLU E 105 -20.86 21.29 25.88
CA GLU E 105 -20.09 20.91 27.04
C GLU E 105 -20.91 20.56 28.26
N ASN E 106 -20.34 19.69 29.09
CA ASN E 106 -20.89 19.35 30.40
C ASN E 106 -22.36 18.92 30.37
N VAL E 107 -22.67 17.97 29.49
CA VAL E 107 -24.02 17.46 29.35
C VAL E 107 -24.24 16.21 30.20
N TRP E 108 -23.34 15.23 30.08
CA TRP E 108 -23.49 13.95 30.78
C TRP E 108 -23.32 14.11 32.31
N THR E 109 -24.22 13.51 33.08
CA THR E 109 -24.20 13.63 34.53
C THR E 109 -23.68 12.38 35.26
N ASP E 110 -23.45 11.30 34.53
CA ASP E 110 -22.87 10.10 35.14
C ASP E 110 -21.36 10.29 35.33
N ARG E 111 -20.94 10.53 36.57
CA ARG E 111 -19.55 10.85 36.86
C ARG E 111 -18.57 9.70 36.61
N ASN E 112 -19.06 8.46 36.64
CA ASN E 112 -18.19 7.37 36.22
C ASN E 112 -17.87 7.50 34.73
N PHE E 113 -18.88 7.87 33.94
CA PHE E 113 -18.67 8.04 32.50
C PHE E 113 -17.81 9.23 32.17
N THR E 114 -18.10 10.38 32.77
CA THR E 114 -17.38 11.59 32.43
C THR E 114 -15.91 11.49 32.83
N ALA E 115 -15.65 10.79 33.94
CA ALA E 115 -14.28 10.57 34.39
C ALA E 115 -13.53 9.62 33.43
N ALA E 116 -14.24 8.65 32.87
CA ALA E 116 -13.62 7.69 31.96
C ALA E 116 -13.44 8.32 30.57
N PHE E 117 -14.42 9.13 30.17
CA PHE E 117 -14.44 9.76 28.85
C PHE E 117 -14.55 11.28 28.95
N SER E 118 -15.76 11.82 28.90
CA SER E 118 -15.99 13.26 29.12
C SER E 118 -17.46 13.58 29.35
N GLY E 119 -17.75 14.86 29.59
CA GLY E 119 -19.13 15.32 29.69
C GLY E 119 -19.68 15.94 28.41
N ASN E 120 -18.90 15.88 27.33
CA ASN E 120 -19.25 16.57 26.09
C ASN E 120 -20.16 15.79 25.14
N GLU E 121 -21.20 16.44 24.64
CA GLU E 121 -22.07 15.80 23.64
C GLU E 121 -21.74 16.28 22.23
N LEU E 122 -21.55 15.30 21.34
CA LEU E 122 -21.25 15.57 19.95
C LEU E 122 -22.49 16.04 19.19
N ILE E 123 -22.38 17.19 18.50
CA ILE E 123 -23.54 17.80 17.86
C ILE E 123 -23.48 17.67 16.34
N ALA E 124 -22.31 17.91 15.77
CA ALA E 124 -22.09 17.88 14.32
C ALA E 124 -20.61 17.73 13.97
N ILE E 125 -20.36 17.22 12.77
CA ILE E 125 -19.02 17.15 12.22
C ILE E 125 -19.07 17.61 10.77
N THR E 126 -18.18 18.52 10.41
CA THR E 126 -18.12 19.00 9.04
C THR E 126 -16.67 18.96 8.57
N THR E 127 -16.48 18.99 7.26
CA THR E 127 -15.16 18.90 6.65
C THR E 127 -14.52 20.29 6.42
N CYS E 128 -13.21 20.30 6.25
CA CYS E 128 -12.47 21.55 6.09
C CYS E 128 -11.63 21.48 4.81
N THR E 129 -11.62 22.55 4.03
CA THR E 129 -10.80 22.58 2.83
C THR E 129 -9.46 23.27 3.15
N SER E 130 -9.46 24.14 4.15
CA SER E 130 -8.22 24.77 4.61
C SER E 130 -8.37 25.27 6.05
N SER E 131 -7.32 25.86 6.61
CA SER E 131 -7.37 26.39 7.97
C SER E 131 -8.21 27.68 8.06
N ASP E 132 -8.85 28.05 6.96
CA ASP E 132 -9.67 29.26 6.94
C ASP E 132 -11.10 28.94 6.54
N TYR E 133 -11.30 27.71 6.09
CA TYR E 133 -12.64 27.26 5.75
C TYR E 133 -12.98 25.87 6.24
N CYS E 134 -14.00 25.80 7.09
CA CYS E 134 -14.67 24.54 7.37
C CYS E 134 -16.13 24.81 7.06
N MET E 135 -16.87 23.79 6.64
CA MET E 135 -18.29 23.93 6.38
C MET E 135 -19.06 24.22 7.68
N GLY E 136 -20.20 24.91 7.58
CA GLY E 136 -21.03 25.13 8.77
C GLY E 136 -20.98 26.52 9.36
N PRO E 137 -21.88 26.80 10.33
CA PRO E 137 -21.91 28.17 10.84
C PRO E 137 -20.59 28.53 11.53
N THR E 138 -20.11 29.76 11.28
CA THR E 138 -18.89 30.23 11.89
C THR E 138 -19.13 31.51 12.69
N LEU E 139 -18.26 31.75 13.67
CA LEU E 139 -18.28 32.99 14.44
C LEU E 139 -17.47 34.10 13.75
N ASN F 22 2.56 28.15 -8.72
CA ASN F 22 2.65 26.79 -8.21
C ASN F 22 3.35 25.88 -9.21
N MET F 23 3.93 24.79 -8.72
CA MET F 23 4.56 23.78 -9.57
C MET F 23 3.55 22.86 -10.27
N ALA F 24 3.54 22.87 -11.60
CA ALA F 24 2.67 21.94 -12.31
C ALA F 24 2.84 20.51 -11.77
N ASP F 25 1.77 19.73 -11.89
CA ASP F 25 1.66 18.38 -11.33
C ASP F 25 2.02 18.19 -9.85
N TYR F 26 2.07 19.28 -9.07
CA TYR F 26 2.38 19.15 -7.63
C TYR F 26 1.20 19.55 -6.74
N ASN F 27 0.01 19.62 -7.34
CA ASN F 27 -1.18 20.10 -6.65
C ASN F 27 -1.99 19.02 -5.94
N THR F 28 -1.64 17.77 -6.16
CA THR F 28 -2.32 16.67 -5.47
C THR F 28 -1.34 15.83 -4.65
N TYR F 29 -1.57 15.78 -3.34
CA TYR F 29 -0.65 15.04 -2.47
C TYR F 29 -1.30 14.67 -1.16
N GLN F 30 -0.71 13.66 -0.52
CA GLN F 30 -1.06 13.24 0.82
C GLN F 30 0.16 13.38 1.73
N SER F 31 -0.02 14.09 2.84
CA SER F 31 1.08 14.38 3.76
C SER F 31 1.10 13.42 4.94
N ASN F 32 2.29 13.12 5.45
CA ASN F 32 2.38 12.25 6.63
C ASN F 32 1.66 10.91 6.46
N VAL F 33 1.93 10.23 5.35
CA VAL F 33 1.51 8.86 5.16
C VAL F 33 2.76 7.99 5.23
N GLN F 34 2.60 6.68 5.27
CA GLN F 34 3.75 5.78 5.19
C GLN F 34 3.54 4.82 4.04
N ILE F 35 4.63 4.41 3.41
CA ILE F 35 4.54 3.39 2.37
C ILE F 35 4.57 2.04 3.06
N ASN F 36 3.43 1.33 3.04
CA ASN F 36 3.31 0.07 3.75
C ASN F 36 3.23 -1.16 2.86
N ASN F 37 3.27 -0.94 1.55
CA ASN F 37 3.31 -2.06 0.60
C ASN F 37 4.02 -1.69 -0.69
N LEU F 38 4.53 -2.68 -1.40
CA LEU F 38 5.28 -2.39 -2.61
C LEU F 38 4.92 -3.45 -3.65
N SER F 39 4.72 -3.01 -4.90
CA SER F 39 4.51 -3.93 -6.02
C SER F 39 5.55 -3.57 -7.10
N TYR F 40 6.24 -4.58 -7.64
CA TYR F 40 7.08 -4.40 -8.83
C TYR F 40 6.82 -5.57 -9.79
N GLY F 41 6.69 -5.27 -11.08
CA GLY F 41 6.45 -6.32 -12.05
C GLY F 41 6.75 -5.91 -13.48
N VAL F 42 6.83 -6.89 -14.37
CA VAL F 42 6.94 -6.65 -15.81
C VAL F 42 5.70 -7.15 -16.53
N TYR F 43 5.36 -6.52 -17.65
CA TYR F 43 4.10 -6.83 -18.36
C TYR F 43 4.04 -6.17 -19.73
N ARG F 44 3.36 -6.83 -20.65
CA ARG F 44 3.10 -6.26 -21.97
C ARG F 44 1.76 -5.53 -22.01
N SER F 45 1.78 -4.28 -22.44
CA SER F 45 0.55 -3.50 -22.55
C SER F 45 0.45 -2.96 -23.95
N GLY F 46 -0.60 -3.36 -24.65
CA GLY F 46 -0.69 -3.08 -26.07
C GLY F 46 0.47 -3.84 -26.69
N ASP F 47 1.32 -3.11 -27.38
CA ASP F 47 2.51 -3.69 -27.99
C ASP F 47 3.78 -3.26 -27.27
N LYS F 48 3.64 -2.74 -26.05
CA LYS F 48 4.82 -2.28 -25.32
C LYS F 48 5.16 -3.13 -24.11
N GLU F 49 6.41 -3.58 -24.07
CA GLU F 49 6.92 -4.31 -22.93
C GLU F 49 7.25 -3.30 -21.86
N SER F 50 6.64 -3.45 -20.69
CA SER F 50 6.77 -2.44 -19.65
C SER F 50 7.25 -3.00 -18.32
N GLN F 51 7.77 -2.10 -17.49
CA GLN F 51 7.96 -2.34 -16.07
C GLN F 51 7.00 -1.43 -15.35
N PHE F 52 6.58 -1.83 -14.16
CA PHE F 52 5.83 -0.92 -13.30
C PHE F 52 6.21 -1.21 -11.86
N PHE F 53 6.02 -0.23 -10.99
CA PHE F 53 5.92 -0.47 -9.56
C PHE F 53 4.82 0.41 -8.98
N CYS F 54 4.33 0.01 -7.81
CA CYS F 54 3.33 0.77 -7.09
C CYS F 54 3.70 0.84 -5.63
N VAL F 55 3.41 1.96 -5.00
CA VAL F 55 3.49 2.01 -3.54
C VAL F 55 2.07 1.85 -2.97
N GLY F 56 1.98 1.15 -1.84
CA GLY F 56 0.75 1.06 -1.09
C GLY F 56 0.92 1.97 0.11
N LEU F 57 -0.12 2.73 0.45
CA LEU F 57 -0.01 3.75 1.48
C LEU F 57 -0.87 3.38 2.71
N LYS F 58 -0.38 3.70 3.89
CA LYS F 58 -1.22 3.69 5.08
C LYS F 58 -1.02 5.05 5.74
N ARG F 59 -1.89 5.39 6.69
CA ARG F 59 -1.74 6.61 7.47
C ARG F 59 -1.89 6.20 8.94
N GLY F 60 -0.74 5.95 9.57
CA GLY F 60 -0.72 5.34 10.88
C GLY F 60 -1.26 3.93 10.71
N SER F 61 -2.37 3.65 11.37
CA SER F 61 -3.03 2.36 11.30
C SER F 61 -4.14 2.31 10.24
N GLN F 62 -4.43 3.46 9.64
CA GLN F 62 -5.54 3.55 8.69
C GLN F 62 -5.07 3.47 7.24
N VAL F 63 -6.00 3.17 6.34
CA VAL F 63 -5.71 3.16 4.91
C VAL F 63 -6.51 4.26 4.18
N PRO F 64 -5.81 5.24 3.60
CA PRO F 64 -6.51 6.35 2.92
C PRO F 64 -7.30 5.90 1.68
N ASN F 65 -8.29 6.72 1.31
CA ASN F 65 -9.15 6.45 0.15
C ASN F 65 -8.34 6.15 -1.10
N VAL F 66 -7.39 7.02 -1.44
CA VAL F 66 -6.43 6.75 -2.50
C VAL F 66 -5.18 6.20 -1.85
N HIS F 67 -4.88 4.92 -2.11
CA HIS F 67 -3.83 4.20 -1.39
C HIS F 67 -2.83 3.47 -2.27
N THR F 68 -3.06 3.51 -3.57
CA THR F 68 -2.15 2.87 -4.52
C THR F 68 -1.70 3.82 -5.61
N ILE F 69 -0.39 4.03 -5.66
CA ILE F 69 0.18 4.97 -6.60
C ILE F 69 1.27 4.25 -7.36
N CYS F 70 1.27 4.43 -8.69
CA CYS F 70 2.12 3.63 -9.56
C CYS F 70 2.94 4.48 -10.51
N LYS F 71 4.03 3.90 -10.98
CA LYS F 71 4.87 4.50 -12.00
C LYS F 71 5.25 3.41 -13.01
N ILE F 72 5.27 3.75 -14.28
CA ILE F 72 5.49 2.77 -15.35
C ILE F 72 6.59 3.33 -16.26
N ASP F 73 7.53 2.50 -16.67
CA ASP F 73 8.72 3.00 -17.34
C ASP F 73 8.47 3.62 -18.71
N VAL F 74 7.59 3.02 -19.51
CA VAL F 74 7.34 3.49 -20.87
C VAL F 74 5.96 4.13 -21.09
N PHE F 75 5.24 4.40 -20.01
CA PHE F 75 3.96 5.11 -20.10
C PHE F 75 3.89 6.24 -19.07
N GLY F 76 3.00 7.20 -19.28
CA GLY F 76 2.69 8.19 -18.28
C GLY F 76 2.95 9.63 -18.67
N THR F 77 2.53 10.56 -17.80
CA THR F 77 2.80 11.98 -18.00
C THR F 77 4.31 12.30 -17.80
N HIS F 78 5.01 11.48 -17.01
CA HIS F 78 6.47 11.66 -16.84
C HIS F 78 7.19 10.31 -16.84
N LYS F 79 7.77 9.93 -17.97
CA LYS F 79 8.40 8.61 -18.09
C LYS F 79 9.79 8.54 -17.45
N GLN F 80 10.41 9.69 -17.25
CA GLN F 80 11.75 9.72 -16.68
C GLN F 80 11.75 9.28 -15.22
N GLY F 81 12.91 8.83 -14.74
CA GLY F 81 13.12 8.54 -13.34
C GLY F 81 12.54 7.26 -12.78
N PHE F 82 12.31 6.27 -13.63
CA PHE F 82 11.73 5.02 -13.15
C PHE F 82 12.60 4.37 -12.07
N ASP F 83 13.90 4.18 -12.36
CA ASP F 83 14.78 3.49 -11.40
C ASP F 83 14.96 4.27 -10.11
N ASN F 84 15.16 5.58 -10.23
CA ASN F 84 15.36 6.40 -9.04
C ASN F 84 14.11 6.47 -8.18
N MET F 85 12.95 6.56 -8.83
CA MET F 85 11.73 6.61 -8.04
C MET F 85 11.51 5.27 -7.33
N LEU F 86 11.84 4.17 -8.01
CA LEU F 86 11.74 2.86 -7.39
C LEU F 86 12.68 2.72 -6.19
N ALA F 87 13.94 3.06 -6.37
CA ALA F 87 14.93 2.96 -5.29
C ALA F 87 14.48 3.83 -4.15
N THR F 88 13.99 5.01 -4.48
CA THR F 88 13.51 5.94 -3.47
C THR F 88 12.31 5.34 -2.72
N ALA F 89 11.34 4.82 -3.46
CA ALA F 89 10.18 4.21 -2.81
C ALA F 89 10.61 3.04 -1.91
N ARG F 90 11.51 2.21 -2.43
CA ARG F 90 11.92 1.08 -1.63
C ARG F 90 12.58 1.55 -0.33
N TYR F 91 13.35 2.62 -0.40
CA TYR F 91 13.98 3.16 0.82
C TYR F 91 12.94 3.54 1.88
N TYR F 92 11.90 4.25 1.46
CA TYR F 92 10.89 4.69 2.42
C TYR F 92 10.00 3.54 2.90
N TYR F 93 9.83 2.52 2.06
CA TYR F 93 9.15 1.31 2.49
C TYR F 93 9.95 0.65 3.61
N ALA F 94 11.27 0.61 3.44
CA ALA F 94 12.14 -0.01 4.42
C ALA F 94 12.14 0.70 5.75
N THR F 95 12.19 2.04 5.73
CA THR F 95 12.22 2.79 7.00
C THR F 95 10.82 2.96 7.58
N GLY F 96 9.82 2.95 6.71
CA GLY F 96 8.45 3.20 7.14
C GLY F 96 8.22 4.60 7.68
N GLU F 97 9.09 5.53 7.31
CA GLU F 97 9.01 6.88 7.88
C GLU F 97 7.87 7.73 7.28
N ASP F 98 7.56 8.85 7.91
CA ASP F 98 6.54 9.77 7.41
C ASP F 98 6.99 10.47 6.13
N VAL F 99 6.19 10.34 5.08
CA VAL F 99 6.48 11.02 3.83
C VAL F 99 5.25 11.75 3.28
N ARG F 100 5.50 12.62 2.30
CA ARG F 100 4.44 13.20 1.49
C ARG F 100 4.54 12.59 0.11
N ILE F 101 3.40 12.15 -0.42
CA ILE F 101 3.35 11.61 -1.77
C ILE F 101 2.63 12.56 -2.70
N TYR F 102 3.32 13.04 -3.74
CA TYR F 102 2.65 13.85 -4.76
C TYR F 102 2.27 12.92 -5.92
N TYR F 103 1.03 13.05 -6.38
CA TYR F 103 0.58 12.14 -7.42
C TYR F 103 -0.44 12.79 -8.33
N LYS F 104 -0.70 12.11 -9.45
CA LYS F 104 -1.67 12.57 -10.41
C LYS F 104 -2.73 11.49 -10.61
N GLU F 105 -4.00 11.89 -10.53
CA GLU F 105 -5.10 10.96 -10.65
C GLU F 105 -5.52 10.73 -12.10
N ASN F 106 -6.13 9.57 -12.35
CA ASN F 106 -6.72 9.27 -13.65
C ASN F 106 -5.76 9.43 -14.82
N VAL F 107 -4.57 8.83 -14.70
CA VAL F 107 -3.59 8.88 -15.78
C VAL F 107 -3.65 7.63 -16.66
N TRP F 108 -3.54 6.45 -16.07
CA TRP F 108 -3.46 5.23 -16.87
C TRP F 108 -4.75 4.93 -17.61
N THR F 109 -4.62 4.62 -18.89
CA THR F 109 -5.77 4.38 -19.76
C THR F 109 -5.94 2.88 -20.01
N ASP F 110 -4.96 2.11 -19.57
CA ASP F 110 -5.01 0.66 -19.63
C ASP F 110 -5.93 0.20 -18.49
N ARG F 111 -7.16 -0.16 -18.85
CA ARG F 111 -8.18 -0.50 -17.86
C ARG F 111 -7.84 -1.79 -17.12
N ASN F 112 -7.07 -2.64 -17.77
CA ASN F 112 -6.56 -3.85 -17.12
C ASN F 112 -5.59 -3.51 -15.99
N PHE F 113 -4.70 -2.56 -16.25
CA PHE F 113 -3.77 -2.16 -15.22
C PHE F 113 -4.50 -1.45 -14.08
N THR F 114 -5.37 -0.50 -14.42
CA THR F 114 -6.01 0.31 -13.38
C THR F 114 -6.89 -0.55 -12.47
N ALA F 115 -7.50 -1.59 -13.05
CA ALA F 115 -8.33 -2.50 -12.27
C ALA F 115 -7.48 -3.33 -11.30
N ALA F 116 -6.28 -3.70 -11.74
CA ALA F 116 -5.38 -4.49 -10.91
C ALA F 116 -4.66 -3.66 -9.85
N PHE F 117 -4.35 -2.42 -10.19
CA PHE F 117 -3.63 -1.53 -9.28
C PHE F 117 -4.42 -0.22 -9.07
N SER F 118 -4.12 0.80 -9.87
CA SER F 118 -4.92 2.04 -9.85
C SER F 118 -4.65 2.86 -11.12
N GLY F 119 -5.33 4.00 -11.23
CA GLY F 119 -5.03 4.91 -12.33
C GLY F 119 -4.08 6.03 -11.93
N ASN F 120 -3.54 5.96 -10.71
CA ASN F 120 -2.71 7.05 -10.19
C ASN F 120 -1.22 6.99 -10.58
N GLU F 121 -0.68 8.11 -11.05
CA GLU F 121 0.73 8.21 -11.34
C GLU F 121 1.53 8.92 -10.23
N LEU F 122 2.59 8.28 -9.78
CA LEU F 122 3.48 8.82 -8.75
C LEU F 122 4.39 9.93 -9.29
N ILE F 123 4.39 11.09 -8.64
CA ILE F 123 5.11 12.25 -9.12
C ILE F 123 6.35 12.57 -8.27
N ALA F 124 6.19 12.49 -6.95
CA ALA F 124 7.31 12.80 -6.06
C ALA F 124 7.09 12.27 -4.64
N ILE F 125 8.20 12.06 -3.93
CA ILE F 125 8.14 11.66 -2.53
C ILE F 125 9.07 12.54 -1.72
N THR F 126 8.56 13.10 -0.63
CA THR F 126 9.39 13.96 0.22
C THR F 126 9.25 13.51 1.66
N THR F 127 10.21 13.90 2.48
CA THR F 127 10.22 13.47 3.87
C THR F 127 9.53 14.51 4.77
N CYS F 128 9.15 14.09 5.97
CA CYS F 128 8.43 14.94 6.90
C CYS F 128 9.15 15.01 8.22
N THR F 129 9.18 16.21 8.80
CA THR F 129 9.80 16.44 10.10
C THR F 129 8.81 16.36 11.25
N SER F 130 7.54 16.66 10.97
CA SER F 130 6.49 16.55 11.98
C SER F 130 5.15 16.49 11.28
N SER F 131 4.08 16.52 12.07
CA SER F 131 2.74 16.57 11.52
C SER F 131 2.62 17.91 10.80
N ASP F 132 3.22 18.92 11.41
CA ASP F 132 3.18 20.26 10.87
C ASP F 132 4.14 20.55 9.69
N TYR F 133 5.04 19.63 9.35
CA TYR F 133 5.99 19.88 8.24
C TYR F 133 6.44 18.71 7.35
N CYS F 134 6.16 18.79 6.06
CA CYS F 134 6.84 17.91 5.09
C CYS F 134 7.51 18.79 4.05
N MET F 135 8.60 18.31 3.49
CA MET F 135 9.30 19.08 2.47
C MET F 135 8.46 19.24 1.21
N GLY F 136 8.65 20.35 0.51
CA GLY F 136 7.98 20.56 -0.75
C GLY F 136 6.83 21.55 -0.72
N PRO F 137 6.33 21.89 -1.91
CA PRO F 137 5.27 22.89 -2.15
C PRO F 137 3.92 22.44 -1.62
N THR F 138 3.21 23.37 -1.01
CA THR F 138 1.87 23.13 -0.49
C THR F 138 0.88 24.08 -1.13
N LEU F 139 -0.40 23.72 -1.11
CA LEU F 139 -1.49 24.57 -1.61
C LEU F 139 -1.94 25.65 -0.63
N PRO F 140 -2.73 25.25 0.36
CA PRO F 140 -3.28 26.14 1.38
C PRO F 140 -4.81 26.34 1.24
N ASN G 22 23.52 -31.73 -17.18
CA ASN G 22 24.07 -30.72 -16.31
C ASN G 22 24.28 -29.39 -17.02
N MET G 23 24.25 -28.31 -16.26
CA MET G 23 24.51 -26.96 -16.73
C MET G 23 26.01 -26.73 -16.96
N ALA G 24 26.40 -26.44 -18.19
CA ALA G 24 27.82 -26.17 -18.43
C ALA G 24 28.37 -25.13 -17.43
N ASP G 25 29.67 -25.19 -17.20
CA ASP G 25 30.36 -24.38 -16.19
C ASP G 25 29.77 -24.37 -14.77
N TYR G 26 28.91 -25.33 -14.46
CA TYR G 26 28.35 -25.41 -13.10
C TYR G 26 28.74 -26.69 -12.35
N ASN G 27 29.76 -27.39 -12.85
CA ASN G 27 30.18 -28.68 -12.27
C ASN G 27 31.27 -28.61 -11.20
N THR G 28 31.85 -27.42 -11.03
CA THR G 28 32.90 -27.15 -10.04
C THR G 28 32.42 -26.06 -9.08
N TYR G 29 32.33 -26.41 -7.80
CA TYR G 29 31.77 -25.50 -6.79
C TYR G 29 32.24 -25.82 -5.38
N GLN G 30 32.07 -24.85 -4.48
CA GLN G 30 32.33 -24.99 -3.05
C GLN G 30 31.03 -24.75 -2.30
N SER G 31 30.60 -25.71 -1.49
CA SER G 31 29.33 -25.54 -0.80
C SER G 31 29.53 -25.09 0.66
N ASN G 32 28.59 -24.29 1.16
CA ASN G 32 28.65 -23.87 2.54
C ASN G 32 29.98 -23.21 2.89
N VAL G 33 30.39 -22.25 2.07
CA VAL G 33 31.54 -21.43 2.43
C VAL G 33 31.04 -20.04 2.76
N GLN G 34 31.91 -19.22 3.31
CA GLN G 34 31.54 -17.83 3.54
C GLN G 34 32.55 -16.97 2.79
N ILE G 35 32.08 -15.84 2.26
CA ILE G 35 32.98 -14.86 1.66
C ILE G 35 33.56 -13.93 2.70
N ASN G 36 34.84 -14.12 3.02
CA ASN G 36 35.47 -13.38 4.10
C ASN G 36 36.50 -12.35 3.64
N ASN G 37 36.69 -12.25 2.34
CA ASN G 37 37.54 -11.18 1.80
C ASN G 37 37.03 -10.72 0.47
N LEU G 38 37.33 -9.48 0.12
CA LEU G 38 36.86 -8.91 -1.14
C LEU G 38 37.94 -8.01 -1.75
N SER G 39 38.13 -8.13 -3.06
CA SER G 39 39.01 -7.21 -3.80
C SER G 39 38.24 -6.62 -4.99
N TYR G 40 38.36 -5.29 -5.17
CA TYR G 40 37.89 -4.63 -6.41
C TYR G 40 38.95 -3.68 -6.98
N GLY G 41 39.15 -3.72 -8.29
CA GLY G 41 40.16 -2.86 -8.88
C GLY G 41 40.04 -2.64 -10.38
N VAL G 42 40.79 -1.67 -10.89
CA VAL G 42 40.91 -1.46 -12.33
C VAL G 42 42.32 -1.77 -12.75
N TYR G 43 42.47 -2.21 -14.00
CA TYR G 43 43.72 -2.83 -14.43
C TYR G 43 43.81 -2.94 -15.95
N ARG G 44 44.96 -2.57 -16.50
CA ARG G 44 45.21 -2.78 -17.93
C ARG G 44 45.92 -4.12 -18.13
N SER G 45 45.33 -4.98 -18.94
CA SER G 45 45.92 -6.29 -19.21
C SER G 45 45.96 -6.48 -20.70
N GLY G 46 47.18 -6.65 -21.22
CA GLY G 46 47.37 -6.63 -22.65
C GLY G 46 47.04 -5.23 -23.14
N ASP G 47 46.10 -5.15 -24.08
CA ASP G 47 45.69 -3.87 -24.63
C ASP G 47 44.29 -3.49 -24.17
N LYS G 48 43.76 -4.19 -23.18
CA LYS G 48 42.40 -3.92 -22.74
C LYS G 48 42.32 -3.35 -21.32
N GLU G 49 41.53 -2.28 -21.17
CA GLU G 49 41.24 -1.70 -19.87
C GLU G 49 40.16 -2.51 -19.19
N SER G 50 40.44 -3.02 -17.99
CA SER G 50 39.49 -3.89 -17.34
C SER G 50 39.11 -3.44 -15.94
N GLN G 51 37.99 -3.97 -15.46
CA GLN G 51 37.69 -3.99 -14.04
C GLN G 51 37.77 -5.45 -13.61
N PHE G 52 38.13 -5.67 -12.36
CA PHE G 52 38.00 -7.00 -11.79
C PHE G 52 37.54 -6.90 -10.34
N PHE G 53 36.94 -7.99 -9.87
CA PHE G 53 36.85 -8.24 -8.43
C PHE G 53 37.16 -9.69 -8.12
N CYS G 54 37.56 -9.95 -6.87
CA CYS G 54 37.81 -11.31 -6.39
C CYS G 54 37.16 -11.49 -5.05
N VAL G 55 36.59 -12.67 -4.81
CA VAL G 55 36.15 -13.00 -3.47
C VAL G 55 37.16 -13.95 -2.81
N GLY G 56 37.40 -13.77 -1.51
CA GLY G 56 38.18 -14.71 -0.72
C GLY G 56 37.25 -15.55 0.14
N LEU G 57 37.57 -16.85 0.29
CA LEU G 57 36.69 -17.82 0.93
C LEU G 57 37.22 -18.47 2.21
N LYS G 58 36.33 -18.72 3.17
CA LYS G 58 36.61 -19.63 4.28
C LYS G 58 35.46 -20.63 4.38
N ARG G 59 35.64 -21.72 5.12
CA ARG G 59 34.53 -22.61 5.40
C ARG G 59 34.46 -22.86 6.90
N GLY G 60 33.73 -22.00 7.59
CA GLY G 60 33.73 -22.04 9.04
C GLY G 60 35.12 -21.75 9.54
N SER G 61 35.68 -22.70 10.29
CA SER G 61 37.02 -22.55 10.82
C SER G 61 38.02 -23.18 9.85
N GLN G 62 37.50 -23.85 8.82
CA GLN G 62 38.33 -24.56 7.85
C GLN G 62 38.53 -23.61 6.65
N VAL G 63 39.58 -23.83 5.86
CA VAL G 63 39.77 -23.10 4.61
C VAL G 63 39.78 -24.02 3.39
N PRO G 64 38.80 -23.83 2.49
CA PRO G 64 38.62 -24.70 1.33
C PRO G 64 39.83 -24.70 0.38
N ASN G 65 39.94 -25.79 -0.39
CA ASN G 65 41.04 -25.98 -1.34
C ASN G 65 41.27 -24.80 -2.29
N VAL G 66 40.23 -24.43 -3.03
CA VAL G 66 40.22 -23.22 -3.84
C VAL G 66 39.52 -22.14 -3.03
N HIS G 67 40.20 -21.04 -2.76
CA HIS G 67 39.64 -20.02 -1.89
C HIS G 67 39.65 -18.59 -2.47
N THR G 68 40.16 -18.45 -3.69
CA THR G 68 40.18 -17.15 -4.36
C THR G 68 39.60 -17.26 -5.77
N ILE G 69 38.52 -16.51 -6.02
CA ILE G 69 37.78 -16.57 -7.29
C ILE G 69 37.52 -15.16 -7.81
N CYS G 70 37.68 -14.96 -9.12
CA CYS G 70 37.63 -13.62 -9.69
C CYS G 70 36.72 -13.49 -10.90
N LYS G 71 36.27 -12.26 -11.13
CA LYS G 71 35.47 -11.95 -12.30
C LYS G 71 36.00 -10.67 -12.93
N ILE G 72 36.05 -10.63 -14.26
CA ILE G 72 36.63 -9.50 -14.97
C ILE G 72 35.65 -9.06 -16.07
N ASP G 73 35.43 -7.76 -16.22
CA ASP G 73 34.38 -7.28 -17.10
C ASP G 73 34.63 -7.58 -18.56
N VAL G 74 35.88 -7.45 -19.01
CA VAL G 74 36.14 -7.64 -20.44
C VAL G 74 36.90 -8.92 -20.80
N PHE G 75 37.09 -9.81 -19.81
CA PHE G 75 37.77 -11.07 -20.07
C PHE G 75 36.97 -12.23 -19.51
N GLY G 76 37.21 -13.43 -20.02
CA GLY G 76 36.63 -14.59 -19.38
C GLY G 76 35.69 -15.39 -20.23
N THR G 77 35.22 -16.48 -19.64
CA THR G 77 34.23 -17.35 -20.24
C THR G 77 32.88 -16.64 -20.37
N HIS G 78 32.59 -15.75 -19.43
CA HIS G 78 31.34 -15.01 -19.43
C HIS G 78 31.56 -13.57 -18.99
N LYS G 79 31.56 -12.64 -19.95
CA LYS G 79 31.83 -11.23 -19.62
C LYS G 79 30.63 -10.53 -19.01
N GLN G 80 29.43 -11.07 -19.25
CA GLN G 80 28.18 -10.47 -18.75
C GLN G 80 28.08 -10.55 -17.23
N GLY G 81 27.24 -9.69 -16.66
CA GLY G 81 26.88 -9.76 -15.25
C GLY G 81 27.95 -9.28 -14.27
N PHE G 82 28.88 -8.45 -14.75
CA PHE G 82 29.95 -7.96 -13.88
C PHE G 82 29.39 -7.16 -12.70
N ASP G 83 28.53 -6.18 -13.00
CA ASP G 83 27.98 -5.34 -11.94
C ASP G 83 27.11 -6.13 -10.97
N ASN G 84 26.24 -6.96 -11.50
CA ASN G 84 25.33 -7.73 -10.65
C ASN G 84 26.07 -8.74 -9.77
N MET G 85 27.10 -9.37 -10.34
CA MET G 85 27.89 -10.34 -9.58
C MET G 85 28.68 -9.62 -8.47
N LEU G 86 29.22 -8.44 -8.78
CA LEU G 86 29.92 -7.67 -7.76
C LEU G 86 28.97 -7.31 -6.62
N ALA G 87 27.79 -6.79 -6.95
CA ALA G 87 26.81 -6.41 -5.91
C ALA G 87 26.41 -7.59 -5.06
N THR G 88 26.16 -8.71 -5.73
CA THR G 88 25.78 -9.94 -5.04
C THR G 88 26.91 -10.40 -4.09
N ALA G 89 28.14 -10.42 -4.60
CA ALA G 89 29.26 -10.86 -3.76
C ALA G 89 29.44 -9.93 -2.54
N ARG G 90 29.34 -8.62 -2.75
CA ARG G 90 29.47 -7.71 -1.63
C ARG G 90 28.36 -7.95 -0.61
N TYR G 91 27.15 -8.24 -1.08
CA TYR G 91 26.06 -8.52 -0.16
C TYR G 91 26.41 -9.68 0.77
N TYR G 92 26.90 -10.77 0.19
CA TYR G 92 27.24 -11.95 0.99
C TYR G 92 28.49 -11.75 1.85
N TYR G 93 29.38 -10.87 1.39
CA TYR G 93 30.50 -10.49 2.24
C TYR G 93 29.97 -9.76 3.48
N ALA G 94 29.00 -8.89 3.30
CA ALA G 94 28.41 -8.13 4.42
C ALA G 94 27.70 -8.99 5.44
N THR G 95 26.91 -9.97 4.99
CA THR G 95 26.15 -10.81 5.91
C THR G 95 27.03 -11.93 6.46
N GLY G 96 28.04 -12.33 5.69
CA GLY G 96 28.90 -13.43 6.09
C GLY G 96 28.20 -14.78 6.13
N GLU G 97 27.09 -14.90 5.40
CA GLU G 97 26.29 -16.13 5.43
C GLU G 97 26.88 -17.26 4.60
N ASP G 98 26.39 -18.48 4.83
CA ASP G 98 26.79 -19.65 4.05
C ASP G 98 26.29 -19.56 2.62
N VAL G 99 27.21 -19.73 1.68
CA VAL G 99 26.83 -19.76 0.26
C VAL G 99 27.51 -20.94 -0.44
N ARG G 100 27.05 -21.20 -1.66
CA ARG G 100 27.78 -22.07 -2.58
C ARG G 100 28.34 -21.20 -3.69
N ILE G 101 29.61 -21.38 -3.98
CA ILE G 101 30.28 -20.64 -5.05
C ILE G 101 30.56 -21.58 -6.23
N TYR G 102 29.98 -21.28 -7.39
CA TYR G 102 30.31 -22.01 -8.62
C TYR G 102 31.41 -21.22 -9.35
N TYR G 103 32.43 -21.92 -9.83
CA TYR G 103 33.57 -21.28 -10.48
C TYR G 103 34.21 -22.17 -11.54
N LYS G 104 35.05 -21.57 -12.37
CA LYS G 104 35.72 -22.30 -13.42
C LYS G 104 37.23 -22.13 -13.25
N GLU G 105 37.96 -23.23 -13.24
CA GLU G 105 39.39 -23.20 -12.99
C GLU G 105 40.22 -22.90 -14.23
N ASN G 106 41.42 -22.38 -14.00
CA ASN G 106 42.39 -22.17 -15.08
C ASN G 106 41.86 -21.36 -16.25
N VAL G 107 41.23 -20.22 -15.94
CA VAL G 107 40.69 -19.38 -16.98
C VAL G 107 41.66 -18.27 -17.37
N TRP G 108 42.09 -17.48 -16.39
CA TRP G 108 42.94 -16.30 -16.63
C TRP G 108 44.33 -16.67 -17.09
N THR G 109 44.80 -16.01 -18.13
CA THR G 109 46.12 -16.30 -18.69
C THR G 109 47.16 -15.25 -18.31
N ASP G 110 46.73 -14.19 -17.65
CA ASP G 110 47.65 -13.15 -17.21
C ASP G 110 48.38 -13.60 -15.94
N ARG G 111 49.65 -13.98 -16.09
CA ARG G 111 50.40 -14.60 -15.02
C ARG G 111 50.63 -13.64 -13.87
N ASN G 112 50.63 -12.35 -14.19
CA ASN G 112 50.71 -11.34 -13.15
C ASN G 112 49.45 -11.35 -12.28
N PHE G 113 48.29 -11.46 -12.94
CA PHE G 113 47.03 -11.49 -12.22
C PHE G 113 46.91 -12.77 -11.43
N THR G 114 47.21 -13.91 -12.06
CA THR G 114 47.01 -15.19 -11.40
C THR G 114 47.92 -15.36 -10.19
N ALA G 115 49.14 -14.82 -10.26
CA ALA G 115 50.06 -14.89 -9.13
C ALA G 115 49.57 -14.04 -7.97
N ALA G 116 48.98 -12.90 -8.29
CA ALA G 116 48.46 -11.99 -7.28
C ALA G 116 47.11 -12.46 -6.75
N PHE G 117 46.31 -13.09 -7.62
CA PHE G 117 44.98 -13.57 -7.24
C PHE G 117 44.78 -15.06 -7.48
N SER G 118 44.17 -15.43 -8.60
CA SER G 118 44.07 -16.85 -8.99
C SER G 118 43.68 -16.96 -10.45
N GLY G 119 43.59 -18.18 -10.95
CA GLY G 119 43.12 -18.37 -12.32
C GLY G 119 41.65 -18.70 -12.37
N ASN G 120 40.98 -18.64 -11.23
CA ASN G 120 39.57 -19.04 -11.13
C ASN G 120 38.56 -17.97 -11.50
N GLU G 121 37.60 -18.33 -12.34
CA GLU G 121 36.50 -17.43 -12.72
C GLU G 121 35.19 -17.71 -12.00
N LEU G 122 34.62 -16.65 -11.42
CA LEU G 122 33.37 -16.74 -10.68
C LEU G 122 32.18 -16.91 -11.62
N ILE G 123 31.37 -17.93 -11.37
CA ILE G 123 30.29 -18.30 -12.28
C ILE G 123 28.91 -17.99 -11.71
N ALA G 124 28.73 -18.28 -10.41
CA ALA G 124 27.44 -18.08 -9.71
C ALA G 124 27.58 -18.14 -8.18
N ILE G 125 26.64 -17.55 -7.47
CA ILE G 125 26.60 -17.64 -6.02
C ILE G 125 25.18 -17.97 -5.60
N THR G 126 25.02 -18.98 -4.73
CA THR G 126 23.68 -19.34 -4.27
C THR G 126 23.70 -19.43 -2.76
N THR G 127 22.51 -19.36 -2.15
CA THR G 127 22.41 -19.35 -0.71
C THR G 127 22.20 -20.77 -0.20
N CYS G 128 22.46 -20.98 1.09
CA CYS G 128 22.34 -22.32 1.67
C CYS G 128 21.42 -22.17 2.87
N THR G 129 20.42 -23.04 2.97
CA THR G 129 19.49 -23.01 4.09
C THR G 129 19.88 -24.03 5.13
N SER G 130 20.80 -24.94 4.77
CA SER G 130 21.30 -25.89 5.74
C SER G 130 22.68 -26.38 5.35
N SER G 131 23.26 -27.20 6.20
CA SER G 131 24.59 -27.74 5.94
C SER G 131 24.55 -28.70 4.76
N ASP G 132 23.37 -29.23 4.49
CA ASP G 132 23.18 -30.22 3.44
C ASP G 132 22.50 -29.68 2.18
N TYR G 133 22.01 -28.45 2.23
CA TYR G 133 21.32 -27.88 1.07
C TYR G 133 21.80 -26.48 0.67
N CYS G 134 22.28 -26.33 -0.55
CA CYS G 134 22.42 -25.00 -1.13
C CYS G 134 21.64 -25.01 -2.43
N MET G 135 21.09 -23.87 -2.81
CA MET G 135 20.35 -23.79 -4.05
C MET G 135 21.29 -24.07 -5.22
N GLY G 136 20.75 -24.69 -6.27
CA GLY G 136 21.53 -24.94 -7.47
C GLY G 136 21.91 -26.40 -7.68
N PRO G 137 22.40 -26.71 -8.87
CA PRO G 137 22.69 -28.08 -9.27
C PRO G 137 23.85 -28.67 -8.46
N THR G 138 23.71 -29.94 -8.10
CA THR G 138 24.79 -30.63 -7.41
C THR G 138 25.23 -31.84 -8.22
N LEU G 139 26.47 -32.26 -8.03
CA LEU G 139 26.96 -33.51 -8.61
C LEU G 139 26.64 -34.71 -7.72
N PRO G 140 26.10 -35.77 -8.34
CA PRO G 140 25.84 -37.07 -7.68
C PRO G 140 27.10 -37.65 -7.05
N ASN H 22 -2.27 -6.29 -21.18
CA ASN H 22 -3.09 -7.23 -20.42
C ASN H 22 -2.37 -7.69 -19.15
N MET H 23 -3.13 -7.85 -18.07
CA MET H 23 -2.64 -8.49 -16.85
C MET H 23 -2.90 -10.00 -16.94
N ALA H 24 -3.12 -10.49 -18.16
CA ALA H 24 -3.33 -11.90 -18.42
C ALA H 24 -2.26 -12.78 -17.74
N ASP H 25 -0.99 -12.34 -17.80
CA ASP H 25 0.13 -13.08 -17.22
C ASP H 25 0.16 -12.98 -15.70
N TYR H 26 -0.93 -12.53 -15.10
CA TYR H 26 -0.92 -12.37 -13.65
C TYR H 26 -1.87 -13.34 -12.96
N ASN H 27 -2.25 -14.41 -13.67
CA ASN H 27 -3.25 -15.35 -13.18
C ASN H 27 -2.62 -16.51 -12.41
N THR H 28 -1.30 -16.57 -12.43
CA THR H 28 -0.57 -17.60 -11.71
C THR H 28 0.37 -16.98 -10.69
N TYR H 29 0.19 -17.35 -9.44
CA TYR H 29 0.99 -16.76 -8.36
C TYR H 29 0.96 -17.61 -7.09
N GLN H 30 1.91 -17.34 -6.19
CA GLN H 30 1.95 -17.92 -4.85
C GLN H 30 1.83 -16.78 -3.84
N SER H 31 0.82 -16.84 -2.99
CA SER H 31 0.58 -15.75 -2.04
C SER H 31 1.13 -16.06 -0.67
N ASN H 32 1.59 -15.04 0.03
CA ASN H 32 2.05 -15.22 1.38
C ASN H 32 3.14 -16.29 1.48
N VAL H 33 4.12 -16.16 0.62
CA VAL H 33 5.31 -16.99 0.69
C VAL H 33 6.46 -16.12 1.14
N GLN H 34 7.58 -16.74 1.49
CA GLN H 34 8.81 -16.01 1.78
C GLN H 34 9.91 -16.55 0.88
N ILE H 35 10.79 -15.66 0.46
CA ILE H 35 11.96 -16.04 -0.30
C ILE H 35 13.07 -16.44 0.66
N ASN H 36 13.38 -17.74 0.69
CA ASN H 36 14.37 -18.23 1.66
C ASN H 36 15.70 -18.68 1.03
N ASN H 37 15.76 -18.60 -0.28
CA ASN H 37 16.98 -18.87 -1.01
C ASN H 37 17.07 -18.00 -2.27
N LEU H 38 18.29 -17.72 -2.70
CA LEU H 38 18.50 -16.88 -3.86
C LEU H 38 19.65 -17.47 -4.63
N SER H 39 19.49 -17.55 -5.96
CA SER H 39 20.59 -17.94 -6.83
C SER H 39 20.82 -16.84 -7.88
N TYR H 40 22.09 -16.47 -8.08
CA TYR H 40 22.48 -15.59 -9.18
C TYR H 40 23.70 -16.17 -9.91
N GLY H 41 23.64 -16.18 -11.23
CA GLY H 41 24.74 -16.74 -12.01
C GLY H 41 24.80 -16.26 -13.45
N VAL H 42 25.93 -16.54 -14.09
CA VAL H 42 26.07 -16.27 -15.51
C VAL H 42 26.15 -17.63 -16.21
N TYR H 43 25.65 -17.70 -17.43
CA TYR H 43 25.38 -18.99 -18.04
C TYR H 43 25.13 -18.88 -19.54
N ARG H 44 25.73 -19.79 -20.29
CA ARG H 44 25.47 -19.86 -21.72
C ARG H 44 24.33 -20.81 -22.02
N SER H 45 23.30 -20.32 -22.69
CA SER H 45 22.15 -21.15 -23.04
C SER H 45 21.84 -20.95 -24.50
N GLY H 46 21.87 -22.05 -25.25
CA GLY H 46 21.80 -21.97 -26.69
C GLY H 46 23.06 -21.26 -27.12
N ASP H 47 22.94 -20.20 -27.90
CA ASP H 47 24.12 -19.41 -28.27
C ASP H 47 24.11 -18.04 -27.62
N LYS H 48 23.32 -17.89 -26.57
CA LYS H 48 23.23 -16.60 -25.89
C LYS H 48 23.96 -16.61 -24.56
N GLU H 49 24.80 -15.61 -24.34
CA GLU H 49 25.40 -15.41 -23.03
C GLU H 49 24.40 -14.71 -22.12
N SER H 50 24.02 -15.36 -21.04
CA SER H 50 22.94 -14.83 -20.21
C SER H 50 23.30 -14.63 -18.75
N GLN H 51 22.47 -13.84 -18.08
CA GLN H 51 22.40 -13.80 -16.64
C GLN H 51 21.07 -14.41 -16.22
N PHE H 52 21.06 -15.04 -15.06
CA PHE H 52 19.82 -15.46 -14.43
C PHE H 52 19.89 -15.26 -12.92
N PHE H 53 18.72 -15.15 -12.30
CA PHE H 53 18.62 -15.43 -10.87
C PHE H 53 17.35 -16.23 -10.62
N CYS H 54 17.32 -16.94 -9.49
CA CYS H 54 16.13 -17.70 -9.13
C CYS H 54 15.86 -17.44 -7.67
N VAL H 55 14.58 -17.32 -7.33
CA VAL H 55 14.21 -17.31 -5.92
C VAL H 55 13.72 -18.71 -5.53
N GLY H 56 14.09 -19.12 -4.33
CA GLY H 56 13.59 -20.33 -3.72
C GLY H 56 12.58 -19.86 -2.69
N LEU H 57 11.48 -20.59 -2.57
CA LEU H 57 10.33 -20.19 -1.74
C LEU H 57 10.02 -21.12 -0.58
N LYS H 58 9.59 -20.54 0.53
CA LYS H 58 8.94 -21.34 1.57
C LYS H 58 7.62 -20.65 1.90
N ARG H 59 6.74 -21.37 2.61
CA ARG H 59 5.51 -20.80 3.17
C ARG H 59 5.40 -21.26 4.62
N GLY H 60 5.90 -20.43 5.52
CA GLY H 60 6.08 -20.84 6.90
C GLY H 60 7.14 -21.95 6.97
N SER H 61 6.76 -23.08 7.54
CA SER H 61 7.69 -24.21 7.63
C SER H 61 7.52 -25.17 6.46
N GLN H 62 6.54 -24.87 5.61
CA GLN H 62 6.17 -25.74 4.49
C GLN H 62 6.89 -25.30 3.20
N VAL H 63 6.97 -26.20 2.23
CA VAL H 63 7.55 -25.87 0.95
C VAL H 63 6.42 -25.92 -0.06
N PRO H 64 6.11 -24.76 -0.68
CA PRO H 64 4.99 -24.58 -1.60
C PRO H 64 5.13 -25.45 -2.85
N ASN H 65 4.02 -25.72 -3.52
CA ASN H 65 4.02 -26.59 -4.68
C ASN H 65 5.12 -26.23 -5.69
N VAL H 66 5.05 -24.97 -6.12
CA VAL H 66 6.06 -24.33 -6.94
C VAL H 66 6.94 -23.55 -5.99
N HIS H 67 8.22 -23.88 -5.95
CA HIS H 67 9.08 -23.26 -4.95
C HIS H 67 10.33 -22.64 -5.56
N THR H 68 10.48 -22.77 -6.88
CA THR H 68 11.64 -22.16 -7.56
C THR H 68 11.22 -21.36 -8.80
N ILE H 69 11.52 -20.06 -8.79
CA ILE H 69 11.11 -19.16 -9.87
C ILE H 69 12.30 -18.32 -10.35
N CYS H 70 12.45 -18.18 -11.67
CA CYS H 70 13.65 -17.56 -12.22
C CYS H 70 13.35 -16.45 -13.23
N LYS H 71 14.32 -15.56 -13.40
CA LYS H 71 14.25 -14.52 -14.44
C LYS H 71 15.58 -14.54 -15.16
N ILE H 72 15.54 -14.40 -16.48
CA ILE H 72 16.75 -14.50 -17.29
C ILE H 72 16.82 -13.26 -18.19
N ASP H 73 17.99 -12.66 -18.29
CA ASP H 73 18.09 -11.36 -18.95
C ASP H 73 17.78 -11.38 -20.44
N VAL H 74 18.25 -12.40 -21.15
CA VAL H 74 18.07 -12.47 -22.62
C VAL H 74 17.06 -13.51 -23.09
N PHE H 75 16.33 -14.10 -22.14
CA PHE H 75 15.27 -15.05 -22.49
C PHE H 75 14.02 -14.73 -21.70
N GLY H 76 12.88 -15.21 -22.18
CA GLY H 76 11.63 -15.15 -21.42
C GLY H 76 10.50 -14.41 -22.13
N THR H 77 9.31 -14.46 -21.54
CA THR H 77 8.16 -13.73 -22.07
C THR H 77 8.35 -12.24 -21.88
N HIS H 78 9.09 -11.87 -20.84
CA HIS H 78 9.39 -10.46 -20.58
C HIS H 78 10.84 -10.27 -20.18
N LYS H 79 11.67 -9.84 -21.12
CA LYS H 79 13.11 -9.71 -20.91
C LYS H 79 13.46 -8.47 -20.12
N GLN H 80 12.58 -7.48 -20.12
CA GLN H 80 12.83 -6.23 -19.43
C GLN H 80 12.87 -6.39 -17.91
N GLY H 81 13.53 -5.45 -17.25
CA GLY H 81 13.52 -5.35 -15.80
C GLY H 81 14.37 -6.36 -15.04
N PHE H 82 15.42 -6.88 -15.68
CA PHE H 82 16.26 -7.84 -14.98
C PHE H 82 16.88 -7.28 -13.70
N ASP H 83 17.54 -6.13 -13.80
CA ASP H 83 18.23 -5.54 -12.65
C ASP H 83 17.28 -5.16 -11.51
N ASN H 84 16.16 -4.55 -11.91
CA ASN H 84 15.15 -4.13 -10.94
C ASN H 84 14.51 -5.31 -10.25
N MET H 85 14.23 -6.37 -11.01
CA MET H 85 13.60 -7.53 -10.40
C MET H 85 14.59 -8.22 -9.46
N LEU H 86 15.87 -8.26 -9.84
CA LEU H 86 16.90 -8.83 -8.96
C LEU H 86 17.02 -8.00 -7.68
N ALA H 87 17.12 -6.68 -7.80
CA ALA H 87 17.24 -5.86 -6.60
C ALA H 87 16.03 -6.08 -5.71
N THR H 88 14.86 -6.13 -6.34
CA THR H 88 13.63 -6.32 -5.58
C THR H 88 13.63 -7.65 -4.87
N ALA H 89 13.99 -8.71 -5.60
CA ALA H 89 14.04 -10.04 -4.99
C ALA H 89 15.06 -10.09 -3.85
N ARG H 90 16.25 -9.54 -4.07
CA ARG H 90 17.27 -9.59 -3.01
C ARG H 90 16.80 -8.88 -1.74
N TYR H 91 16.08 -7.77 -1.89
CA TYR H 91 15.57 -7.08 -0.71
C TYR H 91 14.66 -7.99 0.13
N TYR H 92 13.74 -8.71 -0.53
CA TYR H 92 12.80 -9.57 0.19
C TYR H 92 13.48 -10.81 0.75
N TYR H 93 14.54 -11.25 0.09
CA TYR H 93 15.37 -12.29 0.67
C TYR H 93 15.99 -11.81 1.96
N ALA H 94 16.44 -10.56 1.96
CA ALA H 94 17.06 -9.97 3.14
C ALA H 94 16.04 -9.83 4.27
N THR H 95 14.81 -9.40 3.99
CA THR H 95 13.85 -9.20 5.08
C THR H 95 13.11 -10.50 5.47
N GLY H 96 13.03 -11.46 4.55
CA GLY H 96 12.28 -12.68 4.78
C GLY H 96 10.77 -12.43 4.89
N GLU H 97 10.32 -11.29 4.39
CA GLU H 97 8.94 -10.92 4.61
C GLU H 97 7.97 -11.66 3.69
N ASP H 98 6.70 -11.58 4.05
CA ASP H 98 5.63 -12.20 3.29
C ASP H 98 5.39 -11.48 1.95
N VAL H 99 5.47 -12.23 0.85
CA VAL H 99 5.25 -11.67 -0.47
C VAL H 99 4.32 -12.51 -1.33
N ARG H 100 3.84 -11.94 -2.42
CA ARG H 100 3.16 -12.69 -3.46
C ARG H 100 4.06 -12.71 -4.67
N ILE H 101 4.29 -13.92 -5.19
CA ILE H 101 5.15 -14.11 -6.35
C ILE H 101 4.28 -14.48 -7.55
N TYR H 102 4.29 -13.63 -8.57
CA TYR H 102 3.60 -13.95 -9.82
C TYR H 102 4.58 -14.56 -10.82
N TYR H 103 4.15 -15.63 -11.48
CA TYR H 103 5.05 -16.33 -12.39
C TYR H 103 4.30 -17.00 -13.53
N LYS H 104 5.04 -17.41 -14.54
CA LYS H 104 4.48 -18.10 -15.68
C LYS H 104 5.19 -19.43 -15.80
N GLU H 105 4.40 -20.49 -15.90
CA GLU H 105 4.90 -21.86 -15.89
C GLU H 105 5.38 -22.30 -17.26
N ASN H 106 6.28 -23.28 -17.28
CA ASN H 106 6.77 -23.89 -18.52
C ASN H 106 7.31 -22.90 -19.53
N VAL H 107 8.17 -22.01 -19.06
CA VAL H 107 8.76 -21.04 -19.96
C VAL H 107 10.11 -21.55 -20.42
N TRP H 108 10.99 -21.89 -19.48
CA TRP H 108 12.34 -22.28 -19.86
C TRP H 108 12.35 -23.64 -20.53
N THR H 109 13.03 -23.74 -21.68
CA THR H 109 13.09 -24.98 -22.45
C THR H 109 14.45 -25.66 -22.33
N ASP H 110 15.40 -25.00 -21.66
CA ASP H 110 16.71 -25.59 -21.42
C ASP H 110 16.62 -26.61 -20.30
N ARG H 111 16.62 -27.89 -20.66
CA ARG H 111 16.38 -28.96 -19.71
C ARG H 111 17.45 -29.11 -18.64
N ASN H 112 18.67 -28.68 -18.94
CA ASN H 112 19.68 -28.65 -17.91
C ASN H 112 19.30 -27.59 -16.88
N PHE H 113 18.81 -26.47 -17.37
CA PHE H 113 18.45 -25.39 -16.48
C PHE H 113 17.22 -25.75 -15.62
N THR H 114 16.20 -26.30 -16.25
CA THR H 114 14.97 -26.61 -15.51
C THR H 114 15.19 -27.70 -14.48
N ALA H 115 16.10 -28.64 -14.78
CA ALA H 115 16.43 -29.71 -13.83
C ALA H 115 17.16 -29.16 -12.60
N ALA H 116 18.02 -28.17 -12.81
CA ALA H 116 18.76 -27.57 -11.69
C ALA H 116 17.88 -26.60 -10.92
N PHE H 117 17.01 -25.90 -11.65
CA PHE H 117 16.15 -24.88 -11.06
C PHE H 117 14.67 -25.14 -11.35
N SER H 118 14.10 -24.50 -12.39
CA SER H 118 12.72 -24.84 -12.79
C SER H 118 12.42 -24.29 -14.17
N GLY H 119 11.19 -24.48 -14.63
CA GLY H 119 10.78 -23.87 -15.87
C GLY H 119 9.99 -22.58 -15.69
N ASN H 120 9.90 -22.10 -14.45
CA ASN H 120 9.06 -20.95 -14.12
C ASN H 120 9.73 -19.58 -14.34
N GLU H 121 9.02 -18.67 -15.00
CA GLU H 121 9.53 -17.32 -15.20
C GLU H 121 8.94 -16.33 -14.19
N LEU H 122 9.81 -15.57 -13.54
CA LEU H 122 9.35 -14.59 -12.57
C LEU H 122 8.76 -13.36 -13.25
N ILE H 123 7.54 -12.99 -12.86
CA ILE H 123 6.80 -11.90 -13.51
C ILE H 123 6.65 -10.65 -12.63
N ALA H 124 6.36 -10.86 -11.35
CA ALA H 124 6.17 -9.73 -10.45
C ALA H 124 6.25 -10.17 -8.99
N ILE H 125 6.58 -9.24 -8.12
CA ILE H 125 6.59 -9.49 -6.68
C ILE H 125 5.90 -8.35 -5.96
N THR H 126 4.98 -8.71 -5.07
CA THR H 126 4.28 -7.71 -4.28
C THR H 126 4.30 -8.15 -2.82
N THR H 127 4.11 -7.19 -1.92
CA THR H 127 4.16 -7.43 -0.49
C THR H 127 2.77 -7.71 0.07
N CYS H 128 2.70 -8.26 1.29
CA CYS H 128 1.42 -8.66 1.88
C CYS H 128 1.27 -7.92 3.19
N THR H 129 0.06 -7.44 3.48
CA THR H 129 -0.13 -6.74 4.72
C THR H 129 -0.42 -7.78 5.79
N SER H 130 -1.02 -8.88 5.35
CA SER H 130 -1.36 -9.99 6.23
C SER H 130 -1.57 -11.23 5.40
N SER H 131 -1.98 -12.31 6.07
CA SER H 131 -2.29 -13.55 5.35
C SER H 131 -3.53 -13.40 4.47
N ASP H 132 -4.29 -12.33 4.67
CA ASP H 132 -5.53 -12.17 3.92
C ASP H 132 -5.47 -11.06 2.86
N TYR H 133 -4.32 -10.42 2.74
CA TYR H 133 -4.10 -9.39 1.73
C TYR H 133 -2.65 -9.24 1.21
N CYS H 134 -2.46 -9.40 -0.11
CA CYS H 134 -1.22 -8.98 -0.76
C CYS H 134 -1.60 -8.01 -1.88
N MET H 135 -0.72 -7.07 -2.22
CA MET H 135 -1.03 -6.16 -3.31
C MET H 135 -1.15 -6.91 -4.64
N GLY H 136 -1.98 -6.39 -5.52
CA GLY H 136 -2.07 -6.94 -6.86
C GLY H 136 -3.31 -7.74 -7.16
N PRO H 137 -3.51 -8.04 -8.44
CA PRO H 137 -4.67 -8.73 -8.99
C PRO H 137 -4.69 -10.18 -8.52
N THR H 138 -5.89 -10.72 -8.27
CA THR H 138 -6.03 -12.12 -7.89
C THR H 138 -6.78 -12.78 -9.03
N LEU H 139 -6.66 -14.09 -9.14
CA LEU H 139 -7.36 -14.82 -10.19
C LEU H 139 -8.85 -14.49 -10.18
N PRO H 140 -9.46 -14.50 -8.99
CA PRO H 140 -10.87 -14.09 -8.91
C PRO H 140 -11.07 -12.65 -9.39
N ASN H 141 -10.11 -11.76 -9.16
CA ASN H 141 -10.23 -10.42 -9.73
C ASN H 141 -10.28 -10.51 -11.25
N LEU H 142 -9.37 -11.29 -11.84
CA LEU H 142 -9.24 -11.36 -13.28
C LEU H 142 -10.47 -11.98 -13.94
N GLU H 143 -10.92 -13.12 -13.42
CA GLU H 143 -12.06 -13.78 -14.02
C GLU H 143 -13.36 -12.97 -13.85
N HIS H 144 -13.54 -12.29 -12.72
CA HIS H 144 -14.73 -11.46 -12.55
C HIS H 144 -14.69 -10.16 -13.38
N HIS H 145 -13.61 -9.95 -14.11
CA HIS H 145 -13.57 -8.81 -15.03
C HIS H 145 -13.74 -9.23 -16.48
N HIS H 146 -14.18 -8.29 -17.31
CA HIS H 146 -14.49 -8.55 -18.73
C HIS H 146 -13.28 -8.97 -19.55
N ASN I 22 41.99 28.08 -6.72
CA ASN I 22 40.79 27.51 -6.12
C ASN I 22 39.99 26.74 -7.16
N MET I 23 39.20 25.76 -6.69
CA MET I 23 38.28 25.02 -7.55
C MET I 23 37.03 25.81 -7.85
N ALA I 24 36.85 26.17 -9.11
CA ALA I 24 35.64 26.86 -9.52
C ALA I 24 34.37 26.18 -8.96
N ASP I 25 33.50 26.99 -8.37
CA ASP I 25 32.25 26.50 -7.77
C ASP I 25 32.41 25.77 -6.43
N TYR I 26 33.55 25.91 -5.76
CA TYR I 26 33.70 25.27 -4.46
C TYR I 26 33.88 26.29 -3.34
N ASN I 27 33.54 27.54 -3.62
CA ASN I 27 33.76 28.68 -2.70
C ASN I 27 32.62 28.97 -1.74
N THR I 28 31.48 28.32 -1.97
CA THR I 28 30.31 28.51 -1.13
C THR I 28 29.89 27.18 -0.54
N TYR I 29 29.88 27.09 0.79
CA TYR I 29 29.58 25.82 1.44
C TYR I 29 29.05 26.00 2.85
N GLN I 30 28.42 24.95 3.35
CA GLN I 30 27.98 24.87 4.74
C GLN I 30 28.66 23.68 5.40
N SER I 31 29.39 23.94 6.48
CA SER I 31 30.14 22.89 7.19
C SER I 31 29.42 22.38 8.44
N ASN I 32 29.61 21.10 8.74
CA ASN I 32 29.01 20.53 9.94
C ASN I 32 27.51 20.75 10.01
N VAL I 33 26.83 20.43 8.91
CA VAL I 33 25.37 20.39 8.92
C VAL I 33 24.95 18.94 8.81
N GLN I 34 23.67 18.68 9.00
CA GLN I 34 23.14 17.34 8.77
C GLN I 34 22.01 17.47 7.76
N ILE I 35 21.87 16.46 6.91
CA ILE I 35 20.73 16.43 5.99
C ILE I 35 19.53 15.81 6.70
N ASN I 36 18.54 16.64 7.07
CA ASN I 36 17.41 16.12 7.84
C ASN I 36 16.11 15.97 7.06
N ASN I 37 16.15 16.32 5.78
CA ASN I 37 15.04 16.11 4.85
C ASN I 37 15.52 15.85 3.42
N LEU I 38 14.69 15.16 2.66
CA LEU I 38 15.02 14.77 1.31
C LEU I 38 13.77 14.86 0.44
N SER I 39 13.92 15.41 -0.76
CA SER I 39 12.84 15.41 -1.73
C SER I 39 13.34 14.78 -3.03
N TYR I 40 12.54 13.90 -3.63
CA TYR I 40 12.82 13.42 -4.98
C TYR I 40 11.54 13.46 -5.81
N GLY I 41 11.62 13.95 -7.03
CA GLY I 41 10.43 14.04 -7.86
C GLY I 41 10.74 14.19 -9.34
N VAL I 42 9.71 14.03 -10.17
CA VAL I 42 9.82 14.28 -11.59
C VAL I 42 8.99 15.52 -11.91
N TYR I 43 9.40 16.27 -12.92
CA TYR I 43 8.85 17.60 -13.11
C TYR I 43 9.19 18.15 -14.48
N ARG I 44 8.19 18.72 -15.13
CA ARG I 44 8.40 19.39 -16.41
C ARG I 44 8.69 20.86 -16.18
N SER I 45 9.81 21.29 -16.75
CA SER I 45 10.20 22.68 -16.68
C SER I 45 10.57 23.15 -18.07
N GLY I 46 9.89 24.17 -18.56
CA GLY I 46 10.05 24.60 -19.94
C GLY I 46 9.58 23.46 -20.81
N ASP I 47 10.43 23.02 -21.74
CA ASP I 47 10.09 21.90 -22.61
C ASP I 47 10.84 20.64 -22.20
N LYS I 48 11.41 20.65 -21.00
CA LYS I 48 12.21 19.52 -20.54
C LYS I 48 11.55 18.72 -19.45
N GLU I 49 11.54 17.40 -19.61
CA GLU I 49 11.12 16.51 -18.55
C GLU I 49 12.31 16.30 -17.63
N SER I 50 12.14 16.63 -16.36
CA SER I 50 13.29 16.58 -15.49
C SER I 50 13.06 15.68 -14.29
N GLN I 51 14.18 15.28 -13.68
CA GLN I 51 14.18 14.73 -12.34
C GLN I 51 14.89 15.77 -11.49
N PHE I 52 14.48 15.87 -10.23
CA PHE I 52 15.24 16.65 -9.28
C PHE I 52 15.25 15.96 -7.93
N PHE I 53 16.24 16.33 -7.12
CA PHE I 53 16.11 16.08 -5.70
C PHE I 53 16.61 17.30 -4.93
N CYS I 54 16.16 17.42 -3.69
CA CYS I 54 16.62 18.50 -2.83
C CYS I 54 16.96 17.91 -1.47
N VAL I 55 18.06 18.41 -0.90
CA VAL I 55 18.37 18.11 0.49
C VAL I 55 17.92 19.31 1.35
N GLY I 56 17.37 19.00 2.51
CA GLY I 56 17.03 19.97 3.53
C GLY I 56 18.04 19.83 4.67
N LEU I 57 18.45 20.96 5.23
CA LEU I 57 19.56 20.99 6.19
C LEU I 57 19.16 21.44 7.58
N LYS I 58 19.82 20.86 8.58
CA LYS I 58 19.82 21.44 9.91
C LYS I 58 21.25 21.52 10.39
N ARG I 59 21.50 22.30 11.44
CA ARG I 59 22.79 22.31 12.10
C ARG I 59 22.48 22.15 13.57
N GLY I 60 22.46 20.92 14.03
CA GLY I 60 21.96 20.60 15.35
C GLY I 60 20.48 20.90 15.41
N SER I 61 20.09 21.76 16.34
CA SER I 61 18.69 22.15 16.47
C SER I 61 18.37 23.42 15.68
N GLN I 62 19.40 24.03 15.11
CA GLN I 62 19.23 25.27 14.37
C GLN I 62 19.10 25.03 12.88
N VAL I 63 18.56 26.03 12.20
CA VAL I 63 18.40 25.96 10.75
C VAL I 63 19.38 26.92 10.10
N PRO I 64 20.32 26.38 9.33
CA PRO I 64 21.30 27.28 8.73
C PRO I 64 20.63 28.26 7.78
N ASN I 65 21.27 29.40 7.57
CA ASN I 65 20.73 30.40 6.68
C ASN I 65 20.31 29.81 5.34
N VAL I 66 21.20 29.07 4.69
CA VAL I 66 20.84 28.30 3.49
C VAL I 66 20.54 26.87 3.90
N HIS I 67 19.30 26.43 3.69
CA HIS I 67 18.86 25.12 4.19
C HIS I 67 18.25 24.16 3.19
N THR I 68 18.10 24.61 1.95
CA THR I 68 17.56 23.75 0.90
C THR I 68 18.41 23.85 -0.36
N ILE I 69 18.95 22.73 -0.81
CA ILE I 69 19.83 22.69 -1.99
C ILE I 69 19.39 21.58 -2.91
N CYS I 70 19.39 21.84 -4.22
CA CYS I 70 18.78 20.92 -5.16
C CYS I 70 19.69 20.56 -6.33
N LYS I 71 19.42 19.42 -6.95
CA LYS I 71 20.14 18.99 -8.15
C LYS I 71 19.10 18.48 -9.15
N ILE I 72 19.30 18.82 -10.41
CA ILE I 72 18.33 18.51 -11.45
C ILE I 72 19.07 17.85 -12.59
N ASP I 73 18.48 16.80 -13.17
CA ASP I 73 19.22 15.99 -14.12
C ASP I 73 19.54 16.70 -15.45
N VAL I 74 18.58 17.48 -15.97
CA VAL I 74 18.75 18.12 -17.28
C VAL I 74 18.95 19.66 -17.23
N PHE I 75 19.14 20.19 -16.03
CA PHE I 75 19.39 21.63 -15.86
C PHE I 75 20.57 21.84 -14.92
N GLY I 76 21.20 23.02 -15.00
CA GLY I 76 22.19 23.41 -14.01
C GLY I 76 23.57 23.66 -14.55
N THR I 77 24.47 24.17 -13.70
CA THR I 77 25.85 24.39 -14.11
C THR I 77 26.56 23.05 -14.33
N HIS I 78 26.12 22.00 -13.63
CA HIS I 78 26.69 20.65 -13.81
C HIS I 78 25.62 19.57 -13.86
N LYS I 79 25.30 19.08 -15.06
CA LYS I 79 24.22 18.11 -15.22
C LYS I 79 24.62 16.68 -14.86
N GLN I 80 25.92 16.41 -14.93
CA GLN I 80 26.48 15.09 -14.63
C GLN I 80 26.32 14.78 -13.15
N GLY I 81 26.38 13.49 -12.83
CA GLY I 81 26.40 13.00 -11.47
C GLY I 81 25.05 13.01 -10.77
N PHE I 82 23.97 13.01 -11.52
CA PHE I 82 22.67 13.02 -10.86
C PHE I 82 22.43 11.79 -9.97
N ASP I 83 22.56 10.59 -10.55
CA ASP I 83 22.26 9.36 -9.79
C ASP I 83 23.21 9.19 -8.61
N ASN I 84 24.50 9.44 -8.86
CA ASN I 84 25.48 9.33 -7.79
C ASN I 84 25.29 10.39 -6.69
N MET I 85 24.92 11.60 -7.10
CA MET I 85 24.72 12.62 -6.08
C MET I 85 23.50 12.26 -5.26
N LEU I 86 22.46 11.72 -5.90
CA LEU I 86 21.26 11.29 -5.16
C LEU I 86 21.59 10.17 -4.18
N ALA I 87 22.28 9.13 -4.65
CA ALA I 87 22.64 8.01 -3.78
C ALA I 87 23.48 8.53 -2.63
N THR I 88 24.40 9.44 -2.93
CA THR I 88 25.27 9.99 -1.89
C THR I 88 24.43 10.74 -0.86
N ALA I 89 23.54 11.61 -1.33
CA ALA I 89 22.68 12.36 -0.41
C ALA I 89 21.80 11.46 0.44
N ARG I 90 21.21 10.44 -0.19
CA ARG I 90 20.33 9.55 0.54
C ARG I 90 21.08 8.82 1.64
N TYR I 91 22.33 8.43 1.36
CA TYR I 91 23.14 7.78 2.39
C TYR I 91 23.31 8.69 3.61
N TYR I 92 23.65 9.96 3.39
CA TYR I 92 23.88 10.85 4.53
C TYR I 92 22.58 11.21 5.25
N TYR I 93 21.47 11.21 4.51
CA TYR I 93 20.18 11.38 5.16
C TYR I 93 19.95 10.21 6.11
N ALA I 94 20.28 9.01 5.65
CA ALA I 94 20.08 7.83 6.48
C ALA I 94 20.96 7.83 7.74
N THR I 95 22.22 8.27 7.62
CA THR I 95 23.09 8.23 8.80
C THR I 95 22.88 9.43 9.71
N GLY I 96 22.47 10.55 9.12
CA GLY I 96 22.33 11.80 9.85
C GLY I 96 23.64 12.40 10.32
N GLU I 97 24.75 12.01 9.70
CA GLU I 97 26.08 12.44 10.15
C GLU I 97 26.43 13.84 9.70
N ASP I 98 27.44 14.45 10.33
CA ASP I 98 27.92 15.79 9.92
C ASP I 98 28.59 15.76 8.56
N VAL I 99 28.11 16.63 7.67
CA VAL I 99 28.67 16.75 6.34
C VAL I 99 28.99 18.21 6.02
N ARG I 100 29.76 18.42 4.95
CA ARG I 100 29.88 19.77 4.39
C ARG I 100 29.18 19.70 3.05
N ILE I 101 28.31 20.68 2.81
CA ILE I 101 27.61 20.77 1.55
C ILE I 101 28.17 21.93 0.74
N TYR I 102 28.69 21.64 -0.45
CA TYR I 102 29.08 22.71 -1.37
C TYR I 102 27.92 22.96 -2.33
N TYR I 103 27.62 24.23 -2.57
CA TYR I 103 26.47 24.57 -3.40
C TYR I 103 26.71 25.87 -4.16
N LYS I 104 25.84 26.14 -5.13
CA LYS I 104 25.91 27.36 -5.91
C LYS I 104 24.60 28.10 -5.82
N GLU I 105 24.68 29.36 -5.46
CA GLU I 105 23.49 30.16 -5.23
C GLU I 105 22.95 30.74 -6.54
N ASN I 106 21.67 31.06 -6.54
CA ASN I 106 21.01 31.75 -7.65
C ASN I 106 21.17 31.09 -9.00
N VAL I 107 20.94 29.77 -9.06
CA VAL I 107 21.03 29.04 -10.31
C VAL I 107 19.65 28.82 -10.95
N TRP I 108 18.70 28.27 -10.19
CA TRP I 108 17.40 27.95 -10.77
C TRP I 108 16.63 29.20 -11.08
N THR I 109 16.07 29.29 -12.28
CA THR I 109 15.32 30.46 -12.68
C THR I 109 13.81 30.21 -12.67
N ASP I 110 13.41 28.96 -12.43
CA ASP I 110 11.98 28.62 -12.35
C ASP I 110 11.45 29.10 -10.99
N ARG I 111 10.76 30.22 -11.02
CA ARG I 111 10.35 30.86 -9.78
C ARG I 111 9.31 30.05 -9.00
N ASN I 112 8.58 29.16 -9.67
CA ASN I 112 7.71 28.24 -8.95
C ASN I 112 8.52 27.21 -8.17
N PHE I 113 9.58 26.74 -8.79
CA PHE I 113 10.47 25.78 -8.15
C PHE I 113 11.23 26.43 -7.00
N THR I 114 11.75 27.63 -7.20
CA THR I 114 12.54 28.23 -6.14
C THR I 114 11.67 28.55 -4.95
N ALA I 115 10.41 28.91 -5.20
CA ALA I 115 9.48 29.22 -4.11
C ALA I 115 9.16 27.96 -3.30
N ALA I 116 9.09 26.82 -3.99
CA ALA I 116 8.82 25.54 -3.37
C ALA I 116 10.07 24.97 -2.69
N PHE I 117 11.22 25.20 -3.32
CA PHE I 117 12.47 24.64 -2.81
C PHE I 117 13.51 25.75 -2.61
N SER I 118 14.39 25.97 -3.59
CA SER I 118 15.33 27.10 -3.52
C SER I 118 15.96 27.30 -4.89
N GLY I 119 16.82 28.31 -5.02
CA GLY I 119 17.58 28.52 -6.24
C GLY I 119 18.99 27.91 -6.16
N ASN I 120 19.27 27.16 -5.11
CA ASN I 120 20.61 26.63 -4.90
C ASN I 120 20.87 25.31 -5.63
N GLU I 121 22.00 25.23 -6.33
CA GLU I 121 22.42 23.99 -6.97
C GLU I 121 23.46 23.21 -6.14
N LEU I 122 23.21 21.93 -5.92
CA LEU I 122 24.14 21.07 -5.18
C LEU I 122 25.37 20.71 -5.99
N ILE I 123 26.55 20.95 -5.41
CA ILE I 123 27.81 20.79 -6.12
C ILE I 123 28.61 19.59 -5.60
N ALA I 124 28.65 19.43 -4.27
CA ALA I 124 29.41 18.34 -3.63
C ALA I 124 29.00 18.10 -2.19
N ILE I 125 29.26 16.90 -1.69
CA ILE I 125 29.05 16.57 -0.27
C ILE I 125 30.26 15.88 0.29
N THR I 126 30.71 16.33 1.44
CA THR I 126 31.86 15.70 2.09
C THR I 126 31.57 15.48 3.55
N THR I 127 32.33 14.57 4.15
CA THR I 127 32.11 14.17 5.51
C THR I 127 32.97 14.96 6.48
N CYS I 128 32.61 14.92 7.77
CA CYS I 128 33.33 15.67 8.78
C CYS I 128 33.76 14.74 9.90
N THR I 129 34.99 14.87 10.33
CA THR I 129 35.48 14.07 11.45
C THR I 129 35.39 14.83 12.77
N SER I 130 35.32 16.16 12.69
CA SER I 130 35.16 17.00 13.89
C SER I 130 34.54 18.36 13.55
N SER I 131 34.39 19.21 14.56
CA SER I 131 33.81 20.53 14.36
C SER I 131 34.70 21.33 13.43
N ASP I 132 36.00 21.27 13.71
CA ASP I 132 37.01 21.98 12.94
C ASP I 132 37.43 21.32 11.61
N TYR I 133 36.97 20.11 11.32
CA TYR I 133 37.38 19.46 10.07
C TYR I 133 36.30 18.79 9.21
N CYS I 134 36.15 19.28 7.98
CA CYS I 134 35.43 18.52 6.97
C CYS I 134 36.37 18.36 5.78
N MET I 135 36.24 17.25 5.06
CA MET I 135 37.04 17.04 3.87
C MET I 135 36.72 18.10 2.80
N GLY I 136 37.73 18.46 2.02
CA GLY I 136 37.55 19.41 0.95
C GLY I 136 38.11 20.80 1.22
N PRO I 137 38.19 21.62 0.17
CA PRO I 137 38.76 22.97 0.18
C PRO I 137 37.91 23.96 0.99
N THR I 138 38.59 24.83 1.73
CA THR I 138 37.96 25.89 2.51
C THR I 138 38.50 27.27 2.08
N LEU I 139 37.75 28.34 2.38
CA LEU I 139 38.23 29.69 2.11
C LEU I 139 39.19 30.15 3.17
N ASN J 22 54.93 -8.47 -12.15
CA ASN J 22 54.04 -7.70 -11.29
C ASN J 22 52.87 -7.13 -12.07
N MET J 23 51.78 -6.85 -11.35
CA MET J 23 50.63 -6.17 -11.94
C MET J 23 50.89 -4.67 -12.11
N ALA J 24 50.95 -4.22 -13.36
CA ALA J 24 51.12 -2.81 -13.66
C ALA J 24 50.19 -1.88 -12.85
N ASP J 25 50.77 -0.83 -12.25
CA ASP J 25 50.05 0.12 -11.41
C ASP J 25 49.59 -0.41 -10.05
N TYR J 26 50.14 -1.54 -9.62
CA TYR J 26 49.81 -2.09 -8.31
C TYR J 26 51.00 -2.10 -7.35
N ASN J 27 52.00 -1.28 -7.66
N ASN J 27 51.97 -1.24 -7.65
CA ASN J 27 53.22 -1.23 -6.84
CA ASN J 27 53.23 -1.18 -6.90
C ASN J 27 53.20 -0.21 -5.70
C ASN J 27 53.21 -0.19 -5.72
N THR J 28 52.20 0.66 -5.67
CA THR J 28 52.07 1.63 -4.59
C THR J 28 50.76 1.47 -3.87
N TYR J 29 50.82 1.22 -2.57
CA TYR J 29 49.60 0.99 -1.80
C TYR J 29 49.80 1.30 -0.32
N GLN J 30 48.69 1.50 0.38
CA GLN J 30 48.69 1.65 1.84
C GLN J 30 47.86 0.51 2.41
N SER J 31 48.48 -0.25 3.31
CA SER J 31 47.86 -1.42 3.92
C SER J 31 47.34 -1.11 5.30
N ASN J 32 46.25 -1.78 5.67
CA ASN J 32 45.66 -1.62 6.99
C ASN J 32 45.31 -0.18 7.32
N VAL J 33 44.61 0.46 6.39
CA VAL J 33 44.08 1.78 6.65
C VAL J 33 42.56 1.68 6.74
N GLN J 34 41.93 2.75 7.22
CA GLN J 34 40.48 2.85 7.20
C GLN J 34 40.10 4.09 6.43
N ILE J 35 39.00 3.99 5.69
CA ILE J 35 38.48 5.16 5.03
C ILE J 35 37.61 5.89 6.02
N ASN J 36 38.12 7.02 6.52
CA ASN J 36 37.41 7.74 7.56
C ASN J 36 36.76 9.04 7.09
N ASN J 37 36.95 9.35 5.81
CA ASN J 37 36.25 10.46 5.18
C ASN J 37 36.03 10.18 3.69
N LEU J 38 35.02 10.83 3.14
CA LEU J 38 34.60 10.63 1.77
C LEU J 38 34.18 11.98 1.18
N SER J 39 34.61 12.24 -0.05
CA SER J 39 34.12 13.43 -0.75
C SER J 39 33.55 12.96 -2.07
N TYR J 40 32.38 13.50 -2.42
CA TYR J 40 31.83 13.32 -3.77
C TYR J 40 31.33 14.65 -4.34
N GLY J 41 31.66 14.91 -5.61
CA GLY J 41 31.22 16.15 -6.22
C GLY J 41 31.22 16.16 -7.73
N VAL J 42 30.59 17.20 -8.28
CA VAL J 42 30.67 17.43 -9.69
C VAL J 42 31.52 18.69 -9.86
N TYR J 43 32.20 18.79 -11.00
CA TYR J 43 33.26 19.78 -11.14
C TYR J 43 33.68 19.89 -12.59
N ARG J 44 33.86 21.13 -13.06
CA ARG J 44 34.39 21.33 -14.38
C ARG J 44 35.90 21.43 -14.25
N SER J 45 36.60 20.56 -14.97
CA SER J 45 38.05 20.52 -14.94
C SER J 45 38.59 20.50 -16.36
N GLY J 46 39.39 21.51 -16.70
CA GLY J 46 39.81 21.68 -18.07
C GLY J 46 38.58 21.96 -18.93
N ASP J 47 38.40 21.14 -19.96
CA ASP J 47 37.27 21.29 -20.86
C ASP J 47 36.21 20.20 -20.69
N LYS J 48 36.33 19.44 -19.61
CA LYS J 48 35.43 18.33 -19.34
C LYS J 48 34.57 18.53 -18.09
N GLU J 49 33.27 18.27 -18.21
CA GLU J 49 32.42 18.23 -17.02
C GLU J 49 32.63 16.88 -16.36
N SER J 50 33.05 16.89 -15.10
CA SER J 50 33.42 15.62 -14.46
C SER J 50 32.69 15.33 -13.14
N GLN J 51 32.74 14.07 -12.74
CA GLN J 51 32.41 13.67 -11.39
C GLN J 51 33.70 13.25 -10.75
N PHE J 52 33.81 13.43 -9.44
CA PHE J 52 34.92 12.83 -8.71
C PHE J 52 34.48 12.37 -7.33
N PHE J 53 35.22 11.41 -6.78
CA PHE J 53 35.21 11.16 -5.35
C PHE J 53 36.64 10.94 -4.88
N CYS J 54 36.87 11.20 -3.60
CA CYS J 54 38.17 11.01 -2.98
C CYS J 54 37.91 10.31 -1.65
N VAL J 55 38.79 9.40 -1.27
CA VAL J 55 38.74 8.83 0.07
C VAL J 55 39.80 9.52 0.94
N GLY J 56 39.45 9.75 2.21
CA GLY J 56 40.38 10.22 3.23
C GLY J 56 40.73 9.04 4.12
N LEU J 57 41.99 8.92 4.50
CA LEU J 57 42.47 7.71 5.19
C LEU J 57 42.96 7.98 6.60
N LYS J 58 42.76 7.02 7.50
CA LYS J 58 43.48 7.02 8.78
C LYS J 58 44.07 5.64 8.95
N ARG J 59 44.98 5.51 9.92
CA ARG J 59 45.48 4.19 10.30
C ARG J 59 45.44 4.16 11.82
N GLY J 60 44.31 3.70 12.35
CA GLY J 60 44.06 3.85 13.77
C GLY J 60 43.96 5.35 14.03
N SER J 61 44.84 5.83 14.91
CA SER J 61 44.89 7.26 15.26
C SER J 61 45.93 8.00 14.41
N GLN J 62 46.64 7.26 13.56
CA GLN J 62 47.71 7.86 12.77
C GLN J 62 47.17 8.27 11.41
N VAL J 63 47.89 9.15 10.73
CA VAL J 63 47.51 9.56 9.39
C VAL J 63 48.56 9.06 8.41
N PRO J 64 48.17 8.18 7.49
CA PRO J 64 49.16 7.61 6.56
C PRO J 64 49.78 8.67 5.65
N ASN J 65 50.98 8.42 5.14
CA ASN J 65 51.68 9.37 4.27
C ASN J 65 50.83 9.85 3.09
N VAL J 66 50.28 8.91 2.34
CA VAL J 66 49.28 9.23 1.35
C VAL J 66 47.92 9.01 2.01
N HIS J 67 47.11 10.07 2.14
CA HIS J 67 45.84 9.97 2.89
C HIS J 67 44.62 10.44 2.11
N THR J 68 44.86 10.97 0.92
CA THR J 68 43.76 11.41 0.07
C THR J 68 43.93 10.84 -1.34
N ILE J 69 42.99 10.01 -1.76
CA ILE J 69 43.09 9.36 -3.06
C ILE J 69 41.77 9.52 -3.82
N CYS J 70 41.85 9.82 -5.10
CA CYS J 70 40.67 10.22 -5.82
C CYS J 70 40.52 9.44 -7.12
N LYS J 71 39.28 9.40 -7.60
CA LYS J 71 38.97 8.82 -8.90
C LYS J 71 38.05 9.80 -9.61
N ILE J 72 38.25 9.97 -10.91
CA ILE J 72 37.49 10.93 -11.71
C ILE J 72 36.93 10.20 -12.91
N ASP J 73 35.66 10.47 -13.24
CA ASP J 73 35.00 9.66 -14.25
C ASP J 73 35.60 9.84 -15.63
N VAL J 74 35.96 11.07 -15.99
CA VAL J 74 36.43 11.36 -17.35
C VAL J 74 37.93 11.66 -17.46
N PHE J 75 38.66 11.45 -16.37
CA PHE J 75 40.11 11.61 -16.39
C PHE J 75 40.80 10.44 -15.69
N GLY J 76 42.07 10.24 -16.00
CA GLY J 76 42.91 9.30 -15.28
C GLY J 76 43.52 8.22 -16.13
N THR J 77 44.42 7.46 -15.52
CA THR J 77 45.06 6.33 -16.20
C THR J 77 44.04 5.21 -16.47
N HIS J 78 43.01 5.11 -15.64
CA HIS J 78 41.99 4.11 -15.88
C HIS J 78 40.61 4.75 -15.64
N LYS J 79 39.92 5.13 -16.71
CA LYS J 79 38.65 5.86 -16.55
C LYS J 79 37.52 4.94 -16.15
N GLN J 80 37.67 3.64 -16.43
CA GLN J 80 36.62 2.66 -16.13
C GLN J 80 36.36 2.45 -14.64
N GLY J 81 35.17 1.95 -14.31
CA GLY J 81 34.87 1.52 -12.95
C GLY J 81 34.57 2.65 -11.98
N PHE J 82 34.12 3.80 -12.49
CA PHE J 82 33.84 4.91 -11.57
C PHE J 82 32.72 4.59 -10.56
N ASP J 83 31.56 4.16 -11.05
CA ASP J 83 30.43 3.88 -10.17
C ASP J 83 30.72 2.75 -9.20
N ASN J 84 31.35 1.69 -9.70
CA ASN J 84 31.69 0.54 -8.88
C ASN J 84 32.72 0.86 -7.82
N MET J 85 33.71 1.67 -8.19
CA MET J 85 34.73 2.06 -7.25
C MET J 85 34.12 2.95 -6.16
N LEU J 86 33.21 3.82 -6.56
CA LEU J 86 32.50 4.68 -5.61
C LEU J 86 31.67 3.83 -4.65
N ALA J 87 30.91 2.87 -5.18
CA ALA J 87 30.10 2.03 -4.32
C ALA J 87 30.99 1.32 -3.31
N THR J 88 32.12 0.84 -3.82
CA THR J 88 33.06 0.09 -3.00
C THR J 88 33.61 0.98 -1.91
N ALA J 89 34.07 2.17 -2.28
CA ALA J 89 34.59 3.10 -1.29
C ALA J 89 33.51 3.44 -0.27
N ARG J 90 32.29 3.70 -0.74
CA ARG J 90 31.23 4.05 0.22
C ARG J 90 30.95 2.91 1.20
N TYR J 91 30.98 1.67 0.72
CA TYR J 91 30.77 0.53 1.60
C TYR J 91 31.80 0.44 2.74
N TYR J 92 33.07 0.61 2.41
CA TYR J 92 34.13 0.52 3.42
C TYR J 92 34.16 1.72 4.35
N TYR J 93 33.76 2.88 3.83
CA TYR J 93 33.59 4.05 4.67
C TYR J 93 32.51 3.75 5.73
N ALA J 94 31.46 3.06 5.31
CA ALA J 94 30.36 2.69 6.21
C ALA J 94 30.77 1.70 7.30
N THR J 95 31.55 0.68 6.94
CA THR J 95 31.96 -0.33 7.94
C THR J 95 33.16 0.14 8.75
N GLY J 96 33.95 1.04 8.17
CA GLY J 96 35.20 1.50 8.78
C GLY J 96 36.22 0.37 8.88
N GLU J 97 36.04 -0.68 8.09
CA GLU J 97 36.91 -1.83 8.28
C GLU J 97 38.33 -1.61 7.72
N ASP J 98 39.24 -2.51 8.10
CA ASP J 98 40.62 -2.45 7.65
C ASP J 98 40.77 -2.80 6.18
N VAL J 99 41.37 -1.90 5.40
CA VAL J 99 41.57 -2.22 3.98
C VAL J 99 42.98 -1.89 3.50
N ARG J 100 43.29 -2.38 2.30
CA ARG J 100 44.43 -1.92 1.52
C ARG J 100 43.96 -1.12 0.30
N ILE J 101 44.56 0.05 0.12
CA ILE J 101 44.27 0.92 -1.02
C ILE J 101 45.46 1.00 -1.98
N TYR J 102 45.23 0.61 -3.22
CA TYR J 102 46.24 0.78 -4.27
C TYR J 102 45.96 2.09 -4.97
N TYR J 103 47.03 2.81 -5.29
CA TYR J 103 46.90 4.11 -5.94
C TYR J 103 48.11 4.38 -6.84
N LYS J 104 47.95 5.38 -7.70
CA LYS J 104 49.00 5.82 -8.60
C LYS J 104 49.24 7.30 -8.34
N GLU J 105 50.48 7.67 -8.09
CA GLU J 105 50.81 9.02 -7.69
C GLU J 105 50.97 9.97 -8.87
N ASN J 106 50.82 11.26 -8.63
CA ASN J 106 51.07 12.29 -9.63
C ASN J 106 50.32 12.11 -10.94
N VAL J 107 49.02 11.86 -10.86
CA VAL J 107 48.21 11.70 -12.06
C VAL J 107 47.49 12.98 -12.47
N TRP J 108 46.71 13.54 -11.57
CA TRP J 108 45.88 14.70 -11.90
C TRP J 108 46.73 15.92 -12.20
N THR J 109 46.41 16.62 -13.29
CA THR J 109 47.20 17.79 -13.68
C THR J 109 46.46 19.09 -13.43
N ASP J 110 45.20 18.99 -13.01
CA ASP J 110 44.45 20.20 -12.62
C ASP J 110 44.95 20.66 -11.25
N ARG J 111 45.78 21.69 -11.25
CA ARG J 111 46.49 22.10 -10.05
C ARG J 111 45.56 22.65 -8.98
N ASN J 112 44.39 23.15 -9.38
CA ASN J 112 43.36 23.54 -8.42
C ASN J 112 42.80 22.31 -7.71
N PHE J 113 42.60 21.23 -8.47
CA PHE J 113 42.11 20.00 -7.86
C PHE J 113 43.13 19.39 -6.92
N THR J 114 44.39 19.33 -7.36
CA THR J 114 45.38 18.65 -6.53
C THR J 114 45.62 19.37 -5.22
N ALA J 115 45.55 20.69 -5.23
CA ALA J 115 45.74 21.47 -4.02
C ALA J 115 44.58 21.28 -3.04
N ALA J 116 43.38 21.14 -3.58
CA ALA J 116 42.20 20.97 -2.75
C ALA J 116 42.11 19.54 -2.22
N PHE J 117 42.55 18.59 -3.06
CA PHE J 117 42.49 17.17 -2.73
C PHE J 117 43.87 16.51 -2.81
N SER J 118 44.20 15.88 -3.94
CA SER J 118 45.57 15.36 -4.17
C SER J 118 45.75 15.02 -5.64
N GLY J 119 46.95 14.54 -6.02
CA GLY J 119 47.18 14.07 -7.38
C GLY J 119 47.06 12.55 -7.49
N ASN J 120 46.64 11.90 -6.40
CA ASN J 120 46.64 10.44 -6.38
C ASN J 120 45.40 9.84 -7.02
N GLU J 121 45.60 8.87 -7.91
CA GLU J 121 44.49 8.17 -8.54
C GLU J 121 44.20 6.82 -7.90
N LEU J 122 42.94 6.60 -7.55
CA LEU J 122 42.52 5.36 -6.92
C LEU J 122 42.48 4.21 -7.93
N ILE J 123 43.17 3.12 -7.58
CA ILE J 123 43.33 1.98 -8.47
C ILE J 123 42.57 0.74 -7.99
N ALA J 124 42.62 0.46 -6.70
CA ALA J 124 41.94 -0.72 -6.15
C ALA J 124 41.77 -0.63 -4.66
N ILE J 125 40.79 -1.35 -4.14
CA ILE J 125 40.59 -1.50 -2.70
C ILE J 125 40.40 -2.97 -2.36
N THR J 126 41.16 -3.46 -1.40
CA THR J 126 41.02 -4.84 -0.98
C THR J 126 40.92 -4.88 0.53
N THR J 127 40.39 -6.00 1.05
CA THR J 127 40.17 -6.16 2.47
C THR J 127 41.38 -6.80 3.16
N CYS J 128 41.48 -6.62 4.47
CA CYS J 128 42.60 -7.09 5.26
C CYS J 128 42.16 -7.97 6.41
N THR J 129 42.97 -8.99 6.71
CA THR J 129 42.71 -9.84 7.85
C THR J 129 43.57 -9.46 9.07
N SER J 130 44.80 -8.98 8.81
CA SER J 130 45.69 -8.60 9.89
C SER J 130 46.80 -7.68 9.40
N SER J 131 47.73 -7.36 10.30
CA SER J 131 48.83 -6.44 10.00
C SER J 131 49.66 -6.97 8.84
N ASP J 132 49.63 -6.24 7.73
CA ASP J 132 50.36 -6.60 6.52
C ASP J 132 49.76 -7.86 5.86
N TYR J 133 48.48 -8.14 6.14
CA TYR J 133 47.81 -9.31 5.57
C TYR J 133 46.50 -8.92 4.90
N CYS J 134 46.60 -8.51 3.64
CA CYS J 134 45.47 -8.04 2.83
C CYS J 134 45.39 -8.79 1.51
N MET J 135 44.21 -8.83 0.89
CA MET J 135 44.10 -9.43 -0.45
C MET J 135 44.90 -8.60 -1.42
N GLY J 136 45.41 -9.23 -2.47
CA GLY J 136 46.08 -8.52 -3.56
C GLY J 136 47.59 -8.65 -3.62
N PRO J 137 48.19 -8.22 -4.74
CA PRO J 137 49.62 -8.37 -4.97
C PRO J 137 50.37 -7.51 -3.96
N THR J 138 51.48 -8.00 -3.43
CA THR J 138 52.29 -7.22 -2.48
C THR J 138 53.69 -7.05 -3.07
N LEU J 139 54.42 -6.04 -2.61
CA LEU J 139 55.80 -5.88 -3.07
C LEU J 139 56.74 -6.87 -2.41
N PRO J 140 57.58 -7.48 -3.23
CA PRO J 140 58.69 -8.36 -2.84
C PRO J 140 59.69 -7.53 -2.05
N ASN J 141 60.10 -7.96 -0.87
CA ASN J 141 61.22 -7.28 -0.21
C ASN J 141 62.51 -7.48 -1.05
N LEU J 142 62.82 -6.50 -1.89
CA LEU J 142 63.88 -6.62 -2.90
C LEU J 142 65.27 -6.83 -2.29
N GLU J 143 65.60 -6.01 -1.30
CA GLU J 143 66.91 -6.11 -0.68
C GLU J 143 67.05 -7.48 0.00
N HIS J 144 65.95 -7.96 0.57
CA HIS J 144 65.92 -9.23 1.28
C HIS J 144 66.18 -10.39 0.31
N HIS J 145 65.58 -10.31 -0.87
CA HIS J 145 65.74 -11.35 -1.89
C HIS J 145 67.13 -11.30 -2.50
N HIS J 146 67.58 -10.08 -2.77
CA HIS J 146 68.88 -9.82 -3.35
C HIS J 146 70.02 -10.34 -2.45
N HIS J 147 69.93 -10.09 -1.15
CA HIS J 147 70.98 -10.57 -0.23
C HIS J 147 70.70 -11.98 0.25
N HIS J 148 69.73 -12.65 -0.39
CA HIS J 148 69.54 -14.09 -0.25
C HIS J 148 69.98 -14.82 -1.53
N HIS J 149 70.25 -14.03 -2.57
CA HIS J 149 70.63 -14.56 -3.88
C HIS J 149 71.81 -13.79 -4.47
C1 PEG K . -12.49 -6.88 -8.88
O1 PEG K . -13.26 -5.94 -8.12
C2 PEG K . -12.61 -8.27 -8.27
O2 PEG K . -13.97 -8.70 -8.18
C3 PEG K . -14.08 -10.09 -7.88
C4 PEG K . -13.91 -10.40 -6.39
O4 PEG K . -14.98 -9.81 -5.64
H11 PEG K . -12.85 -6.89 -9.91
H12 PEG K . -11.44 -6.57 -8.88
HO1 PEG K . -12.94 -5.92 -7.20
H21 PEG K . -12.06 -8.99 -8.87
H22 PEG K . -12.17 -8.27 -7.27
H31 PEG K . -15.07 -10.45 -8.21
H32 PEG K . -13.33 -10.64 -8.45
H41 PEG K . -13.91 -11.47 -6.23
H42 PEG K . -12.96 -9.99 -6.05
HO4 PEG K . -14.86 -10.00 -4.70
O1 MES L . -19.43 -31.48 6.99
C2 MES L . -18.53 -31.95 7.99
C3 MES L . -17.12 -31.46 7.70
N4 MES L . -16.73 -31.92 6.37
C5 MES L . -17.64 -31.52 5.28
C6 MES L . -19.07 -31.93 5.67
C7 MES L . -15.30 -31.66 6.16
C8 MES L . -15.05 -30.72 4.98
S MES L . -13.71 -29.77 5.33
O1S MES L . -13.83 -29.21 6.70
O2S MES L . -13.65 -28.65 4.36
O3S MES L . -12.48 -30.59 5.22
H21 MES L . -18.55 -33.03 8.03
H22 MES L . -18.86 -31.57 8.96
H31 MES L . -17.07 -30.38 7.75
H32 MES L . -16.42 -31.86 8.44
HN4 MES L . -16.81 -32.92 6.40
H51 MES L . -17.34 -32.01 4.36
H52 MES L . -17.58 -30.44 5.13
H61 MES L . -19.76 -31.50 4.94
H62 MES L . -19.16 -33.01 5.61
H71 MES L . -14.88 -31.23 7.07
H72 MES L . -14.79 -32.62 5.97
H81 MES L . -14.87 -31.30 4.07
H82 MES L . -15.92 -30.08 4.81
CL CL M . -24.41 -27.22 -4.30
CA CA N . -7.31 -15.39 7.38
C1 PEG O . -34.81 23.98 8.15
O1 PEG O . -34.10 24.18 9.39
C2 PEG O . -36.32 24.10 8.37
O2 PEG O . -37.04 23.55 7.26
C3 PEG O . -37.95 24.44 6.64
C4 PEG O . -39.20 23.69 6.19
O4 PEG O . -39.27 23.66 4.75
H11 PEG O . -34.48 24.72 7.42
H12 PEG O . -34.58 22.98 7.76
HO1 PEG O . -34.38 23.52 10.04
H21 PEG O . -36.61 23.59 9.28
H22 PEG O . -36.59 25.16 8.48
H31 PEG O . -38.24 25.22 7.36
H32 PEG O . -37.48 24.93 5.79
H41 PEG O . -39.16 22.66 6.56
H42 PEG O . -40.09 24.17 6.59
HO4 PEG O . -40.06 23.18 4.47
C1 PEG P . -24.64 31.31 10.56
O1 PEG P . -26.04 31.30 10.20
C2 PEG P . -23.77 31.69 9.36
O2 PEG P . -22.39 31.43 9.65
C3 PEG P . -21.54 31.28 8.51
C4 PEG P . -22.21 30.39 7.46
O4 PEG P . -21.28 29.99 6.43
H11 PEG P . -24.48 32.03 11.36
H12 PEG P . -24.34 30.32 10.91
HO1 PEG P . -26.56 31.05 10.98
H21 PEG P . -24.07 31.11 8.48
H22 PEG P . -23.91 32.75 9.12
H31 PEG P . -21.32 32.25 8.08
H32 PEG P . -20.59 30.83 8.82
H41 PEG P . -22.60 29.49 7.95
H42 PEG P . -23.04 30.93 7.03
HO4 PEG P . -20.55 29.50 6.82
O1 MES Q . -30.80 24.15 -13.39
C2 MES Q . -31.34 23.78 -14.65
C3 MES Q . -30.33 22.98 -15.48
N4 MES Q . -29.05 23.70 -15.58
C5 MES Q . -28.60 24.52 -14.45
C6 MES Q . -29.75 25.09 -13.60
C7 MES Q . -28.01 22.81 -16.12
C8 MES Q . -26.67 23.56 -16.30
S MES Q . -25.32 22.65 -15.90
O1S MES Q . -24.11 23.45 -16.19
O2S MES Q . -25.32 22.32 -14.46
O3S MES Q . -25.25 21.40 -16.71
H21 MES Q . -31.64 24.66 -15.20
H22 MES Q . -32.23 23.16 -14.49
H31 MES Q . -30.15 22.00 -15.02
H32 MES Q . -30.73 22.80 -16.47
HN4 MES Q . -29.21 24.37 -16.32
H51 MES Q . -27.99 25.34 -14.82
H52 MES Q . -27.95 23.91 -13.81
H61 MES Q . -29.35 25.40 -12.64
H62 MES Q . -30.15 25.98 -14.09
H71 MES Q . -27.85 21.97 -15.43
H72 MES Q . -28.32 22.40 -17.08
H81 MES Q . -26.59 23.89 -17.34
H82 MES Q . -26.70 24.46 -15.68
CL CL R . -25.62 27.92 -2.42
CA CA S . -17.37 8.44 -13.98
C1 PEG T . -43.80 4.92 -10.50
O1 PEG T . -42.64 5.36 -11.20
C2 PEG T . -44.68 4.10 -11.45
O2 PEG T . -45.58 3.25 -10.72
C3 PEG T . -45.76 2.03 -11.47
C4 PEG T . -46.37 0.91 -10.63
O4 PEG T . -45.88 -0.33 -11.16
H11 PEG T . -43.52 4.32 -9.63
H12 PEG T . -44.36 5.79 -10.15
HO1 PEG T . -42.07 5.88 -10.61
H21 PEG T . -45.26 4.77 -12.08
H22 PEG T . -44.05 3.50 -12.09
H31 PEG T . -46.41 2.23 -12.32
H32 PEG T . -44.79 1.70 -11.84
H41 PEG T . -46.08 1.01 -9.58
H42 PEG T . -47.45 0.95 -10.69
HO4 PEG T . -46.25 -1.06 -10.65
O1 MES U . -33.36 -13.24 -21.04
C2 MES U . -33.70 -12.11 -21.84
C3 MES U . -32.66 -11.78 -22.91
N4 MES U . -31.36 -12.37 -22.60
C5 MES U . -31.34 -13.81 -22.32
C6 MES U . -32.67 -14.27 -21.75
C7 MES U . -30.30 -11.97 -23.53
C8 MES U . -29.12 -11.33 -22.79
S MES U . -27.72 -12.24 -22.80
O1S MES U . -26.95 -12.01 -24.04
O2S MES U . -26.87 -11.80 -21.66
O3S MES U . -28.02 -13.69 -22.63
H21 MES U . -33.81 -11.24 -21.18
H22 MES U . -34.67 -12.27 -22.32
H31 MES U . -33.00 -12.14 -23.89
H32 MES U . -32.55 -10.69 -23.00
HN4 MES U . -31.10 -11.94 -21.71
H51 MES U . -30.54 -14.03 -21.60
H52 MES U . -31.11 -14.35 -23.24
H61 MES U . -33.30 -14.60 -22.58
H62 MES U . -32.52 -15.13 -21.09
H71 MES U . -29.95 -12.84 -24.09
H72 MES U . -30.71 -11.26 -24.26
H81 MES U . -28.91 -10.35 -23.23
H82 MES U . -29.42 -11.15 -21.75
CL CL V . -33.57 0.76 -21.44
C1 PEG W . -27.12 -17.24 27.96
O1 PEG W . -26.38 -16.72 29.08
C2 PEG W . -26.16 -18.07 27.12
O2 PEG W . -26.57 -18.19 25.76
C3 PEG W . -25.44 -18.57 24.97
C4 PEG W . -25.87 -19.12 23.62
O4 PEG W . -27.30 -19.05 23.50
H11 PEG W . -27.96 -17.84 28.31
H12 PEG W . -27.52 -16.41 27.37
HO1 PEG W . -26.97 -16.18 29.64
H21 PEG W . -25.17 -17.62 27.17
H22 PEG W . -26.08 -19.07 27.57
H31 PEG W . -24.80 -17.69 24.83
H32 PEG W . -24.86 -19.32 25.51
H41 PEG W . -25.41 -18.55 22.82
H42 PEG W . -25.54 -20.16 23.52
HO4 PEG W . -27.71 -19.57 24.21
CL CL X . -11.14 -17.35 25.42
C1 PEG Y . -29.32 13.92 29.80
O1 PEG Y . -30.16 13.04 29.04
C2 PEG Y . -27.95 13.33 30.10
O2 PEG Y . -27.95 12.45 31.22
C3 PEG Y . -26.60 12.24 31.68
C4 PEG Y . -26.18 10.76 31.63
O4 PEG Y . -24.76 10.65 31.41
H11 PEG Y . -29.20 14.85 29.25
H12 PEG Y . -29.82 14.16 30.74
HO1 PEG Y . -31.02 13.45 28.89
H21 PEG Y . -27.24 14.15 30.28
H22 PEG Y . -27.59 12.80 29.22
H31 PEG Y . -25.92 12.83 31.05
H32 PEG Y . -26.51 12.60 32.70
H41 PEG Y . -26.45 10.28 32.56
H42 PEG Y . -26.71 10.26 30.82
HO4 PEG Y . -24.52 9.72 31.38
C1 PEG Z . -3.48 16.58 9.40
O1 PEG Z . -3.45 18.00 9.58
C2 PEG Z . -4.74 16.18 8.63
O2 PEG Z . -4.52 14.97 7.88
C3 PEG Z . -5.14 15.04 6.60
C4 PEG Z . -5.45 13.65 6.06
O4 PEG Z . -6.42 13.75 5.02
H11 PEG Z . -3.47 16.09 10.38
H12 PEG Z . -2.59 16.26 8.86
HO1 PEG Z . -3.44 18.44 8.72
H21 PEG Z . -5.57 16.03 9.32
H22 PEG Z . -5.01 16.98 7.94
H31 PEG Z . -6.07 15.62 6.68
H32 PEG Z . -4.48 15.56 5.90
H41 PEG Z . -4.54 13.18 5.68
H42 PEG Z . -5.85 13.03 6.87
HO4 PEG Z . -6.06 14.30 4.29
C1 PEG AA . -16.18 27.55 20.79
O1 PEG AA . -14.78 27.43 21.09
C2 PEG AA . -16.43 28.19 19.41
O2 PEG AA . -15.38 27.89 18.49
C3 PEG AA . -14.27 28.78 18.59
C4 PEG AA . -12.96 28.06 18.24
O4 PEG AA . -12.54 28.44 16.92
H11 PEG AA . -16.64 26.57 20.82
H12 PEG AA . -16.65 28.16 21.55
HO1 PEG AA . -14.67 27.03 21.97
H21 PEG AA . -17.37 27.82 19.01
H22 PEG AA . -16.51 29.27 19.52
H31 PEG AA . -14.42 29.62 17.89
H32 PEG AA . -14.21 29.18 19.60
H41 PEG AA . -12.19 28.34 18.96
H42 PEG AA . -13.11 26.99 18.29
HO4 PEG AA . -11.71 27.99 16.71
CL CL BA . -25.09 29.77 13.80
CL CL CA . -12.10 16.48 27.00
CA CA DA . -10.63 18.33 3.28
CA CA EA . -6.32 9.37 4.70
C1 PEG FA . -9.16 16.47 -6.76
O1 PEG FA . -7.82 16.36 -7.22
C2 PEG FA . -9.41 15.42 -5.68
O2 PEG FA . -10.02 14.26 -6.25
C3 PEG FA . -9.51 13.05 -5.70
C4 PEG FA . -10.35 12.59 -4.52
O4 PEG FA . -10.17 11.17 -4.38
H11 PEG FA . -9.34 17.46 -6.35
H12 PEG FA . -9.86 16.31 -7.59
HO1 PEG FA . -7.66 17.02 -7.90
H21 PEG FA . -8.45 15.14 -5.22
H22 PEG FA . -10.06 15.83 -4.90
H31 PEG FA . -9.51 12.28 -6.46
H32 PEG FA . -8.48 13.21 -5.38
H41 PEG FA . -10.02 13.09 -3.61
H42 PEG FA . -11.40 12.83 -4.69
HO4 PEG FA . -10.69 10.86 -3.64
C1 PEG GA . -5.52 -3.33 3.26
O1 PEG GA . -4.72 -2.47 2.43
C2 PEG GA . -5.32 -3.18 4.78
O2 PEG GA . -4.24 -2.34 5.26
C3 PEG GA . -4.20 -2.28 6.70
C4 PEG GA . -3.46 -1.06 7.27
O4 PEG GA . -2.07 -1.34 7.53
H11 PEG GA . -6.56 -3.14 3.03
H12 PEG GA . -5.31 -4.36 2.99
HO1 PEG GA . -4.92 -2.65 1.50
H21 PEG GA . -6.25 -2.80 5.21
H22 PEG GA . -5.17 -4.18 5.20
H31 PEG GA . -3.73 -3.19 7.07
H32 PEG GA . -5.22 -2.27 7.08
H41 PEG GA . -3.52 -0.23 6.57
H42 PEG GA . -3.94 -0.75 8.20
HO4 PEG GA . -2.00 -2.06 8.17
C1 PEG HA . -3.94 18.84 -0.13
O1 PEG HA . -3.23 17.77 0.50
C2 PEG HA . -3.93 18.64 -1.64
O2 PEG HA . -5.22 18.19 -2.08
C3 PEG HA . -5.15 16.92 -2.72
C4 PEG HA . -6.49 16.19 -2.57
O4 PEG HA . -6.81 15.47 -3.78
H11 PEG HA . -4.97 18.86 0.24
H12 PEG HA . -3.47 19.80 0.13
HO1 PEG HA . -3.23 17.90 1.46
H21 PEG HA . -3.68 19.59 -2.14
H22 PEG HA . -3.17 17.91 -1.91
H31 PEG HA . -4.93 17.05 -3.79
H32 PEG HA . -4.36 16.32 -2.28
H41 PEG HA . -6.44 15.50 -1.74
H42 PEG HA . -7.27 16.93 -2.36
HO4 PEG HA . -6.12 14.83 -3.96
C1 PEG IA . -1.57 3.74 -20.44
O1 PEG IA . -1.25 2.80 -19.40
C2 PEG IA . -1.83 5.14 -19.86
O2 PEG IA . -1.46 6.17 -20.78
C3 PEG IA . -0.11 6.58 -20.56
C4 PEG IA . 0.45 7.34 -21.76
O4 PEG IA . 1.85 7.08 -21.91
H11 PEG IA . -0.73 3.79 -21.15
H12 PEG IA . -2.44 3.40 -20.99
HO1 PEG IA . -2.00 2.74 -18.78
H21 PEG IA . -2.88 5.23 -19.62
H22 PEG IA . -1.26 5.26 -18.94
H31 PEG IA . -0.07 7.22 -19.68
H32 PEG IA . 0.50 5.71 -20.36
H41 PEG IA . -0.08 7.03 -22.67
H42 PEG IA . 0.29 8.41 -21.62
HO4 PEG IA . 2.20 7.57 -22.66
C1 PEG JA . 20.30 4.39 -10.51
O1 PEG JA . 19.50 3.51 -9.70
C2 PEG JA . 21.62 3.72 -10.91
O2 PEG JA . 22.22 2.98 -9.84
C3 PEG JA . 23.26 2.13 -10.33
C4 PEG JA . 23.70 1.12 -9.28
O4 PEG JA . 24.00 -0.14 -9.93
H11 PEG JA . 19.74 4.65 -11.41
H12 PEG JA . 20.50 5.31 -9.97
HO1 PEG JA . 18.68 3.95 -9.47
H21 PEG JA . 21.45 3.06 -11.76
H22 PEG JA . 22.32 4.50 -11.23
H31 PEG JA . 22.90 1.61 -11.22
H32 PEG JA . 24.12 2.74 -10.63
H41 PEG JA . 24.59 1.48 -8.76
H42 PEG JA . 22.90 0.97 -8.55
HO4 PEG JA . 23.20 -0.45 -10.38
CL CL KA . -6.10 3.80 -4.87
CA CA LA . 10.99 12.18 9.42
C1 PEG MA . 43.62 -12.04 -17.14
O1 PEG MA . 43.80 -10.61 -17.05
C2 PEG MA . 43.41 -12.42 -18.61
O2 PEG MA . 43.03 -13.80 -18.78
C3 PEG MA . 42.51 -14.02 -20.09
C4 PEG MA . 41.68 -15.30 -20.20
O4 PEG MA . 40.34 -14.97 -20.60
H11 PEG MA . 44.51 -12.55 -16.76
H12 PEG MA . 42.77 -12.35 -16.55
HO1 PEG MA . 43.95 -10.36 -16.13
H21 PEG MA . 42.63 -11.80 -19.04
H22 PEG MA . 44.33 -12.25 -19.17
H31 PEG MA . 41.88 -13.16 -20.37
H32 PEG MA . 43.33 -14.06 -20.79
H41 PEG MA . 42.13 -15.96 -20.93
H42 PEG MA . 41.66 -15.82 -19.24
HO4 PEG MA . 40.36 -14.52 -21.46
C1 PEG NA . 22.31 -29.09 -13.82
O1 PEG NA . 23.68 -29.32 -13.47
C2 PEG NA . 21.40 -30.23 -13.37
O2 PEG NA . 21.79 -30.72 -12.08
C3 PEG NA . 20.67 -30.80 -11.20
C4 PEG NA . 21.08 -31.24 -9.79
O4 PEG NA . 20.20 -30.61 -8.84
H11 PEG NA . 21.96 -28.15 -13.36
H12 PEG NA . 22.22 -28.97 -14.91
HO1 PEG NA . 24.23 -28.57 -13.77
H21 PEG NA . 20.36 -29.90 -13.33
H22 PEG NA . 21.46 -31.06 -14.10
H31 PEG NA . 20.19 -29.83 -11.14
H32 PEG NA . 19.94 -31.51 -11.61
H41 PEG NA . 21.02 -32.32 -9.71
H42 PEG NA . 22.12 -30.94 -9.60
HO4 PEG NA . 20.46 -30.89 -7.95
O1 MES OA . 33.72 -30.06 -7.66
C2 MES OA . 34.49 -29.60 -6.57
C3 MES OA . 34.11 -30.35 -5.30
N4 MES OA . 32.68 -30.18 -5.12
C5 MES OA . 31.86 -30.63 -6.23
C6 MES OA . 32.33 -29.88 -7.46
C7 MES OA . 32.16 -30.59 -3.81
C8 MES OA . 32.59 -29.51 -2.81
S MES OA . 31.62 -29.51 -1.45
O1S MES OA . 31.82 -28.23 -0.71
O2S MES OA . 30.19 -29.64 -1.83
O3S MES OA . 32.00 -30.64 -0.58
H21 MES OA . 34.32 -28.53 -6.43
H22 MES OA . 35.55 -29.75 -6.78
H31 MES OA . 34.35 -31.42 -5.39
H32 MES OA . 34.66 -29.96 -4.44
HN4 MES OA . 32.55 -29.17 -5.12
H51 MES OA . 30.80 -30.42 -6.03
H52 MES OA . 31.98 -31.72 -6.36
H61 MES OA . 31.79 -30.24 -8.35
H62 MES OA . 32.11 -28.82 -7.35
H71 MES OA . 31.08 -30.67 -3.84
H72 MES OA . 32.59 -31.56 -3.53
H81 MES OA . 33.62 -29.68 -2.51
H82 MES OA . 32.55 -28.53 -3.29
CL CL PA . 42.85 -20.26 -4.89
CA CA QA . 20.92 -19.18 4.63
C1 PEG RA . 17.07 -21.43 -19.73
O1 PEG RA . 18.27 -20.79 -20.19
C2 PEG RA . 15.92 -21.43 -20.75
O2 PEG RA . 16.31 -21.39 -22.12
C3 PEG RA . 15.40 -20.67 -22.98
C4 PEG RA . 13.96 -21.08 -22.70
O4 PEG RA . 13.08 -20.60 -23.73
H11 PEG RA . 17.31 -22.46 -19.47
H12 PEG RA . 16.74 -20.93 -18.82
HO1 PEG RA . 18.59 -21.25 -20.98
H21 PEG RA . 15.30 -22.32 -20.58
H22 PEG RA . 15.27 -20.56 -20.55
H31 PEG RA . 15.51 -19.60 -22.81
H32 PEG RA . 15.64 -20.88 -24.02
H41 PEG RA . 13.89 -22.18 -22.65
H42 PEG RA . 13.65 -20.68 -21.73
HO4 PEG RA . 13.13 -19.64 -23.76
C1 PEG SA . 9.59 -25.48 -8.48
O1 PEG SA . 10.54 -26.32 -7.81
C2 PEG SA . 8.69 -26.38 -9.33
O2 PEG SA . 8.09 -25.64 -10.38
C3 PEG SA . 7.85 -26.43 -11.56
C4 PEG SA . 9.16 -26.73 -12.33
O4 PEG SA . 9.10 -26.28 -13.70
H11 PEG SA . 9.00 -24.93 -7.77
H12 PEG SA . 10.11 -24.77 -9.12
HO1 PEG SA . 10.08 -26.94 -7.25
H21 PEG SA . 9.28 -27.20 -9.75
H22 PEG SA . 7.92 -26.82 -8.70
H31 PEG SA . 7.38 -27.37 -11.28
H32 PEG SA . 7.17 -25.90 -12.23
H41 PEG SA . 10.00 -26.26 -11.82
H42 PEG SA . 9.33 -27.82 -12.32
HO4 PEG SA . 8.37 -26.72 -14.15
C1 PEG TA . 17.34 -23.67 -24.79
O1 PEG TA . 16.51 -24.43 -25.70
C2 PEG TA . 18.35 -22.78 -25.51
O2 PEG TA . 17.76 -21.91 -26.49
C3 PEG TA . 18.78 -21.10 -27.09
C4 PEG TA . 18.21 -20.08 -28.08
O4 PEG TA . 19.25 -19.16 -28.45
H11 PEG TA . 16.70 -23.04 -24.17
H12 PEG TA . 17.87 -24.36 -24.14
HO1 PEG TA . 15.90 -24.97 -25.20
H21 PEG TA . 18.88 -22.17 -24.78
H22 PEG TA . 19.10 -23.42 -26.01
H31 PEG TA . 19.32 -20.57 -26.31
H32 PEG TA . 19.48 -21.75 -27.62
H41 PEG TA . 17.83 -20.59 -28.97
H42 PEG TA . 17.38 -19.54 -27.61
HO4 PEG TA . 18.89 -18.51 -29.06
O1 MES UA . -2.34 -19.57 -9.45
C2 MES UA . -3.43 -18.88 -8.84
C3 MES UA . -3.29 -18.81 -7.31
N4 MES UA . -3.06 -20.15 -6.81
C5 MES UA . -1.86 -20.77 -7.36
C6 MES UA . -2.09 -20.85 -8.88
C7 MES UA . -3.21 -20.22 -5.35
C8 MES UA . -1.84 -20.11 -4.69
S MES UA . -2.02 -19.51 -3.14
O1S MES UA . -3.37 -18.93 -2.95
O2S MES UA . -1.01 -18.44 -2.91
O3S MES UA . -1.77 -20.61 -2.18
H21 MES UA . -4.37 -19.39 -9.09
H22 MES UA . -3.50 -17.86 -9.23
H31 MES UA . -2.46 -18.17 -7.04
H32 MES UA . -4.20 -18.40 -6.86
HN4 MES UA . -3.83 -20.71 -7.17
H51 MES UA . -1.71 -21.77 -6.94
H52 MES UA . -0.98 -20.18 -7.13
H61 MES UA . -1.21 -21.29 -9.35
H62 MES UA . -2.92 -21.52 -9.09
H71 MES UA . -3.86 -19.40 -5.01
H72 MES UA . -3.68 -21.17 -5.08
H81 MES UA . -1.37 -21.09 -4.64
H82 MES UA . -1.20 -19.45 -5.27
CA CA VA . 4.07 -7.09 5.01
C1 PEG WA . 16.83 27.21 -14.30
O1 PEG WA . 17.98 26.63 -14.91
C2 PEG WA . 15.59 26.34 -14.46
O2 PEG WA . 15.54 25.31 -13.46
C3 PEG WA . 14.40 25.36 -12.61
C4 PEG WA . 13.73 23.97 -12.50
O4 PEG WA . 12.80 23.81 -13.57
H11 PEG WA . 17.03 27.38 -13.24
H12 PEG WA . 16.64 28.18 -14.75
HO1 PEG WA . 18.74 27.21 -14.79
H21 PEG WA . 14.69 26.96 -14.37
H22 PEG WA . 15.59 25.88 -15.45
H31 PEG WA . 14.70 25.69 -11.61
H32 PEG WA . 13.68 26.08 -12.99
H41 PEG WA . 14.49 23.19 -12.54
H42 PEG WA . 13.21 23.89 -11.54
HO4 PEG WA . 12.12 24.48 -13.53
C1 PEG XA . 11.42 39.85 -15.61
O1 PEG XA . 12.20 40.47 -16.65
C2 PEG XA . 11.41 38.35 -15.87
O2 PEG XA . 10.44 37.69 -15.07
C3 PEG XA . 10.39 36.33 -15.49
C4 PEG XA . 9.40 35.51 -14.66
O4 PEG XA . 9.73 34.12 -14.75
H11 PEG XA . 11.86 40.07 -14.64
H12 PEG XA . 10.40 40.25 -15.62
HO1 PEG XA . 12.23 41.42 -16.51
H21 PEG XA . 11.20 38.17 -16.92
H22 PEG XA . 12.40 37.95 -15.66
H31 PEG XA . 10.11 36.28 -16.54
H32 PEG XA . 11.39 35.88 -15.40
H41 PEG XA . 9.44 35.83 -13.62
H42 PEG XA . 8.39 35.68 -15.02
HO4 PEG XA . 10.62 33.98 -14.41
O1 MES YA . 30.80 30.52 1.86
C2 MES YA . 29.43 30.45 2.23
C3 MES YA . 29.17 30.57 3.73
N4 MES YA . 30.11 29.71 4.45
C5 MES YA . 31.52 29.92 4.12
C6 MES YA . 31.65 29.66 2.62
C7 MES YA . 29.83 29.62 5.88
C8 MES YA . 30.80 28.57 6.45
S MES YA . 30.19 27.83 7.82
O1S MES YA . 28.86 28.41 8.17
O2S MES YA . 31.13 28.02 8.94
O3S MES YA . 30.03 26.38 7.57
H21 MES YA . 29.01 29.50 1.87
H22 MES YA . 28.88 31.25 1.71
H31 MES YA . 29.31 31.61 4.05
H32 MES YA . 28.15 30.29 3.96
HN4 MES YA . 29.91 28.78 4.10
H51 MES YA . 32.14 29.23 4.69
H52 MES YA . 31.82 30.94 4.37
H61 MES YA . 32.69 29.82 2.32
H62 MES YA . 31.41 28.62 2.41
H71 MES YA . 30.00 30.59 6.37
H72 MES YA . 28.80 29.33 6.06
H81 MES YA . 30.99 27.81 5.69
H82 MES YA . 31.75 29.04 6.70
CL CL ZA . 14.84 20.75 6.30
CL CL AB . 17.55 28.03 1.31
CA CA BB . 32.06 11.76 10.55
C1 PEG CB . 44.10 15.02 -15.07
O1 PEG CB . 44.96 15.01 -16.21
C2 PEG CB . 43.52 16.41 -14.91
O2 PEG CB . 43.24 16.71 -13.53
C3 PEG CB . 41.88 16.47 -13.28
C4 PEG CB . 41.51 16.91 -11.88
O4 PEG CB . 40.11 17.23 -11.85
H11 PEG CB . 43.29 14.30 -15.21
H12 PEG CB . 44.66 14.74 -14.18
HO1 PEG CB . 45.34 14.12 -16.32
H21 PEG CB . 44.22 17.15 -15.30
H22 PEG CB . 42.59 16.50 -15.49
H31 PEG CB . 41.27 17.01 -14.01
H32 PEG CB . 41.67 15.40 -13.39
H41 PEG CB . 41.72 16.11 -11.16
H42 PEG CB . 42.10 17.79 -11.60
HO4 PEG CB . 39.93 17.93 -12.48
O1 MES DB . 54.48 1.61 -1.76
C2 MES DB . 54.20 2.57 -0.75
C3 MES DB . 54.58 2.04 0.65
N4 MES DB . 53.92 0.76 0.85
C5 MES DB . 54.24 -0.25 -0.16
C6 MES DB . 53.91 0.32 -1.54
C7 MES DB . 54.01 0.23 2.20
C8 MES DB . 53.01 1.00 3.09
S MES DB . 52.11 -0.07 4.02
O1S MES DB . 50.81 0.56 4.37
O2S MES DB . 51.86 -1.33 3.28
O3S MES DB . 52.85 -0.37 5.26
H21 MES DB . 53.14 2.80 -0.76
H22 MES DB . 54.75 3.49 -0.96
H31 MES DB . 55.66 1.93 0.72
H32 MES DB . 54.26 2.75 1.41
HN4 MES DB . 52.94 0.96 0.69
H51 MES DB . 53.66 -1.16 0.02
H52 MES DB . 55.30 -0.50 -0.11
H61 MES DB . 54.27 -0.37 -2.31
H62 MES DB . 52.83 0.38 -1.65
H71 MES DB . 53.75 -0.84 2.19
H72 MES DB . 55.02 0.35 2.59
H81 MES DB . 53.55 1.68 3.73
H82 MES DB . 52.34 1.58 2.46
CL CL EB . 47.82 12.86 0.16
CA CA FB . 38.70 -7.85 7.69
#